data_8OFV
#
_entry.id   8OFV
#
_cell.length_a   93.555
_cell.length_b   60.406
_cell.length_c   243.686
_cell.angle_alpha   90.00
_cell.angle_beta   99.88
_cell.angle_gamma   90.00
#
_symmetry.space_group_name_H-M   'P 1 2 1'
#
loop_
_entity.id
_entity.type
_entity.pdbx_description
1 polymer 'Fiber protein'
2 non-polymer DI(HYDROXYETHYL)ETHER
3 non-polymer 1,2-ETHANEDIOL
4 non-polymer 1-ETHOXY-2-(2-ETHOXYETHOXY)ETHANE
5 non-polymer 'N-acetyl-beta-neuraminic acid'
6 non-polymer 'N-acetyl-alpha-neuraminic acid'
7 water water
#
_entity_poly.entity_id   1
_entity_poly.type   'polypeptide(L)'
_entity_poly.pdbx_seq_one_letter_code
;NKNNDKLTLWTTPDTSPNCRIDQDKDSKLTLVLTKCGSQILANVSLIVVAGRYKIINNNTNPALKGFTIKLLFDKNGVLM
ESSNLGKSYWNFRNQNSIMSTAYEKAIGFMPNLVAYPKPTTGSKKYARDIVYGNIYLGGKPHQPVTIKTTFNQETGCEYS
ITFDFSWAKTYVNVEFETTSFTFSYIAQE
;
_entity_poly.pdbx_strand_id   A,B,C,D,E,F,G,H,I,J,K,L
#
# COMPACT_ATOMS: atom_id res chain seq x y z
N ASP A 5 -51.53 -24.50 -12.56
CA ASP A 5 -50.46 -23.47 -12.49
C ASP A 5 -49.65 -23.57 -13.78
N LYS A 6 -50.06 -22.83 -14.84
CA LYS A 6 -49.43 -22.88 -16.17
C LYS A 6 -48.21 -21.96 -16.21
N LEU A 7 -47.79 -21.44 -15.06
CA LEU A 7 -46.49 -20.72 -14.95
C LEU A 7 -45.41 -21.66 -14.38
N THR A 8 -45.76 -22.90 -14.01
CA THR A 8 -44.78 -23.92 -13.58
C THR A 8 -44.95 -25.18 -14.41
N LEU A 9 -43.87 -25.57 -15.06
CA LEU A 9 -43.70 -26.87 -15.73
C LEU A 9 -42.73 -27.69 -14.89
N TRP A 10 -43.15 -28.84 -14.40
CA TRP A 10 -42.34 -29.58 -13.42
C TRP A 10 -42.57 -31.09 -13.48
N THR A 11 -41.70 -31.78 -12.77
CA THR A 11 -41.85 -33.15 -12.27
C THR A 11 -42.37 -32.88 -10.89
N THR A 12 -43.50 -33.39 -10.50
CA THR A 12 -43.98 -33.36 -9.10
C THR A 12 -42.75 -33.64 -8.20
N PRO A 13 -42.70 -33.04 -7.00
CA PRO A 13 -41.53 -33.10 -6.15
C PRO A 13 -41.39 -34.36 -5.26
N ASP A 14 -42.15 -35.40 -5.53
CA ASP A 14 -42.07 -36.70 -4.79
C ASP A 14 -40.78 -37.41 -5.21
N THR A 15 -40.57 -38.64 -4.70
CA THR A 15 -39.33 -39.41 -4.92
C THR A 15 -39.55 -40.55 -5.93
N SER A 16 -40.74 -40.64 -6.52
N SER A 16 -40.74 -40.64 -6.52
CA SER A 16 -41.11 -41.71 -7.49
CA SER A 16 -41.11 -41.71 -7.48
C SER A 16 -40.24 -41.56 -8.74
C SER A 16 -40.24 -41.56 -8.74
N PRO A 17 -39.54 -42.62 -9.17
CA PRO A 17 -38.65 -42.53 -10.32
C PRO A 17 -39.41 -42.09 -11.58
N ASN A 18 -38.80 -41.25 -12.38
CA ASN A 18 -39.43 -40.66 -13.59
C ASN A 18 -38.44 -40.64 -14.77
N CYS A 19 -37.26 -41.23 -14.61
CA CYS A 19 -36.12 -40.95 -15.48
C CYS A 19 -35.30 -42.24 -15.70
N ARG A 20 -34.77 -42.38 -16.91
CA ARG A 20 -33.88 -43.49 -17.32
C ARG A 20 -32.51 -42.87 -17.61
N ILE A 21 -31.52 -43.14 -16.79
CA ILE A 21 -30.10 -42.81 -17.11
C ILE A 21 -29.49 -44.02 -17.81
N ASP A 22 -29.55 -45.16 -17.16
CA ASP A 22 -28.95 -46.44 -17.61
C ASP A 22 -30.08 -47.44 -17.91
N GLN A 23 -31.09 -47.53 -17.06
CA GLN A 23 -32.24 -48.45 -17.23
C GLN A 23 -33.54 -47.74 -16.83
N ASP A 24 -34.66 -48.31 -17.23
CA ASP A 24 -36.01 -47.75 -17.02
C ASP A 24 -36.15 -47.37 -15.54
N LYS A 25 -36.63 -46.17 -15.25
CA LYS A 25 -37.04 -45.77 -13.90
C LYS A 25 -35.88 -45.98 -12.91
N ASP A 26 -34.67 -45.61 -13.27
CA ASP A 26 -33.53 -45.76 -12.32
C ASP A 26 -33.33 -44.48 -11.53
N SER A 27 -34.08 -43.42 -11.83
CA SER A 27 -33.80 -42.11 -11.18
C SER A 27 -35.04 -41.22 -11.09
N LYS A 28 -35.00 -40.32 -10.13
CA LYS A 28 -35.95 -39.20 -10.00
C LYS A 28 -35.19 -37.91 -10.29
N LEU A 29 -35.45 -37.33 -11.46
CA LEU A 29 -35.05 -35.95 -11.77
C LEU A 29 -36.15 -35.05 -11.23
N THR A 30 -35.85 -34.22 -10.23
CA THR A 30 -36.78 -33.17 -9.80
C THR A 30 -36.39 -31.90 -10.55
N LEU A 31 -37.24 -31.50 -11.51
CA LEU A 31 -36.96 -30.29 -12.31
C LEU A 31 -38.21 -29.43 -12.28
N VAL A 32 -38.01 -28.21 -11.82
CA VAL A 32 -39.08 -27.19 -11.73
C VAL A 32 -38.66 -26.01 -12.59
N LEU A 33 -39.49 -25.69 -13.57
CA LEU A 33 -39.31 -24.54 -14.49
C LEU A 33 -40.43 -23.58 -14.20
N THR A 34 -40.11 -22.41 -13.71
CA THR A 34 -41.07 -21.36 -13.42
C THR A 34 -40.87 -20.21 -14.41
N LYS A 35 -41.91 -19.83 -15.11
CA LYS A 35 -41.85 -18.76 -16.14
C LYS A 35 -42.00 -17.42 -15.43
N CYS A 36 -40.91 -16.65 -15.35
CA CYS A 36 -40.93 -15.22 -14.97
C CYS A 36 -40.73 -14.38 -16.24
N GLY A 37 -41.77 -14.28 -17.05
CA GLY A 37 -41.74 -13.65 -18.37
C GLY A 37 -40.65 -14.21 -19.25
N SER A 38 -39.69 -13.39 -19.63
CA SER A 38 -38.64 -13.68 -20.62
C SER A 38 -37.61 -14.67 -20.07
N GLN A 39 -37.65 -14.95 -18.76
CA GLN A 39 -36.68 -15.87 -18.13
C GLN A 39 -37.41 -17.04 -17.48
N ILE A 40 -36.84 -18.22 -17.60
CA ILE A 40 -37.27 -19.44 -16.90
C ILE A 40 -36.35 -19.60 -15.69
N LEU A 41 -36.91 -19.58 -14.49
CA LEU A 41 -36.20 -19.92 -13.25
C LEU A 41 -36.27 -21.44 -13.08
N ALA A 42 -35.14 -22.10 -13.04
CA ALA A 42 -35.02 -23.57 -13.03
C ALA A 42 -34.41 -24.03 -11.72
N ASN A 43 -34.97 -25.07 -11.17
CA ASN A 43 -34.47 -25.72 -9.95
C ASN A 43 -34.35 -27.21 -10.26
N VAL A 44 -33.20 -27.80 -10.01
CA VAL A 44 -32.95 -29.20 -10.38
C VAL A 44 -32.20 -29.94 -9.26
N SER A 45 -32.55 -31.21 -9.10
CA SER A 45 -31.82 -32.18 -8.25
C SER A 45 -32.03 -33.56 -8.86
N LEU A 46 -31.25 -34.53 -8.41
CA LEU A 46 -31.30 -35.88 -8.95
C LEU A 46 -31.14 -36.88 -7.80
N ILE A 47 -32.00 -37.89 -7.79
CA ILE A 47 -31.90 -39.10 -6.95
C ILE A 47 -31.79 -40.28 -7.90
N VAL A 48 -30.71 -41.03 -7.85
CA VAL A 48 -30.62 -42.32 -8.59
C VAL A 48 -31.05 -43.42 -7.64
N VAL A 49 -32.09 -44.15 -7.97
CA VAL A 49 -32.75 -45.12 -7.06
C VAL A 49 -32.35 -46.57 -7.41
N ALA A 50 -31.78 -46.81 -8.58
CA ALA A 50 -31.45 -48.16 -9.07
C ALA A 50 -30.40 -48.10 -10.17
N GLY A 51 -29.91 -49.27 -10.57
CA GLY A 51 -28.99 -49.44 -11.71
C GLY A 51 -27.59 -49.00 -11.42
N ARG A 52 -26.79 -48.78 -12.45
CA ARG A 52 -25.32 -48.69 -12.32
C ARG A 52 -24.93 -47.38 -11.64
N TYR A 53 -25.77 -46.34 -11.66
CA TYR A 53 -25.37 -45.02 -11.12
C TYR A 53 -25.89 -44.82 -9.69
N LYS A 54 -26.58 -45.79 -9.12
CA LYS A 54 -27.19 -45.63 -7.77
C LYS A 54 -26.08 -45.44 -6.73
N ILE A 55 -25.08 -46.33 -6.76
CA ILE A 55 -23.93 -46.31 -5.83
C ILE A 55 -22.66 -46.20 -6.65
N ILE A 56 -21.95 -45.10 -6.55
CA ILE A 56 -20.69 -44.88 -7.29
C ILE A 56 -19.58 -45.59 -6.51
N ASN A 57 -18.83 -46.45 -7.17
CA ASN A 57 -17.59 -46.99 -6.58
C ASN A 57 -16.49 -46.90 -7.61
N ASN A 58 -15.64 -45.88 -7.49
CA ASN A 58 -14.55 -45.57 -8.44
C ASN A 58 -13.31 -46.43 -8.13
N ASN A 59 -13.36 -47.25 -7.09
CA ASN A 59 -12.37 -48.35 -6.90
C ASN A 59 -12.68 -49.48 -7.87
N THR A 60 -13.92 -49.92 -7.91
CA THR A 60 -14.43 -51.01 -8.78
C THR A 60 -14.48 -50.48 -10.24
N ASN A 61 -14.94 -49.25 -10.42
CA ASN A 61 -15.25 -48.64 -11.74
C ASN A 61 -14.52 -47.31 -11.85
N PRO A 62 -13.18 -47.30 -12.01
CA PRO A 62 -12.42 -46.06 -11.97
C PRO A 62 -12.76 -45.08 -13.11
N ALA A 63 -13.39 -45.54 -14.19
CA ALA A 63 -13.71 -44.70 -15.38
C ALA A 63 -15.14 -44.16 -15.28
N LEU A 64 -15.89 -44.50 -14.23
CA LEU A 64 -17.30 -44.06 -14.06
C LEU A 64 -17.29 -42.63 -13.47
N LYS A 65 -17.35 -41.61 -14.33
CA LYS A 65 -17.08 -40.20 -13.89
C LYS A 65 -18.17 -39.24 -14.38
N GLY A 66 -19.26 -39.74 -14.95
CA GLY A 66 -20.34 -38.88 -15.37
C GLY A 66 -21.40 -39.59 -16.17
N PHE A 67 -22.48 -38.88 -16.45
CA PHE A 67 -23.60 -39.37 -17.27
C PHE A 67 -24.42 -38.16 -17.66
N THR A 68 -25.39 -38.38 -18.55
CA THR A 68 -26.19 -37.31 -19.15
C THR A 68 -27.67 -37.62 -19.00
N ILE A 69 -28.45 -36.57 -18.75
CA ILE A 69 -29.93 -36.64 -18.81
C ILE A 69 -30.35 -35.56 -19.81
N LYS A 70 -31.10 -35.96 -20.83
CA LYS A 70 -31.50 -35.09 -21.95
C LYS A 70 -33.01 -34.93 -21.90
N LEU A 71 -33.46 -33.68 -22.03
CA LEU A 71 -34.86 -33.33 -22.30
C LEU A 71 -34.89 -32.79 -23.71
N LEU A 72 -35.53 -33.52 -24.64
CA LEU A 72 -35.68 -33.12 -26.02
C LEU A 72 -37.13 -32.68 -26.22
N PHE A 73 -37.34 -31.57 -26.92
CA PHE A 73 -38.67 -30.96 -27.12
C PHE A 73 -38.91 -30.72 -28.59
N ASP A 74 -40.16 -30.95 -29.02
CA ASP A 74 -40.60 -30.68 -30.39
C ASP A 74 -40.96 -29.20 -30.51
N LYS A 75 -41.47 -28.80 -31.68
CA LYS A 75 -41.69 -27.37 -32.01
C LYS A 75 -42.76 -26.76 -31.08
N ASN A 76 -43.54 -27.59 -30.37
CA ASN A 76 -44.62 -27.10 -29.47
C ASN A 76 -44.13 -27.10 -28.01
N GLY A 77 -42.87 -27.49 -27.78
CA GLY A 77 -42.30 -27.59 -26.44
C GLY A 77 -42.76 -28.84 -25.74
N VAL A 78 -43.26 -29.82 -26.50
CA VAL A 78 -43.71 -31.11 -25.94
C VAL A 78 -42.49 -32.02 -25.83
N LEU A 79 -42.34 -32.67 -24.67
CA LEU A 79 -41.22 -33.58 -24.38
C LEU A 79 -41.31 -34.79 -25.32
N MET A 80 -40.22 -35.09 -25.99
CA MET A 80 -40.12 -36.24 -26.94
C MET A 80 -39.75 -37.51 -26.16
N GLU A 81 -40.26 -38.64 -26.60
CA GLU A 81 -40.10 -39.97 -25.94
C GLU A 81 -38.62 -40.36 -25.88
N SER A 82 -37.75 -39.82 -26.74
CA SER A 82 -36.29 -40.11 -26.76
C SER A 82 -35.57 -39.46 -25.56
N SER A 83 -36.26 -38.58 -24.81
CA SER A 83 -35.71 -37.93 -23.60
C SER A 83 -35.46 -39.00 -22.53
N ASN A 84 -34.53 -38.72 -21.62
CA ASN A 84 -34.28 -39.57 -20.46
C ASN A 84 -35.47 -39.45 -19.51
N LEU A 85 -36.05 -38.26 -19.40
CA LEU A 85 -37.21 -38.01 -18.51
C LEU A 85 -38.47 -38.57 -19.18
N GLY A 86 -39.29 -39.31 -18.44
CA GLY A 86 -40.56 -39.87 -18.94
C GLY A 86 -41.60 -38.76 -19.18
N LYS A 87 -42.41 -38.87 -20.24
CA LYS A 87 -43.37 -37.82 -20.67
C LYS A 87 -44.55 -37.74 -19.70
N SER A 88 -44.99 -38.88 -19.20
CA SER A 88 -46.14 -39.00 -18.28
C SER A 88 -45.88 -38.24 -16.95
N TYR A 89 -44.67 -37.87 -16.58
CA TYR A 89 -44.30 -37.20 -15.32
C TYR A 89 -44.04 -35.69 -15.48
N TRP A 90 -44.15 -35.20 -16.69
CA TRP A 90 -43.69 -33.86 -17.03
C TRP A 90 -44.86 -33.01 -17.47
N ASN A 91 -45.30 -32.08 -16.65
CA ASN A 91 -46.56 -31.34 -16.96
C ASN A 91 -46.63 -30.07 -16.14
N PHE A 92 -47.56 -29.20 -16.46
CA PHE A 92 -47.89 -28.01 -15.65
C PHE A 92 -48.29 -28.50 -14.26
N ARG A 93 -47.94 -27.69 -13.26
CA ARG A 93 -48.26 -27.96 -11.84
C ARG A 93 -49.76 -27.90 -11.59
N ASN A 94 -50.23 -28.85 -10.81
CA ASN A 94 -51.52 -28.75 -10.10
C ASN A 94 -51.29 -29.18 -8.64
N GLN A 95 -51.28 -28.20 -7.73
CA GLN A 95 -51.03 -28.40 -6.27
C GLN A 95 -49.67 -29.04 -6.11
N ASN A 96 -49.55 -30.22 -5.49
CA ASN A 96 -48.26 -30.95 -5.36
C ASN A 96 -48.13 -32.02 -6.45
N SER A 97 -49.00 -31.99 -7.43
CA SER A 97 -49.00 -32.96 -8.55
C SER A 97 -48.89 -32.21 -9.88
N ILE A 98 -49.37 -32.84 -10.92
CA ILE A 98 -49.35 -32.28 -12.31
C ILE A 98 -50.77 -32.25 -12.80
N MET A 99 -51.02 -31.42 -13.81
N MET A 99 -51.02 -31.43 -13.81
CA MET A 99 -52.30 -31.42 -14.55
CA MET A 99 -52.30 -31.43 -14.56
C MET A 99 -52.59 -32.86 -14.99
C MET A 99 -52.58 -32.87 -14.99
N SER A 100 -53.86 -33.24 -14.94
CA SER A 100 -54.34 -34.62 -15.18
C SER A 100 -54.23 -34.92 -16.69
N THR A 101 -54.04 -33.91 -17.54
CA THR A 101 -54.06 -34.01 -19.02
C THR A 101 -52.76 -33.48 -19.61
N ALA A 102 -52.33 -34.07 -20.71
CA ALA A 102 -51.08 -33.74 -21.43
C ALA A 102 -51.16 -32.29 -21.89
N TYR A 103 -50.10 -31.51 -21.67
CA TYR A 103 -50.06 -30.16 -22.27
C TYR A 103 -49.90 -30.27 -23.81
N GLU A 104 -50.39 -29.30 -24.55
CA GLU A 104 -50.25 -29.22 -26.03
C GLU A 104 -49.11 -28.25 -26.43
N LYS A 105 -48.87 -27.23 -25.60
CA LYS A 105 -47.96 -26.11 -25.90
C LYS A 105 -47.23 -25.67 -24.64
N ALA A 106 -45.93 -25.48 -24.74
CA ALA A 106 -45.09 -24.90 -23.67
C ALA A 106 -43.90 -24.17 -24.30
N ILE A 107 -44.15 -23.46 -25.40
N ILE A 107 -44.15 -23.46 -25.40
CA ILE A 107 -43.05 -22.76 -26.13
CA ILE A 107 -43.06 -22.76 -26.14
C ILE A 107 -42.48 -21.66 -25.22
C ILE A 107 -42.48 -21.65 -25.23
N GLY A 108 -43.31 -21.10 -24.33
CA GLY A 108 -42.88 -20.10 -23.35
C GLY A 108 -41.85 -20.61 -22.37
N PHE A 109 -41.63 -21.93 -22.31
CA PHE A 109 -40.68 -22.57 -21.36
C PHE A 109 -39.42 -23.03 -22.11
N MET A 110 -39.41 -22.91 -23.44
CA MET A 110 -38.32 -23.45 -24.25
C MET A 110 -37.15 -22.49 -24.24
N PRO A 111 -35.91 -22.97 -24.26
CA PRO A 111 -34.75 -22.11 -24.33
C PRO A 111 -34.73 -21.37 -25.66
N ASN A 112 -34.50 -20.07 -25.59
CA ASN A 112 -34.54 -19.15 -26.72
C ASN A 112 -33.53 -19.59 -27.78
N LEU A 113 -33.95 -19.73 -29.03
CA LEU A 113 -33.09 -20.27 -30.13
C LEU A 113 -32.09 -19.20 -30.61
N VAL A 114 -32.38 -17.91 -30.46
CA VAL A 114 -31.38 -16.88 -30.83
C VAL A 114 -30.31 -16.80 -29.73
N ALA A 115 -30.70 -16.88 -28.46
CA ALA A 115 -29.74 -16.92 -27.34
C ALA A 115 -28.90 -18.20 -27.47
N TYR A 116 -29.56 -19.31 -27.77
CA TYR A 116 -28.99 -20.67 -27.71
C TYR A 116 -29.30 -21.41 -29.01
N PRO A 117 -28.57 -21.13 -30.09
CA PRO A 117 -28.85 -21.76 -31.39
C PRO A 117 -28.57 -23.27 -31.41
N LYS A 118 -29.31 -23.99 -32.26
CA LYS A 118 -29.06 -25.41 -32.59
C LYS A 118 -27.66 -25.54 -33.19
N PRO A 119 -27.02 -26.73 -33.07
CA PRO A 119 -25.70 -26.95 -33.64
C PRO A 119 -25.76 -26.78 -35.17
N THR A 120 -24.85 -26.00 -35.74
CA THR A 120 -24.86 -25.71 -37.20
C THR A 120 -23.43 -25.75 -37.72
N THR A 121 -23.23 -26.44 -38.85
CA THR A 121 -21.97 -26.38 -39.63
C THR A 121 -21.73 -24.91 -40.02
N GLY A 122 -20.47 -24.47 -39.94
CA GLY A 122 -20.02 -23.19 -40.51
C GLY A 122 -20.18 -21.99 -39.59
N SER A 123 -20.94 -22.11 -38.49
CA SER A 123 -21.40 -20.97 -37.65
C SER A 123 -20.82 -21.10 -36.24
N LYS A 124 -20.51 -19.96 -35.60
CA LYS A 124 -19.73 -19.96 -34.33
C LYS A 124 -20.58 -20.53 -33.21
N LYS A 125 -20.07 -21.52 -32.48
CA LYS A 125 -20.75 -22.08 -31.30
C LYS A 125 -20.30 -21.25 -30.08
N TYR A 126 -21.21 -20.51 -29.47
CA TYR A 126 -20.87 -19.67 -28.28
C TYR A 126 -21.23 -20.44 -27.01
N ALA A 127 -20.46 -20.19 -25.97
CA ALA A 127 -20.58 -20.89 -24.67
C ALA A 127 -21.76 -20.35 -23.85
N ARG A 128 -22.44 -19.30 -24.29
CA ARG A 128 -23.50 -18.72 -23.42
C ARG A 128 -24.70 -19.65 -23.34
N ASP A 129 -24.76 -20.70 -24.15
CA ASP A 129 -25.81 -21.75 -24.05
C ASP A 129 -25.47 -22.78 -22.96
N ILE A 130 -24.45 -22.50 -22.15
CA ILE A 130 -24.05 -23.39 -21.04
C ILE A 130 -24.20 -22.62 -19.71
N VAL A 131 -24.66 -23.31 -18.69
CA VAL A 131 -24.56 -22.86 -17.27
C VAL A 131 -23.90 -23.97 -16.49
N TYR A 132 -22.86 -23.64 -15.75
CA TYR A 132 -22.21 -24.59 -14.81
C TYR A 132 -22.74 -24.38 -13.41
N GLY A 133 -22.83 -25.47 -12.68
CA GLY A 133 -23.19 -25.47 -11.25
C GLY A 133 -22.52 -26.65 -10.57
N ASN A 134 -22.52 -26.61 -9.24
CA ASN A 134 -22.14 -27.77 -8.40
C ASN A 134 -23.32 -28.23 -7.60
N ILE A 135 -23.46 -29.51 -7.43
CA ILE A 135 -24.34 -30.12 -6.43
C ILE A 135 -23.48 -31.13 -5.65
N TYR A 136 -23.98 -31.58 -4.52
CA TYR A 136 -23.20 -32.34 -3.53
C TYR A 136 -23.93 -33.64 -3.26
N LEU A 137 -23.21 -34.76 -3.43
CA LEU A 137 -23.79 -36.10 -3.15
C LEU A 137 -24.01 -36.21 -1.65
N GLY A 138 -25.21 -36.59 -1.27
CA GLY A 138 -25.58 -36.82 0.13
C GLY A 138 -25.56 -35.53 0.93
N GLY A 139 -25.47 -34.39 0.28
CA GLY A 139 -25.39 -33.09 0.97
C GLY A 139 -24.05 -32.87 1.63
N LYS A 140 -23.04 -33.68 1.29
N LYS A 140 -23.04 -33.68 1.29
CA LYS A 140 -21.73 -33.65 1.98
CA LYS A 140 -21.73 -33.66 1.99
C LYS A 140 -20.85 -32.64 1.28
C LYS A 140 -20.85 -32.64 1.28
N PRO A 141 -20.23 -31.71 2.03
CA PRO A 141 -19.53 -30.58 1.41
C PRO A 141 -18.34 -30.98 0.56
N HIS A 142 -17.75 -32.16 0.80
CA HIS A 142 -16.55 -32.63 0.07
C HIS A 142 -16.95 -33.71 -0.95
N GLN A 143 -18.22 -33.77 -1.36
CA GLN A 143 -18.65 -34.68 -2.46
C GLN A 143 -19.28 -33.87 -3.57
N PRO A 144 -18.53 -32.90 -4.16
CA PRO A 144 -19.07 -32.12 -5.27
C PRO A 144 -19.21 -32.97 -6.54
N VAL A 145 -20.21 -32.65 -7.31
CA VAL A 145 -20.32 -33.05 -8.73
C VAL A 145 -20.67 -31.82 -9.53
N THR A 146 -20.09 -31.73 -10.71
CA THR A 146 -20.41 -30.65 -11.67
C THR A 146 -21.70 -31.03 -12.36
N ILE A 147 -22.67 -30.10 -12.39
CA ILE A 147 -23.85 -30.21 -13.26
C ILE A 147 -23.70 -29.13 -14.31
N LYS A 148 -23.47 -29.56 -15.54
CA LYS A 148 -23.37 -28.67 -16.71
C LYS A 148 -24.70 -28.75 -17.44
N THR A 149 -25.35 -27.60 -17.60
CA THR A 149 -26.63 -27.51 -18.32
C THR A 149 -26.37 -26.82 -19.65
N THR A 150 -26.79 -27.45 -20.74
CA THR A 150 -26.64 -26.89 -22.08
C THR A 150 -28.00 -26.80 -22.73
N PHE A 151 -28.26 -25.67 -23.41
CA PHE A 151 -29.54 -25.42 -24.11
C PHE A 151 -29.36 -25.62 -25.60
N ASN A 152 -30.28 -26.41 -26.17
CA ASN A 152 -30.51 -26.50 -27.62
C ASN A 152 -29.25 -27.01 -28.32
N GLN A 153 -28.53 -27.94 -27.72
CA GLN A 153 -27.34 -28.53 -28.41
C GLN A 153 -27.62 -29.96 -28.86
N GLU A 154 -28.81 -30.49 -28.64
CA GLU A 154 -29.15 -31.86 -29.10
C GLU A 154 -29.70 -31.79 -30.52
N THR A 155 -29.45 -32.82 -31.32
CA THR A 155 -30.06 -33.00 -32.67
C THR A 155 -31.38 -33.76 -32.50
N GLY A 156 -32.20 -33.78 -33.54
CA GLY A 156 -33.48 -34.53 -33.60
C GLY A 156 -34.53 -33.92 -32.70
N CYS A 157 -34.53 -32.60 -32.57
CA CYS A 157 -35.51 -31.89 -31.72
C CYS A 157 -35.51 -30.43 -32.12
N GLU A 158 -36.49 -29.67 -31.66
CA GLU A 158 -36.52 -28.22 -31.88
C GLU A 158 -35.75 -27.52 -30.75
N TYR A 159 -35.90 -28.01 -29.52
CA TYR A 159 -35.29 -27.43 -28.30
C TYR A 159 -34.77 -28.57 -27.42
N SER A 160 -33.80 -28.28 -26.58
CA SER A 160 -33.26 -29.29 -25.63
C SER A 160 -32.70 -28.62 -24.39
N ILE A 161 -32.82 -29.32 -23.28
CA ILE A 161 -32.05 -29.05 -22.05
C ILE A 161 -31.29 -30.34 -21.73
N THR A 162 -29.98 -30.23 -21.64
CA THR A 162 -29.06 -31.35 -21.38
C THR A 162 -28.39 -31.10 -20.05
N PHE A 163 -28.44 -32.10 -19.17
CA PHE A 163 -27.72 -32.09 -17.88
C PHE A 163 -26.58 -33.10 -18.00
N ASP A 164 -25.34 -32.61 -18.00
CA ASP A 164 -24.13 -33.46 -17.95
C ASP A 164 -23.62 -33.44 -16.52
N PHE A 165 -23.66 -34.59 -15.85
CA PHE A 165 -23.14 -34.73 -14.46
C PHE A 165 -21.76 -35.33 -14.57
N SER A 166 -20.79 -34.77 -13.86
CA SER A 166 -19.41 -35.30 -13.87
C SER A 166 -18.78 -35.08 -12.49
N TRP A 167 -17.78 -35.87 -12.16
CA TRP A 167 -17.00 -35.65 -10.92
C TRP A 167 -15.56 -36.00 -11.18
N ALA A 168 -14.67 -35.41 -10.40
CA ALA A 168 -13.22 -35.56 -10.53
C ALA A 168 -12.64 -36.07 -9.22
N LYS A 169 -13.46 -36.64 -8.34
CA LYS A 169 -12.99 -37.34 -7.12
C LYS A 169 -13.27 -38.83 -7.26
N THR A 170 -12.52 -39.64 -6.55
CA THR A 170 -12.73 -41.10 -6.46
C THR A 170 -13.76 -41.36 -5.38
N TYR A 171 -15.03 -41.50 -5.76
CA TYR A 171 -16.14 -41.75 -4.82
C TYR A 171 -16.27 -43.25 -4.63
N VAL A 172 -16.26 -43.67 -3.38
CA VAL A 172 -16.31 -45.08 -2.96
C VAL A 172 -17.59 -45.32 -2.19
N ASN A 173 -18.53 -46.04 -2.80
CA ASN A 173 -19.80 -46.45 -2.20
C ASN A 173 -20.57 -45.19 -1.80
N VAL A 174 -20.70 -44.27 -2.74
CA VAL A 174 -21.43 -42.98 -2.51
C VAL A 174 -22.72 -43.06 -3.30
N GLU A 175 -23.84 -42.89 -2.61
N GLU A 175 -23.85 -42.90 -2.61
CA GLU A 175 -25.18 -42.89 -3.23
CA GLU A 175 -25.19 -42.90 -3.23
C GLU A 175 -25.31 -41.62 -4.07
C GLU A 175 -25.31 -41.63 -4.08
N PHE A 176 -25.69 -41.77 -5.34
CA PHE A 176 -25.84 -40.62 -6.25
C PHE A 176 -27.21 -40.00 -6.02
N GLU A 177 -27.29 -39.14 -5.02
CA GLU A 177 -28.51 -38.36 -4.71
C GLU A 177 -28.02 -36.99 -4.23
N THR A 178 -28.53 -35.92 -4.82
CA THR A 178 -27.83 -34.62 -4.88
C THR A 178 -28.59 -33.54 -4.11
N THR A 179 -27.85 -32.50 -3.78
CA THR A 179 -28.42 -31.19 -3.39
C THR A 179 -29.05 -30.55 -4.62
N SER A 180 -29.71 -29.42 -4.43
CA SER A 180 -30.45 -28.71 -5.50
C SER A 180 -29.58 -27.59 -6.07
N PHE A 181 -29.81 -27.26 -7.32
CA PHE A 181 -29.16 -26.12 -7.99
C PHE A 181 -30.22 -25.31 -8.72
N THR A 182 -30.07 -24.00 -8.67
CA THR A 182 -30.99 -23.04 -9.34
C THR A 182 -30.21 -22.30 -10.40
N PHE A 183 -30.82 -22.14 -11.56
CA PHE A 183 -30.29 -21.34 -12.68
C PHE A 183 -31.47 -20.71 -13.41
N SER A 184 -31.20 -19.92 -14.41
CA SER A 184 -32.23 -19.36 -15.29
C SER A 184 -31.75 -19.46 -16.73
N TYR A 185 -32.67 -19.31 -17.66
CA TYR A 185 -32.34 -19.19 -19.09
C TYR A 185 -33.39 -18.31 -19.76
N ILE A 186 -33.02 -17.79 -20.91
CA ILE A 186 -33.88 -16.88 -21.72
C ILE A 186 -34.91 -17.76 -22.45
N ALA A 187 -36.18 -17.39 -22.35
CA ALA A 187 -37.32 -18.12 -22.92
C ALA A 187 -37.47 -17.77 -24.42
N GLN A 188 -37.91 -18.74 -25.20
CA GLN A 188 -38.17 -18.59 -26.65
C GLN A 188 -39.25 -17.50 -26.88
N GLU A 189 -40.28 -17.46 -26.06
CA GLU A 189 -41.34 -16.42 -26.15
C GLU A 189 -41.89 -16.14 -24.75
N ASN B 1 -53.43 -0.79 2.99
CA ASN B 1 -52.54 -0.08 2.04
C ASN B 1 -52.52 -0.87 0.71
N LYS B 2 -52.80 -0.22 -0.42
CA LYS B 2 -52.63 -0.91 -1.73
C LYS B 2 -51.16 -0.85 -2.18
N ASN B 3 -50.22 -0.53 -1.28
CA ASN B 3 -48.75 -0.78 -1.48
C ASN B 3 -48.33 -2.06 -0.74
N ASN B 4 -49.27 -2.84 -0.20
CA ASN B 4 -48.94 -4.14 0.41
C ASN B 4 -48.52 -5.10 -0.70
N ASP B 5 -47.38 -5.76 -0.53
CA ASP B 5 -46.80 -6.68 -1.53
C ASP B 5 -46.74 -8.07 -0.88
N LYS B 6 -47.80 -8.86 -1.02
CA LYS B 6 -47.92 -10.20 -0.40
C LYS B 6 -47.19 -11.25 -1.27
N LEU B 7 -46.44 -10.80 -2.27
CA LEU B 7 -45.55 -11.69 -3.06
C LEU B 7 -44.11 -11.50 -2.59
N THR B 8 -43.84 -10.66 -1.59
CA THR B 8 -42.51 -10.55 -0.96
C THR B 8 -42.63 -10.68 0.55
N LEU B 9 -41.94 -11.66 1.11
CA LEU B 9 -41.74 -11.84 2.55
C LEU B 9 -40.29 -11.53 2.82
N TRP B 10 -39.98 -10.53 3.66
CA TRP B 10 -38.61 -10.05 3.79
C TRP B 10 -38.33 -9.46 5.17
N THR B 11 -37.04 -9.18 5.38
CA THR B 11 -36.49 -8.52 6.58
C THR B 11 -36.43 -7.00 6.44
N THR B 12 -36.88 -6.43 5.34
CA THR B 12 -36.56 -5.05 4.92
C THR B 12 -35.10 -4.98 4.58
N PRO B 13 -34.71 -4.14 3.62
CA PRO B 13 -33.32 -4.01 3.22
C PRO B 13 -32.44 -3.10 4.06
N ASP B 14 -32.93 -2.60 5.21
CA ASP B 14 -32.14 -1.67 6.04
C ASP B 14 -31.05 -2.52 6.76
N THR B 15 -30.23 -1.86 7.56
N THR B 15 -30.23 -1.86 7.57
CA THR B 15 -29.07 -2.50 8.24
CA THR B 15 -29.07 -2.47 8.24
C THR B 15 -29.35 -2.67 9.74
C THR B 15 -29.35 -2.67 9.73
N SER B 16 -30.57 -2.41 10.18
CA SER B 16 -31.00 -2.56 11.59
C SER B 16 -30.89 -4.02 11.99
N PRO B 17 -30.17 -4.33 13.09
CA PRO B 17 -29.99 -5.74 13.49
C PRO B 17 -31.34 -6.39 13.75
N ASN B 18 -31.50 -7.63 13.32
CA ASN B 18 -32.78 -8.37 13.41
C ASN B 18 -32.55 -9.82 13.83
N CYS B 19 -31.34 -10.17 14.21
CA CYS B 19 -30.94 -11.57 14.31
C CYS B 19 -29.98 -11.75 15.49
N ARG B 20 -30.11 -12.89 16.17
CA ARG B 20 -29.23 -13.32 17.27
C ARG B 20 -28.46 -14.54 16.77
N ILE B 21 -27.16 -14.42 16.57
CA ILE B 21 -26.27 -15.59 16.34
C ILE B 21 -25.75 -16.05 17.70
N ASP B 22 -25.13 -15.12 18.41
CA ASP B 22 -24.46 -15.36 19.69
C ASP B 22 -25.20 -14.61 20.80
N GLN B 23 -25.57 -13.36 20.56
CA GLN B 23 -26.30 -12.52 21.52
C GLN B 23 -27.36 -11.70 20.79
N ASP B 24 -28.30 -11.15 21.57
CA ASP B 24 -29.47 -10.40 21.05
C ASP B 24 -28.98 -9.37 20.03
N LYS B 25 -29.60 -9.33 18.87
CA LYS B 25 -29.41 -8.22 17.88
C LYS B 25 -27.93 -8.05 17.56
N ASP B 26 -27.21 -9.13 17.33
CA ASP B 26 -25.78 -9.03 16.97
C ASP B 26 -25.62 -9.02 15.45
N SER B 27 -26.69 -9.17 14.68
CA SER B 27 -26.57 -9.31 13.22
C SER B 27 -27.81 -8.81 12.48
N LYS B 28 -27.59 -8.45 11.23
CA LYS B 28 -28.65 -8.22 10.25
C LYS B 28 -28.58 -9.33 9.21
N LEU B 29 -29.54 -10.25 9.25
CA LEU B 29 -29.82 -11.17 8.14
C LEU B 29 -30.73 -10.42 7.17
N THR B 30 -30.25 -10.12 5.98
CA THR B 30 -31.10 -9.55 4.91
C THR B 30 -31.58 -10.72 4.08
N LEU B 31 -32.85 -11.05 4.21
CA LEU B 31 -33.45 -12.20 3.53
C LEU B 31 -34.70 -11.70 2.84
N VAL B 32 -34.73 -11.88 1.54
CA VAL B 32 -35.88 -11.51 0.68
C VAL B 32 -36.36 -12.77 0.00
N LEU B 33 -37.61 -13.11 0.25
CA LEU B 33 -38.30 -14.25 -0.39
C LEU B 33 -39.34 -13.65 -1.31
N THR B 34 -39.18 -13.88 -2.60
CA THR B 34 -40.13 -13.40 -3.61
C THR B 34 -40.82 -14.62 -4.22
N LYS B 35 -42.16 -14.64 -4.18
N LYS B 35 -42.16 -14.64 -4.18
CA LYS B 35 -42.95 -15.78 -4.69
CA LYS B 35 -42.95 -15.78 -4.69
C LYS B 35 -43.09 -15.62 -6.20
C LYS B 35 -43.08 -15.61 -6.20
N CYS B 36 -42.43 -16.49 -6.96
CA CYS B 36 -42.66 -16.68 -8.41
C CYS B 36 -43.43 -17.98 -8.59
N GLY B 37 -44.72 -17.96 -8.28
CA GLY B 37 -45.58 -19.14 -8.25
C GLY B 37 -45.00 -20.24 -7.38
N SER B 38 -44.70 -21.36 -7.99
CA SER B 38 -44.30 -22.63 -7.32
C SER B 38 -42.88 -22.53 -6.74
N GLN B 39 -42.13 -21.50 -7.10
CA GLN B 39 -40.74 -21.33 -6.61
C GLN B 39 -40.62 -20.03 -5.82
N ILE B 40 -39.90 -20.07 -4.73
CA ILE B 40 -39.49 -18.88 -3.96
C ILE B 40 -38.08 -18.51 -4.42
N LEU B 41 -37.91 -17.30 -4.94
CA LEU B 41 -36.59 -16.72 -5.26
C LEU B 41 -36.08 -16.03 -3.98
N ALA B 42 -34.95 -16.51 -3.46
CA ALA B 42 -34.43 -16.10 -2.16
C ALA B 42 -33.10 -15.38 -2.37
N ASN B 43 -32.94 -14.26 -1.70
CA ASN B 43 -31.71 -13.46 -1.73
C ASN B 43 -31.27 -13.23 -0.29
N VAL B 44 -30.04 -13.55 0.04
CA VAL B 44 -29.58 -13.54 1.45
C VAL B 44 -28.19 -12.91 1.54
N SER B 45 -27.96 -12.17 2.61
CA SER B 45 -26.64 -11.68 3.06
C SER B 45 -26.68 -11.54 4.57
N LEU B 46 -25.52 -11.39 5.18
CA LEU B 46 -25.39 -11.31 6.63
C LEU B 46 -24.39 -10.24 6.97
N ILE B 47 -24.75 -9.37 7.93
CA ILE B 47 -23.86 -8.39 8.56
C ILE B 47 -23.87 -8.71 10.03
N VAL B 48 -22.72 -9.06 10.60
CA VAL B 48 -22.62 -9.22 12.06
C VAL B 48 -22.13 -7.89 12.60
N VAL B 49 -22.91 -7.26 13.46
CA VAL B 49 -22.65 -5.87 13.94
C VAL B 49 -22.04 -5.88 15.34
N ALA B 50 -22.12 -7.00 16.07
CA ALA B 50 -21.67 -7.05 17.48
C ALA B 50 -21.42 -8.49 17.91
N GLY B 51 -20.86 -8.67 19.10
CA GLY B 51 -20.71 -9.98 19.72
C GLY B 51 -19.54 -10.75 19.16
N ARG B 52 -19.48 -12.03 19.43
CA ARG B 52 -18.25 -12.85 19.24
C ARG B 52 -18.00 -13.09 17.75
N TYR B 53 -19.00 -13.00 16.87
CA TYR B 53 -18.81 -13.33 15.43
C TYR B 53 -18.64 -12.05 14.60
N LYS B 54 -18.57 -10.87 15.21
CA LYS B 54 -18.40 -9.60 14.46
C LYS B 54 -17.04 -9.63 13.75
N ILE B 55 -15.98 -9.96 14.50
CA ILE B 55 -14.59 -10.01 13.95
C ILE B 55 -14.06 -11.43 14.17
N ILE B 56 -13.82 -12.17 13.10
CA ILE B 56 -13.23 -13.53 13.20
C ILE B 56 -11.72 -13.41 13.40
N ASN B 57 -11.20 -14.07 14.41
CA ASN B 57 -9.73 -14.24 14.55
C ASN B 57 -9.45 -15.69 14.88
N ASN B 58 -9.03 -16.43 13.85
CA ASN B 58 -8.74 -17.90 13.94
C ASN B 58 -7.33 -18.13 14.47
N ASN B 59 -6.57 -17.08 14.76
CA ASN B 59 -5.33 -17.19 15.59
C ASN B 59 -5.73 -17.36 17.05
N THR B 60 -6.62 -16.51 17.54
CA THR B 60 -7.09 -16.53 18.95
C THR B 60 -8.08 -17.68 19.12
N ASN B 61 -8.92 -17.95 18.11
CA ASN B 61 -10.03 -18.95 18.16
C ASN B 61 -9.88 -19.93 16.98
N PRO B 62 -8.87 -20.81 16.99
CA PRO B 62 -8.56 -21.62 15.81
C PRO B 62 -9.65 -22.61 15.42
N ALA B 63 -10.56 -22.95 16.36
CA ALA B 63 -11.63 -23.94 16.13
C ALA B 63 -12.92 -23.26 15.62
N LEU B 64 -12.95 -21.92 15.58
CA LEU B 64 -14.16 -21.16 15.23
C LEU B 64 -14.28 -21.15 13.68
N LYS B 65 -15.11 -22.05 13.15
CA LYS B 65 -15.20 -22.25 11.69
C LYS B 65 -16.66 -22.21 11.22
N GLY B 66 -17.63 -21.83 12.05
CA GLY B 66 -19.01 -21.75 11.55
C GLY B 66 -19.99 -21.31 12.60
N PHE B 67 -21.23 -21.08 12.18
CA PHE B 67 -22.37 -20.84 13.08
C PHE B 67 -23.63 -21.04 12.27
N THR B 68 -24.78 -21.04 12.92
CA THR B 68 -26.09 -21.36 12.29
C THR B 68 -27.10 -20.26 12.60
N ILE B 69 -27.91 -19.93 11.61
CA ILE B 69 -29.12 -19.08 11.79
C ILE B 69 -30.33 -19.90 11.35
N LYS B 70 -31.28 -20.11 12.25
CA LYS B 70 -32.48 -20.92 12.02
C LYS B 70 -33.71 -20.03 11.98
N LEU B 71 -34.53 -20.22 10.93
CA LEU B 71 -35.91 -19.73 10.85
C LEU B 71 -36.84 -20.91 11.02
N LEU B 72 -37.57 -20.95 12.14
CA LEU B 72 -38.54 -22.01 12.43
C LEU B 72 -39.93 -21.41 12.20
N PHE B 73 -40.80 -22.16 11.54
CA PHE B 73 -42.15 -21.68 11.18
C PHE B 73 -43.17 -22.67 11.71
N ASP B 74 -44.30 -22.14 12.16
CA ASP B 74 -45.46 -22.96 12.58
C ASP B 74 -46.28 -23.33 11.34
N LYS B 75 -47.41 -23.99 11.57
N LYS B 75 -47.41 -23.99 11.57
CA LYS B 75 -48.26 -24.59 10.50
CA LYS B 75 -48.27 -24.59 10.53
C LYS B 75 -48.79 -23.50 9.56
C LYS B 75 -48.79 -23.50 9.56
N ASN B 76 -48.77 -22.24 9.97
CA ASN B 76 -49.29 -21.10 9.15
C ASN B 76 -48.15 -20.39 8.44
N GLY B 77 -46.92 -20.84 8.62
CA GLY B 77 -45.73 -20.19 8.06
C GLY B 77 -45.34 -18.97 8.86
N VAL B 78 -45.81 -18.87 10.09
CA VAL B 78 -45.47 -17.74 10.99
C VAL B 78 -44.14 -18.08 11.70
N LEU B 79 -43.23 -17.12 11.70
CA LEU B 79 -41.89 -17.28 12.32
C LEU B 79 -42.09 -17.44 13.82
N MET B 80 -41.47 -18.47 14.40
CA MET B 80 -41.54 -18.76 15.84
C MET B 80 -40.49 -17.92 16.58
N GLU B 81 -40.82 -17.46 17.80
CA GLU B 81 -39.97 -16.51 18.58
C GLU B 81 -38.63 -17.17 18.90
N SER B 82 -38.59 -18.49 18.97
CA SER B 82 -37.38 -19.28 19.29
C SER B 82 -36.37 -19.27 18.12
N SER B 83 -36.72 -18.74 16.96
CA SER B 83 -35.80 -18.63 15.78
C SER B 83 -34.65 -17.69 16.11
N ASN B 84 -33.53 -17.76 15.42
CA ASN B 84 -32.45 -16.77 15.50
C ASN B 84 -32.95 -15.41 14.96
N LEU B 85 -33.75 -15.43 13.91
CA LEU B 85 -34.32 -14.19 13.28
C LEU B 85 -35.46 -13.67 14.16
N GLY B 86 -35.46 -12.37 14.44
CA GLY B 86 -36.50 -11.68 15.20
C GLY B 86 -37.75 -11.51 14.36
N LYS B 87 -38.90 -11.55 15.01
CA LYS B 87 -40.22 -11.55 14.36
C LYS B 87 -40.58 -10.13 13.87
N SER B 88 -40.13 -9.06 14.54
CA SER B 88 -40.86 -7.75 14.46
C SER B 88 -40.76 -7.17 13.03
N TYR B 89 -39.67 -7.43 12.30
CA TYR B 89 -39.43 -6.90 10.95
C TYR B 89 -39.30 -8.02 9.95
N TRP B 90 -39.99 -9.12 10.19
CA TRP B 90 -40.14 -10.23 9.22
C TRP B 90 -41.60 -10.26 8.82
N ASN B 91 -41.91 -9.76 7.64
CA ASN B 91 -43.29 -9.50 7.24
C ASN B 91 -43.33 -9.32 5.71
N PHE B 92 -44.54 -9.35 5.17
CA PHE B 92 -44.80 -8.95 3.77
C PHE B 92 -44.31 -7.52 3.59
N ARG B 93 -43.82 -7.26 2.39
CA ARG B 93 -43.28 -5.96 2.00
C ARG B 93 -44.39 -4.91 1.90
N ASN B 94 -44.04 -3.72 2.32
CA ASN B 94 -44.70 -2.47 1.94
C ASN B 94 -43.59 -1.45 1.68
N GLN B 95 -43.33 -1.16 0.40
CA GLN B 95 -42.26 -0.25 -0.07
C GLN B 95 -40.92 -0.75 0.46
N ASN B 96 -40.19 0.05 1.25
CA ASN B 96 -38.89 -0.38 1.85
C ASN B 96 -39.10 -0.89 3.27
N SER B 97 -40.34 -1.06 3.69
CA SER B 97 -40.70 -1.47 5.06
C SER B 97 -41.61 -2.69 4.98
N ILE B 98 -42.47 -2.85 5.97
CA ILE B 98 -43.33 -4.04 6.09
C ILE B 98 -44.78 -3.62 6.18
N MET B 99 -45.69 -4.54 5.88
N MET B 99 -45.69 -4.55 5.89
CA MET B 99 -47.14 -4.44 6.15
CA MET B 99 -47.13 -4.45 6.15
C MET B 99 -47.31 -4.00 7.60
C MET B 99 -47.31 -4.00 7.61
N SER B 100 -48.32 -3.23 7.90
CA SER B 100 -48.50 -2.55 9.22
C SER B 100 -48.84 -3.58 10.32
N THR B 101 -49.32 -4.76 9.95
CA THR B 101 -49.80 -5.81 10.86
C THR B 101 -49.01 -7.10 10.57
N ALA B 102 -48.71 -7.88 11.61
CA ALA B 102 -47.97 -9.16 11.48
C ALA B 102 -48.82 -10.10 10.63
N TYR B 103 -48.20 -10.80 9.69
CA TYR B 103 -48.96 -11.71 8.80
C TYR B 103 -49.44 -12.90 9.61
N GLU B 104 -50.58 -13.47 9.21
CA GLU B 104 -51.18 -14.65 9.87
C GLU B 104 -50.90 -15.92 9.07
N LYS B 105 -50.67 -15.81 7.75
CA LYS B 105 -50.50 -16.97 6.85
C LYS B 105 -49.46 -16.61 5.78
N ALA B 106 -48.49 -17.50 5.58
CA ALA B 106 -47.47 -17.37 4.52
C ALA B 106 -47.08 -18.76 4.02
N ILE B 107 -48.05 -19.67 3.92
CA ILE B 107 -47.80 -21.07 3.49
C ILE B 107 -47.25 -21.07 2.06
N GLY B 108 -47.59 -20.07 1.25
CA GLY B 108 -47.07 -19.92 -0.12
C GLY B 108 -45.57 -19.68 -0.17
N PHE B 109 -44.94 -19.37 0.97
CA PHE B 109 -43.50 -19.03 1.07
C PHE B 109 -42.76 -20.16 1.79
N MET B 110 -43.48 -21.17 2.27
CA MET B 110 -42.88 -22.24 3.07
C MET B 110 -42.26 -23.24 2.09
N PRO B 111 -41.12 -23.86 2.47
CA PRO B 111 -40.53 -24.89 1.65
C PRO B 111 -41.46 -26.10 1.59
N ASN B 112 -41.63 -26.60 0.38
CA ASN B 112 -42.57 -27.69 0.06
C ASN B 112 -42.23 -28.93 0.89
N LEU B 113 -43.19 -29.51 1.58
CA LEU B 113 -42.96 -30.67 2.49
C LEU B 113 -42.78 -31.98 1.70
N VAL B 114 -43.30 -32.10 0.49
CA VAL B 114 -43.07 -33.30 -0.34
C VAL B 114 -41.64 -33.21 -0.93
N ALA B 115 -41.22 -32.03 -1.39
CA ALA B 115 -39.84 -31.83 -1.89
C ALA B 115 -38.87 -32.02 -0.73
N TYR B 116 -39.22 -31.47 0.43
CA TYR B 116 -38.31 -31.32 1.60
C TYR B 116 -39.05 -31.81 2.85
N PRO B 117 -39.13 -33.14 3.06
CA PRO B 117 -39.86 -33.68 4.21
C PRO B 117 -39.17 -33.35 5.53
N LYS B 118 -39.97 -33.30 6.60
CA LYS B 118 -39.47 -33.22 7.99
C LYS B 118 -38.64 -34.45 8.29
N PRO B 119 -37.70 -34.37 9.25
CA PRO B 119 -36.99 -35.57 9.71
C PRO B 119 -38.00 -36.54 10.33
N THR B 120 -37.96 -37.80 9.99
CA THR B 120 -38.81 -38.85 10.62
C THR B 120 -37.81 -39.92 11.01
N THR B 121 -38.06 -40.70 12.05
CA THR B 121 -37.08 -41.71 12.55
C THR B 121 -36.72 -42.71 11.44
N GLY B 122 -37.67 -43.33 10.74
CA GLY B 122 -37.38 -44.53 9.92
C GLY B 122 -37.00 -44.20 8.49
N SER B 123 -36.77 -42.90 8.12
CA SER B 123 -37.00 -42.48 6.68
C SER B 123 -35.71 -42.06 5.98
N LYS B 124 -35.60 -42.35 4.69
CA LYS B 124 -34.39 -42.00 3.89
C LYS B 124 -34.28 -40.47 3.76
N LYS B 125 -33.15 -39.91 4.14
CA LYS B 125 -32.96 -38.46 4.14
C LYS B 125 -32.30 -38.11 2.81
N TYR B 126 -32.98 -37.38 1.92
CA TYR B 126 -32.42 -37.01 0.60
C TYR B 126 -31.82 -35.62 0.67
N ALA B 127 -30.75 -35.38 -0.05
CA ALA B 127 -29.96 -34.15 0.00
C ALA B 127 -30.66 -33.00 -0.78
N ARG B 128 -31.75 -33.25 -1.47
CA ARG B 128 -32.30 -32.18 -2.35
C ARG B 128 -32.91 -31.06 -1.48
N ASP B 129 -33.06 -31.27 -0.18
CA ASP B 129 -33.50 -30.21 0.76
C ASP B 129 -32.32 -29.32 1.16
N ILE B 130 -31.19 -29.42 0.49
CA ILE B 130 -29.99 -28.57 0.73
C ILE B 130 -29.68 -27.80 -0.54
N VAL B 131 -29.28 -26.55 -0.38
CA VAL B 131 -28.56 -25.79 -1.45
C VAL B 131 -27.29 -25.26 -0.84
N TYR B 132 -26.18 -25.45 -1.53
CA TYR B 132 -24.88 -24.85 -1.18
C TYR B 132 -24.68 -23.57 -1.99
N GLY B 133 -24.06 -22.59 -1.35
CA GLY B 133 -23.59 -21.38 -2.00
C GLY B 133 -22.36 -20.85 -1.31
N ASN B 134 -21.73 -19.84 -1.91
CA ASN B 134 -20.63 -19.09 -1.29
C ASN B 134 -21.03 -17.63 -1.16
N ILE B 135 -20.56 -16.99 -0.13
CA ILE B 135 -20.57 -15.52 0.02
C ILE B 135 -19.16 -15.15 0.50
N TYR B 136 -18.81 -13.87 0.41
CA TYR B 136 -17.42 -13.39 0.57
C TYR B 136 -17.39 -12.31 1.63
N LEU B 137 -16.55 -12.48 2.64
CA LEU B 137 -16.39 -11.48 3.72
C LEU B 137 -15.76 -10.23 3.14
N GLY B 138 -16.39 -9.10 3.38
CA GLY B 138 -15.87 -7.77 2.99
C GLY B 138 -15.86 -7.62 1.48
N GLY B 139 -16.54 -8.51 0.75
CA GLY B 139 -16.53 -8.48 -0.72
C GLY B 139 -15.19 -8.92 -1.30
N LYS B 140 -14.31 -9.51 -0.49
CA LYS B 140 -12.95 -9.87 -0.94
C LYS B 140 -13.00 -11.26 -1.57
N PRO B 141 -12.47 -11.42 -2.81
CA PRO B 141 -12.64 -12.67 -3.55
C PRO B 141 -11.98 -13.89 -2.89
N HIS B 142 -10.99 -13.69 -2.02
N HIS B 142 -11.01 -13.68 -2.01
CA HIS B 142 -10.27 -14.78 -1.31
CA HIS B 142 -10.25 -14.75 -1.31
C HIS B 142 -10.73 -14.91 0.14
C HIS B 142 -10.73 -14.92 0.13
N GLN B 143 -11.92 -14.41 0.48
CA GLN B 143 -12.51 -14.64 1.82
C GLN B 143 -13.86 -15.32 1.66
N PRO B 144 -13.91 -16.51 1.03
CA PRO B 144 -15.15 -17.25 0.89
C PRO B 144 -15.64 -17.78 2.23
N VAL B 145 -16.94 -17.86 2.37
CA VAL B 145 -17.59 -18.69 3.38
C VAL B 145 -18.69 -19.46 2.67
N THR B 146 -18.86 -20.70 3.09
CA THR B 146 -19.94 -21.56 2.60
C THR B 146 -21.21 -21.20 3.34
N ILE B 147 -22.28 -20.95 2.60
CA ILE B 147 -23.65 -20.83 3.18
C ILE B 147 -24.42 -22.05 2.68
N LYS B 148 -24.72 -22.94 3.61
CA LYS B 148 -25.49 -24.15 3.36
C LYS B 148 -26.90 -23.89 3.87
N THR B 149 -27.88 -23.99 2.97
CA THR B 149 -29.29 -23.70 3.29
C THR B 149 -30.02 -25.03 3.26
N THR B 150 -30.73 -25.37 4.33
CA THR B 150 -31.48 -26.62 4.43
C THR B 150 -32.93 -26.31 4.75
N PHE B 151 -33.84 -26.99 4.06
CA PHE B 151 -35.30 -26.79 4.20
C PHE B 151 -35.89 -27.91 5.03
N ASN B 152 -36.66 -27.52 6.04
CA ASN B 152 -37.58 -28.39 6.81
C ASN B 152 -36.79 -29.52 7.49
N GLN B 153 -35.61 -29.25 8.00
CA GLN B 153 -34.85 -30.28 8.74
C GLN B 153 -34.81 -29.99 10.24
N GLU B 154 -35.47 -28.93 10.71
CA GLU B 154 -35.53 -28.63 12.15
C GLU B 154 -36.69 -29.37 12.79
N THR B 155 -36.51 -29.82 14.05
CA THR B 155 -37.58 -30.39 14.86
C THR B 155 -38.37 -29.24 15.53
N GLY B 156 -39.58 -29.54 16.00
CA GLY B 156 -40.38 -28.61 16.83
C GLY B 156 -40.93 -27.44 16.03
N CYS B 157 -41.26 -27.69 14.79
CA CYS B 157 -41.81 -26.67 13.88
C CYS B 157 -42.45 -27.40 12.69
N GLU B 158 -43.21 -26.71 11.87
CA GLU B 158 -43.84 -27.32 10.70
C GLU B 158 -42.92 -27.16 9.49
N TYR B 159 -42.25 -26.03 9.39
CA TYR B 159 -41.32 -25.70 8.28
C TYR B 159 -40.08 -25.05 8.89
N SER B 160 -38.98 -25.04 8.16
CA SER B 160 -37.74 -24.38 8.60
C SER B 160 -36.88 -24.02 7.42
N ILE B 161 -36.14 -22.94 7.58
CA ILE B 161 -34.98 -22.60 6.74
C ILE B 161 -33.79 -22.46 7.69
N THR B 162 -32.75 -23.23 7.46
CA THR B 162 -31.53 -23.23 8.27
C THR B 162 -30.39 -22.74 7.39
N PHE B 163 -29.64 -21.75 7.87
CA PHE B 163 -28.42 -21.25 7.22
C PHE B 163 -27.25 -21.69 8.09
N ASP B 164 -26.42 -22.60 7.57
CA ASP B 164 -25.15 -23.00 8.23
C ASP B 164 -24.04 -22.27 7.51
N PHE B 165 -23.34 -21.38 8.20
CA PHE B 165 -22.18 -20.65 7.67
C PHE B 165 -20.93 -21.38 8.15
N SER B 166 -19.99 -21.61 7.25
CA SER B 166 -18.72 -22.27 7.60
C SER B 166 -17.62 -21.69 6.74
N TRP B 167 -16.37 -21.79 7.19
CA TRP B 167 -15.22 -21.41 6.39
C TRP B 167 -14.07 -22.36 6.64
N ALA B 168 -13.18 -22.45 5.68
CA ALA B 168 -12.08 -23.44 5.68
C ALA B 168 -10.74 -22.73 5.56
N LYS B 169 -10.68 -21.44 5.86
CA LYS B 169 -9.46 -20.60 5.85
C LYS B 169 -9.26 -20.05 7.28
N THR B 170 -8.06 -19.65 7.62
CA THR B 170 -7.70 -18.95 8.87
C THR B 170 -7.95 -17.46 8.65
N TYR B 171 -9.10 -16.96 9.08
CA TYR B 171 -9.43 -15.50 9.00
C TYR B 171 -8.90 -14.82 10.24
N VAL B 172 -8.10 -13.79 10.04
CA VAL B 172 -7.44 -13.02 11.13
C VAL B 172 -7.97 -11.59 11.09
N ASN B 173 -8.79 -11.25 12.07
CA ASN B 173 -9.38 -9.89 12.24
C ASN B 173 -10.17 -9.55 10.99
N VAL B 174 -11.07 -10.44 10.58
CA VAL B 174 -11.93 -10.25 9.40
C VAL B 174 -13.35 -10.02 9.88
N GLU B 175 -13.93 -8.87 9.52
CA GLU B 175 -15.29 -8.51 9.86
C GLU B 175 -16.25 -9.44 9.11
N PHE B 176 -17.16 -10.06 9.83
CA PHE B 176 -18.13 -10.99 9.24
C PHE B 176 -19.31 -10.20 8.68
N GLU B 177 -19.14 -9.69 7.46
CA GLU B 177 -20.20 -8.99 6.72
C GLU B 177 -20.02 -9.37 5.25
N THR B 178 -21.09 -9.85 4.62
CA THR B 178 -20.97 -10.76 3.45
C THR B 178 -21.54 -10.09 2.19
N THR B 179 -21.12 -10.64 1.05
CA THR B 179 -21.78 -10.47 -0.24
C THR B 179 -23.13 -11.19 -0.18
N SER B 180 -23.93 -11.05 -1.23
CA SER B 180 -25.27 -11.64 -1.35
C SER B 180 -25.20 -12.92 -2.14
N PHE B 181 -26.15 -13.81 -1.88
CA PHE B 181 -26.32 -15.06 -2.64
C PHE B 181 -27.79 -15.22 -2.94
N THR B 182 -28.10 -15.73 -4.13
CA THR B 182 -29.46 -16.02 -4.58
C THR B 182 -29.61 -17.52 -4.76
N PHE B 183 -30.74 -18.05 -4.30
CA PHE B 183 -31.15 -19.45 -4.56
C PHE B 183 -32.66 -19.45 -4.73
N SER B 184 -33.22 -20.60 -5.01
CA SER B 184 -34.68 -20.81 -5.07
C SER B 184 -35.00 -22.11 -4.34
N TYR B 185 -36.25 -22.30 -4.00
CA TYR B 185 -36.77 -23.55 -3.46
C TYR B 185 -38.22 -23.67 -3.87
N ILE B 186 -38.70 -24.90 -3.84
CA ILE B 186 -40.08 -25.26 -4.22
C ILE B 186 -41.00 -24.85 -3.08
N ALA B 187 -42.08 -24.13 -3.38
CA ALA B 187 -43.03 -23.60 -2.39
C ALA B 187 -44.07 -24.67 -2.05
N GLN B 188 -44.52 -24.67 -0.81
CA GLN B 188 -45.57 -25.59 -0.31
C GLN B 188 -46.86 -25.44 -1.11
N GLU B 189 -47.24 -24.24 -1.49
CA GLU B 189 -48.44 -24.03 -2.37
C GLU B 189 -48.20 -22.79 -3.25
N LYS C 2 -48.63 -4.40 -26.86
CA LYS C 2 -49.19 -5.46 -27.73
C LYS C 2 -48.48 -6.76 -27.37
N ASN C 3 -47.27 -6.96 -27.90
CA ASN C 3 -46.26 -7.94 -27.39
C ASN C 3 -45.19 -7.22 -26.55
N ASN C 4 -45.44 -5.99 -26.10
CA ASN C 4 -44.49 -5.24 -25.22
C ASN C 4 -44.44 -5.94 -23.87
N ASP C 5 -43.23 -6.24 -23.41
CA ASP C 5 -43.00 -6.99 -22.14
C ASP C 5 -42.23 -6.05 -21.20
N LYS C 6 -42.97 -5.26 -20.41
CA LYS C 6 -42.40 -4.26 -19.48
C LYS C 6 -41.96 -4.95 -18.17
N LEU C 7 -41.96 -6.28 -18.14
CA LEU C 7 -41.36 -7.03 -17.01
C LEU C 7 -39.97 -7.55 -17.41
N THR C 8 -39.50 -7.28 -18.64
CA THR C 8 -38.12 -7.61 -19.06
C THR C 8 -37.45 -6.39 -19.66
N LEU C 9 -36.32 -6.02 -19.08
CA LEU C 9 -35.38 -5.01 -19.61
C LEU C 9 -34.15 -5.77 -20.08
N TRP C 10 -33.79 -5.66 -21.35
CA TRP C 10 -32.71 -6.54 -21.90
C TRP C 10 -31.97 -5.91 -23.07
N THR C 11 -30.89 -6.59 -23.46
CA THR C 11 -30.04 -6.26 -24.61
C THR C 11 -30.48 -6.90 -25.92
N THR C 12 -31.56 -7.65 -25.93
CA THR C 12 -31.91 -8.59 -27.03
C THR C 12 -30.88 -9.72 -27.01
N PRO C 13 -31.29 -10.94 -27.36
CA PRO C 13 -30.41 -12.11 -27.25
C PRO C 13 -29.48 -12.36 -28.45
N ASP C 14 -29.38 -11.43 -29.39
CA ASP C 14 -28.51 -11.45 -30.59
C ASP C 14 -27.05 -11.56 -30.15
N THR C 15 -26.12 -11.80 -31.06
CA THR C 15 -24.67 -11.76 -30.80
C THR C 15 -24.03 -10.47 -31.37
N SER C 16 -24.84 -9.56 -31.91
N SER C 16 -24.85 -9.55 -31.89
CA SER C 16 -24.42 -8.24 -32.42
CA SER C 16 -24.39 -8.26 -32.43
C SER C 16 -23.80 -7.42 -31.26
C SER C 16 -23.80 -7.42 -31.27
N PRO C 17 -22.57 -6.91 -31.43
CA PRO C 17 -21.93 -6.13 -30.39
C PRO C 17 -22.76 -4.93 -29.93
N ASN C 18 -22.77 -4.68 -28.64
CA ASN C 18 -23.56 -3.58 -28.01
C ASN C 18 -22.74 -2.84 -26.94
N CYS C 19 -21.45 -3.12 -26.82
CA CYS C 19 -20.70 -2.78 -25.60
C CYS C 19 -19.26 -2.42 -25.94
N ARG C 20 -18.70 -1.46 -25.21
CA ARG C 20 -17.30 -1.02 -25.30
C ARG C 20 -16.59 -1.45 -24.01
N ILE C 21 -15.66 -2.39 -24.10
CA ILE C 21 -14.70 -2.66 -23.01
C ILE C 21 -13.48 -1.78 -23.24
N ASP C 22 -12.90 -1.90 -24.42
CA ASP C 22 -11.62 -1.26 -24.79
C ASP C 22 -11.87 -0.30 -25.95
N GLN C 23 -12.67 -0.70 -26.93
CA GLN C 23 -13.06 0.15 -28.08
C GLN C 23 -14.55 -0.06 -28.39
N ASP C 24 -15.12 0.88 -29.13
CA ASP C 24 -16.55 0.85 -29.52
C ASP C 24 -16.90 -0.51 -30.11
N LYS C 25 -18.00 -1.06 -29.64
CA LYS C 25 -18.62 -2.29 -30.19
C LYS C 25 -17.60 -3.43 -30.23
N ASP C 26 -16.82 -3.61 -29.18
CA ASP C 26 -15.86 -4.74 -29.15
C ASP C 26 -16.50 -5.96 -28.49
N SER C 27 -17.72 -5.85 -27.98
CA SER C 27 -18.32 -6.95 -27.18
C SER C 27 -19.84 -6.93 -27.23
N LYS C 28 -20.41 -8.10 -27.02
CA LYS C 28 -21.84 -8.29 -26.75
C LYS C 28 -22.00 -8.68 -25.30
N LEU C 29 -22.50 -7.76 -24.47
CA LEU C 29 -23.03 -8.11 -23.15
C LEU C 29 -24.47 -8.54 -23.35
N THR C 30 -24.77 -9.81 -23.10
CA THR C 30 -26.17 -10.26 -23.09
C THR C 30 -26.67 -10.18 -21.66
N LEU C 31 -27.55 -9.22 -21.39
CA LEU C 31 -28.04 -8.98 -20.04
C LEU C 31 -29.55 -8.93 -20.13
N VAL C 32 -30.19 -9.80 -19.36
CA VAL C 32 -31.65 -9.88 -19.25
C VAL C 32 -32.01 -9.65 -17.78
N LEU C 33 -32.80 -8.60 -17.54
CA LEU C 33 -33.33 -8.26 -16.21
C LEU C 33 -34.81 -8.51 -16.24
N THR C 34 -35.28 -9.48 -15.47
N THR C 34 -35.28 -9.48 -15.47
CA THR C 34 -36.70 -9.83 -15.38
CA THR C 34 -36.71 -9.82 -15.39
C THR C 34 -37.20 -9.44 -13.99
C THR C 34 -37.20 -9.44 -13.99
N LYS C 35 -38.26 -8.64 -13.94
CA LYS C 35 -38.82 -8.17 -12.65
C LYS C 35 -39.74 -9.27 -12.11
N CYS C 36 -39.34 -9.92 -11.03
CA CYS C 36 -40.19 -10.80 -10.20
C CYS C 36 -40.52 -10.05 -8.91
N GLY C 37 -41.43 -9.08 -9.00
CA GLY C 37 -41.77 -8.17 -7.90
C GLY C 37 -40.56 -7.48 -7.33
N SER C 38 -40.26 -7.75 -6.06
CA SER C 38 -39.27 -7.03 -5.25
C SER C 38 -37.85 -7.42 -5.64
N GLN C 39 -37.70 -8.47 -6.47
CA GLN C 39 -36.38 -8.94 -6.91
C GLN C 39 -36.28 -8.88 -8.44
N ILE C 40 -35.12 -8.49 -8.94
CA ILE C 40 -34.75 -8.59 -10.36
C ILE C 40 -33.94 -9.87 -10.55
N LEU C 41 -34.43 -10.78 -11.40
CA LEU C 41 -33.68 -11.96 -11.84
C LEU C 41 -32.84 -11.57 -13.05
N ALA C 42 -31.52 -11.68 -12.93
CA ALA C 42 -30.55 -11.20 -13.92
C ALA C 42 -29.84 -12.40 -14.51
N ASN C 43 -29.70 -12.39 -15.81
CA ASN C 43 -28.96 -13.41 -16.58
C ASN C 43 -27.95 -12.69 -17.45
N VAL C 44 -26.69 -13.06 -17.35
CA VAL C 44 -25.60 -12.31 -18.02
C VAL C 44 -24.61 -13.31 -18.68
N SER C 45 -24.09 -12.91 -19.83
CA SER C 45 -22.92 -13.53 -20.49
C SER C 45 -22.20 -12.46 -21.28
N LEU C 46 -20.99 -12.76 -21.74
CA LEU C 46 -20.18 -11.80 -22.48
C LEU C 46 -19.48 -12.50 -23.63
N ILE C 47 -19.56 -11.90 -24.80
CA ILE C 47 -18.81 -12.31 -26.01
C ILE C 47 -17.97 -11.12 -26.41
N VAL C 48 -16.66 -11.26 -26.41
CA VAL C 48 -15.77 -10.19 -26.94
C VAL C 48 -15.49 -10.52 -28.40
N VAL C 49 -15.84 -9.62 -29.30
CA VAL C 49 -15.82 -9.90 -30.76
C VAL C 49 -14.61 -9.22 -31.41
N ALA C 50 -13.97 -8.27 -30.73
CA ALA C 50 -12.91 -7.43 -31.34
C ALA C 50 -12.03 -6.81 -30.26
N GLY C 51 -10.94 -6.20 -30.69
CA GLY C 51 -10.05 -5.40 -29.83
C GLY C 51 -9.19 -6.29 -28.92
N ARG C 52 -8.65 -5.67 -27.89
CA ARG C 52 -7.57 -6.23 -27.05
C ARG C 52 -8.04 -7.46 -26.28
N TYR C 53 -9.34 -7.56 -25.95
CA TYR C 53 -9.83 -8.60 -25.01
C TYR C 53 -10.44 -9.78 -25.77
N LYS C 54 -10.43 -9.74 -27.11
CA LYS C 54 -11.08 -10.82 -27.91
C LYS C 54 -10.38 -12.16 -27.64
N ILE C 55 -9.06 -12.17 -27.75
CA ILE C 55 -8.20 -13.35 -27.51
C ILE C 55 -7.22 -13.00 -26.39
N ILE C 56 -7.35 -13.67 -25.25
CA ILE C 56 -6.43 -13.47 -24.10
C ILE C 56 -5.15 -14.26 -24.38
N ASN C 57 -4.01 -13.59 -24.32
CA ASN C 57 -2.70 -14.25 -24.32
C ASN C 57 -1.86 -13.60 -23.22
N ASN C 58 -1.80 -14.27 -22.07
CA ASN C 58 -1.12 -13.78 -20.85
C ASN C 58 0.38 -14.11 -20.93
N ASN C 59 0.84 -14.77 -21.98
CA ASN C 59 2.29 -14.86 -22.29
C ASN C 59 2.73 -13.52 -22.88
N THR C 60 2.01 -13.00 -23.88
CA THR C 60 2.34 -11.74 -24.56
C THR C 60 1.92 -10.57 -23.65
N ASN C 61 0.80 -10.69 -22.93
CA ASN C 61 0.19 -9.60 -22.09
C ASN C 61 -0.02 -10.13 -20.67
N PRO C 62 1.06 -10.32 -19.89
CA PRO C 62 0.93 -10.95 -18.58
C PRO C 62 0.10 -10.16 -17.57
N ALA C 63 -0.11 -8.86 -17.81
CA ALA C 63 -0.84 -7.94 -16.89
C ALA C 63 -2.32 -7.89 -17.24
N LEU C 64 -2.74 -8.53 -18.34
CA LEU C 64 -4.14 -8.46 -18.82
C LEU C 64 -4.99 -9.48 -18.05
N LYS C 65 -5.61 -9.07 -16.96
CA LYS C 65 -6.22 -10.00 -15.96
C LYS C 65 -7.64 -9.59 -15.59
N GLY C 66 -8.19 -8.60 -16.25
CA GLY C 66 -9.56 -8.20 -15.98
C GLY C 66 -9.92 -6.90 -16.64
N PHE C 67 -11.20 -6.59 -16.57
CA PHE C 67 -11.77 -5.37 -17.16
C PHE C 67 -13.15 -5.19 -16.54
N THR C 68 -13.75 -4.04 -16.79
CA THR C 68 -15.01 -3.62 -16.16
C THR C 68 -16.00 -3.17 -17.23
N ILE C 69 -17.25 -3.53 -17.03
CA ILE C 69 -18.39 -3.03 -17.83
C ILE C 69 -19.36 -2.38 -16.85
N LYS C 70 -19.65 -1.11 -17.03
CA LYS C 70 -20.51 -0.32 -16.11
C LYS C 70 -21.81 0.05 -16.83
N LEU C 71 -22.93 -0.17 -16.17
CA LEU C 71 -24.26 0.38 -16.51
C LEU C 71 -24.57 1.48 -15.51
N LEU C 72 -24.63 2.72 -15.96
CA LEU C 72 -25.00 3.88 -15.13
C LEU C 72 -26.41 4.29 -15.50
N PHE C 73 -27.24 4.57 -14.51
CA PHE C 73 -28.66 4.92 -14.71
C PHE C 73 -28.96 6.24 -14.02
N ASP C 74 -29.80 7.04 -14.66
CA ASP C 74 -30.26 8.33 -14.12
C ASP C 74 -31.44 8.05 -13.17
N LYS C 75 -32.05 9.11 -12.66
CA LYS C 75 -33.10 9.01 -11.61
C LYS C 75 -34.33 8.26 -12.13
N ASN C 76 -34.48 8.12 -13.46
CA ASN C 76 -35.65 7.41 -14.06
C ASN C 76 -35.29 5.97 -14.42
N GLY C 77 -34.05 5.54 -14.14
CA GLY C 77 -33.58 4.20 -14.50
C GLY C 77 -33.21 4.13 -15.97
N VAL C 78 -33.00 5.26 -16.61
CA VAL C 78 -32.58 5.35 -18.03
C VAL C 78 -31.04 5.21 -18.09
N LEU C 79 -30.56 4.33 -18.96
CA LEU C 79 -29.12 4.08 -19.17
C LEU C 79 -28.46 5.36 -19.67
N MET C 80 -27.38 5.78 -19.01
CA MET C 80 -26.62 7.00 -19.37
C MET C 80 -25.57 6.64 -20.42
N GLU C 81 -25.27 7.60 -21.29
N GLU C 81 -25.26 7.59 -21.29
CA GLU C 81 -24.25 7.56 -22.36
CA GLU C 81 -24.25 7.50 -22.37
C GLU C 81 -22.88 7.12 -21.80
C GLU C 81 -22.88 7.12 -21.79
N SER C 82 -22.60 7.44 -20.53
CA SER C 82 -21.26 7.17 -19.90
C SER C 82 -21.09 5.68 -19.60
N SER C 83 -22.14 4.87 -19.74
CA SER C 83 -22.10 3.40 -19.62
C SER C 83 -21.21 2.78 -20.70
N ASN C 84 -20.63 1.62 -20.41
CA ASN C 84 -19.93 0.78 -21.40
C ASN C 84 -20.96 0.22 -22.37
N LEU C 85 -22.14 -0.13 -21.87
CA LEU C 85 -23.24 -0.71 -22.68
C LEU C 85 -23.89 0.43 -23.49
N GLY C 86 -24.08 0.19 -24.79
CA GLY C 86 -24.74 1.15 -25.69
C GLY C 86 -26.23 1.21 -25.40
N LYS C 87 -26.81 2.39 -25.59
CA LYS C 87 -28.24 2.65 -25.29
C LYS C 87 -29.13 2.06 -26.38
N SER C 88 -28.66 1.92 -27.62
CA SER C 88 -29.47 1.65 -28.83
C SER C 88 -30.47 0.51 -28.63
N TYR C 89 -30.00 -0.61 -28.08
CA TYR C 89 -30.79 -1.88 -27.98
C TYR C 89 -30.81 -2.30 -26.53
N TRP C 90 -30.89 -1.33 -25.61
CA TRP C 90 -31.20 -1.57 -24.18
C TRP C 90 -32.59 -1.03 -23.90
N ASN C 91 -33.58 -1.91 -23.77
CA ASN C 91 -34.99 -1.50 -23.76
C ASN C 91 -35.84 -2.65 -23.23
N PHE C 92 -37.09 -2.36 -22.90
CA PHE C 92 -38.09 -3.39 -22.61
C PHE C 92 -38.20 -4.32 -23.81
N ARG C 93 -38.45 -5.57 -23.52
CA ARG C 93 -38.56 -6.65 -24.52
C ARG C 93 -39.82 -6.47 -25.35
N ASN C 94 -39.67 -6.76 -26.62
CA ASN C 94 -40.78 -7.15 -27.52
C ASN C 94 -40.29 -8.36 -28.34
N GLN C 95 -40.78 -9.55 -27.99
CA GLN C 95 -40.38 -10.85 -28.58
C GLN C 95 -38.87 -11.01 -28.51
N ASN C 96 -38.14 -11.11 -29.64
CA ASN C 96 -36.67 -11.21 -29.64
C ASN C 96 -36.03 -9.85 -29.85
N SER C 97 -36.81 -8.78 -29.81
CA SER C 97 -36.34 -7.40 -30.07
C SER C 97 -36.74 -6.52 -28.89
N ILE C 98 -36.95 -5.23 -29.17
CA ILE C 98 -37.21 -4.22 -28.10
C ILE C 98 -38.45 -3.45 -28.46
N MET C 99 -39.08 -2.86 -27.45
N MET C 99 -39.08 -2.85 -27.45
CA MET C 99 -40.15 -1.84 -27.63
CA MET C 99 -40.16 -1.85 -27.62
C MET C 99 -39.72 -0.83 -28.71
C MET C 99 -39.73 -0.84 -28.70
N SER C 100 -40.69 -0.36 -29.47
CA SER C 100 -40.50 0.54 -30.62
C SER C 100 -40.02 1.92 -30.19
N THR C 101 -40.17 2.30 -28.93
CA THR C 101 -39.68 3.62 -28.41
C THR C 101 -38.77 3.39 -27.21
N ALA C 102 -37.77 4.25 -27.02
CA ALA C 102 -36.85 4.22 -25.85
C ALA C 102 -37.67 4.41 -24.57
N TYR C 103 -37.46 3.60 -23.56
CA TYR C 103 -38.25 3.68 -22.31
C TYR C 103 -37.90 4.95 -21.57
N GLU C 104 -38.88 5.50 -20.85
CA GLU C 104 -38.69 6.72 -20.03
C GLU C 104 -38.51 6.39 -18.56
N LYS C 105 -39.04 5.27 -18.08
CA LYS C 105 -39.01 4.91 -16.63
C LYS C 105 -38.79 3.42 -16.47
N ALA C 106 -37.85 3.05 -15.61
CA ALA C 106 -37.56 1.65 -15.25
C ALA C 106 -37.07 1.58 -13.80
N ILE C 107 -37.65 2.37 -12.92
CA ILE C 107 -37.20 2.44 -11.50
C ILE C 107 -37.44 1.06 -10.84
N GLY C 108 -38.43 0.32 -11.30
CA GLY C 108 -38.74 -1.05 -10.85
C GLY C 108 -37.60 -2.04 -11.12
N PHE C 109 -36.64 -1.68 -11.95
CA PHE C 109 -35.50 -2.54 -12.35
C PHE C 109 -34.21 -2.09 -11.68
N MET C 110 -34.26 -0.96 -10.98
CA MET C 110 -33.04 -0.34 -10.41
C MET C 110 -32.71 -1.03 -9.10
N PRO C 111 -31.42 -1.19 -8.79
CA PRO C 111 -31.01 -1.79 -7.53
C PRO C 111 -31.42 -0.86 -6.38
N ASN C 112 -32.02 -1.47 -5.37
CA ASN C 112 -32.61 -0.78 -4.20
C ASN C 112 -31.50 0.04 -3.52
N LEU C 113 -31.77 1.33 -3.26
CA LEU C 113 -30.75 2.26 -2.69
C LEU C 113 -30.58 2.03 -1.17
N VAL C 114 -31.57 1.50 -0.47
CA VAL C 114 -31.39 1.18 0.98
C VAL C 114 -30.59 -0.13 1.08
N ALA C 115 -30.87 -1.13 0.23
CA ALA C 115 -30.09 -2.38 0.20
C ALA C 115 -28.64 -2.05 -0.21
N TYR C 116 -28.51 -1.18 -1.23
CA TYR C 116 -27.26 -0.90 -1.93
C TYR C 116 -27.05 0.61 -2.03
N PRO C 117 -26.62 1.27 -0.94
CA PRO C 117 -26.44 2.72 -0.96
C PRO C 117 -25.31 3.18 -1.88
N LYS C 118 -25.43 4.41 -2.37
CA LYS C 118 -24.36 5.12 -3.11
C LYS C 118 -23.17 5.30 -2.20
N PRO C 119 -21.95 5.43 -2.75
CA PRO C 119 -20.76 5.66 -1.93
C PRO C 119 -20.88 6.99 -1.18
N THR C 120 -20.61 7.01 0.11
CA THR C 120 -20.53 8.27 0.91
C THR C 120 -19.41 8.14 1.96
N THR C 121 -18.59 9.17 2.11
CA THR C 121 -17.67 9.32 3.28
C THR C 121 -18.50 9.27 4.58
N GLY C 122 -17.97 8.61 5.59
CA GLY C 122 -18.52 8.62 6.98
C GLY C 122 -19.61 7.58 7.20
N SER C 123 -20.06 6.86 6.16
CA SER C 123 -21.01 5.71 6.28
C SER C 123 -20.29 4.39 5.93
N LYS C 124 -20.67 3.31 6.61
CA LYS C 124 -19.99 1.99 6.45
C LYS C 124 -20.37 1.43 5.08
N LYS C 125 -19.38 1.00 4.29
CA LYS C 125 -19.64 0.32 3.00
C LYS C 125 -19.77 -1.18 3.27
N TYR C 126 -20.95 -1.75 3.08
CA TYR C 126 -21.22 -3.18 3.32
C TYR C 126 -21.08 -3.93 1.99
N ALA C 127 -20.65 -5.17 2.08
CA ALA C 127 -20.41 -6.04 0.92
C ALA C 127 -21.72 -6.58 0.34
N ARG C 128 -22.88 -6.35 0.97
CA ARG C 128 -24.09 -7.02 0.43
C ARG C 128 -24.50 -6.42 -0.93
N ASP C 129 -23.89 -5.31 -1.34
CA ASP C 129 -24.11 -4.72 -2.69
C ASP C 129 -23.25 -5.43 -3.75
N ILE C 130 -22.63 -6.56 -3.40
CA ILE C 130 -21.81 -7.37 -4.32
C ILE C 130 -22.42 -8.76 -4.45
N VAL C 131 -22.42 -9.29 -5.67
CA VAL C 131 -22.63 -10.73 -5.93
C VAL C 131 -21.44 -11.25 -6.73
N TYR C 132 -20.84 -12.33 -6.27
CA TYR C 132 -19.79 -13.05 -7.01
C TYR C 132 -20.39 -14.20 -7.80
N GLY C 133 -19.83 -14.44 -8.97
CA GLY C 133 -20.10 -15.64 -9.77
C GLY C 133 -18.86 -16.02 -10.56
N ASN C 134 -18.91 -17.19 -11.16
CA ASN C 134 -17.92 -17.66 -12.14
C ASN C 134 -18.64 -17.90 -13.46
N ILE C 135 -17.96 -17.57 -14.55
CA ILE C 135 -18.34 -18.02 -15.89
C ILE C 135 -17.08 -18.62 -16.52
N TYR C 136 -17.24 -19.34 -17.61
CA TYR C 136 -16.16 -20.20 -18.16
C TYR C 136 -15.94 -19.81 -19.61
N LEU C 137 -14.69 -19.50 -19.94
CA LEU C 137 -14.31 -19.15 -21.32
C LEU C 137 -14.46 -20.40 -22.19
N GLY C 138 -15.18 -20.27 -23.28
CA GLY C 138 -15.37 -21.34 -24.28
C GLY C 138 -16.15 -22.50 -23.70
N GLY C 139 -16.79 -22.31 -22.56
CA GLY C 139 -17.54 -23.40 -21.90
C GLY C 139 -16.63 -24.43 -21.27
N LYS C 140 -15.35 -24.15 -21.16
CA LYS C 140 -14.37 -25.16 -20.68
C LYS C 140 -14.28 -25.09 -19.15
N PRO C 141 -14.42 -26.21 -18.45
CA PRO C 141 -14.57 -26.20 -16.99
C PRO C 141 -13.31 -25.68 -16.26
N HIS C 142 -12.16 -25.71 -16.87
CA HIS C 142 -10.89 -25.21 -16.25
C HIS C 142 -10.48 -23.86 -16.84
N GLN C 143 -11.41 -23.11 -17.41
CA GLN C 143 -11.16 -21.70 -17.82
C GLN C 143 -12.12 -20.77 -17.10
N PRO C 144 -12.13 -20.76 -15.75
CA PRO C 144 -12.98 -19.86 -15.00
C PRO C 144 -12.55 -18.41 -15.16
N VAL C 145 -13.52 -17.53 -15.13
CA VAL C 145 -13.30 -16.10 -14.82
C VAL C 145 -14.32 -15.70 -13.78
N THR C 146 -13.89 -14.84 -12.87
N THR C 146 -13.89 -14.84 -12.87
CA THR C 146 -14.76 -14.28 -11.83
CA THR C 146 -14.76 -14.28 -11.82
C THR C 146 -15.53 -13.12 -12.45
C THR C 146 -15.53 -13.13 -12.44
N ILE C 147 -16.85 -13.14 -12.29
N ILE C 147 -16.84 -13.15 -12.29
CA ILE C 147 -17.72 -11.98 -12.57
CA ILE C 147 -17.70 -11.96 -12.58
C ILE C 147 -18.19 -11.46 -11.23
C ILE C 147 -18.20 -11.46 -11.24
N LYS C 148 -17.72 -10.29 -10.86
CA LYS C 148 -18.17 -9.57 -9.66
C LYS C 148 -19.15 -8.50 -10.10
N THR C 149 -20.35 -8.55 -9.55
CA THR C 149 -21.41 -7.57 -9.84
C THR C 149 -21.58 -6.69 -8.61
N THR C 150 -21.51 -5.39 -8.77
CA THR C 150 -21.70 -4.42 -7.67
C THR C 150 -22.83 -3.47 -8.02
N PHE C 151 -23.71 -3.20 -7.07
CA PHE C 151 -24.88 -2.31 -7.25
C PHE C 151 -24.60 -0.96 -6.62
N ASN C 152 -24.85 0.09 -7.40
CA ASN C 152 -24.95 1.49 -6.94
C ASN C 152 -23.63 1.93 -6.31
N GLN C 153 -22.49 1.53 -6.87
CA GLN C 153 -21.18 2.02 -6.34
C GLN C 153 -20.52 3.00 -7.29
N GLU C 154 -21.13 3.33 -8.40
CA GLU C 154 -20.57 4.32 -9.36
C GLU C 154 -21.03 5.72 -8.97
N THR C 155 -20.20 6.72 -9.21
CA THR C 155 -20.56 8.15 -9.06
C THR C 155 -21.15 8.65 -10.36
N GLY C 156 -21.77 9.84 -10.34
CA GLY C 156 -22.30 10.51 -11.55
C GLY C 156 -23.54 9.81 -12.07
N CYS C 157 -24.35 9.24 -11.19
CA CYS C 157 -25.56 8.51 -11.59
C CYS C 157 -26.41 8.28 -10.37
N GLU C 158 -27.66 7.89 -10.55
CA GLU C 158 -28.57 7.59 -9.44
C GLU C 158 -28.42 6.12 -9.04
N TYR C 159 -28.25 5.23 -10.03
CA TYR C 159 -28.14 3.78 -9.84
C TYR C 159 -27.04 3.26 -10.77
N SER C 160 -26.46 2.12 -10.46
CA SER C 160 -25.44 1.48 -11.30
C SER C 160 -25.42 -0.02 -11.09
N ILE C 161 -25.08 -0.73 -12.15
CA ILE C 161 -24.65 -2.14 -12.11
C ILE C 161 -23.27 -2.19 -12.75
N THR C 162 -22.30 -2.67 -12.01
CA THR C 162 -20.90 -2.77 -12.45
C THR C 162 -20.53 -4.25 -12.52
N PHE C 163 -20.01 -4.67 -13.65
CA PHE C 163 -19.49 -6.03 -13.86
C PHE C 163 -17.97 -5.95 -13.94
N ASP C 164 -17.29 -6.52 -12.95
CA ASP C 164 -15.81 -6.61 -12.92
C ASP C 164 -15.45 -8.05 -13.27
N PHE C 165 -14.80 -8.26 -14.42
CA PHE C 165 -14.34 -9.58 -14.87
C PHE C 165 -12.87 -9.69 -14.53
N SER C 166 -12.46 -10.81 -13.95
CA SER C 166 -11.04 -11.03 -13.59
C SER C 166 -10.70 -12.52 -13.70
N TRP C 167 -9.43 -12.82 -13.88
CA TRP C 167 -8.96 -14.21 -13.84
C TRP C 167 -7.56 -14.24 -13.25
N ALA C 168 -7.16 -15.37 -12.70
CA ALA C 168 -5.83 -15.56 -12.08
C ALA C 168 -4.99 -16.56 -12.90
N LYS C 169 -5.61 -17.26 -13.83
CA LYS C 169 -4.89 -18.26 -14.64
C LYS C 169 -4.18 -17.53 -15.77
N THR C 170 -3.11 -18.10 -16.28
CA THR C 170 -2.40 -17.61 -17.48
C THR C 170 -3.09 -18.22 -18.69
N TYR C 171 -3.99 -17.49 -19.31
CA TYR C 171 -4.74 -17.95 -20.50
C TYR C 171 -3.91 -17.61 -21.74
N VAL C 172 -3.69 -18.62 -22.57
CA VAL C 172 -2.88 -18.51 -23.80
C VAL C 172 -3.78 -18.76 -25.01
N ASN C 173 -4.07 -17.71 -25.76
CA ASN C 173 -4.88 -17.74 -27.00
C ASN C 173 -6.24 -18.30 -26.70
N VAL C 174 -6.90 -17.75 -25.70
CA VAL C 174 -8.26 -18.19 -25.27
C VAL C 174 -9.23 -17.06 -25.65
N GLU C 175 -10.22 -17.39 -26.46
CA GLU C 175 -11.27 -16.42 -26.89
C GLU C 175 -12.12 -16.07 -25.68
N PHE C 176 -12.30 -14.79 -25.42
CA PHE C 176 -13.12 -14.31 -24.27
C PHE C 176 -14.58 -14.32 -24.69
N GLU C 177 -15.20 -15.46 -24.57
CA GLU C 177 -16.66 -15.63 -24.78
C GLU C 177 -17.12 -16.66 -23.75
N THR C 178 -18.16 -16.32 -23.00
CA THR C 178 -18.41 -16.94 -21.69
C THR C 178 -19.70 -17.76 -21.66
N THR C 179 -19.77 -18.65 -20.69
CA THR C 179 -21.01 -19.26 -20.20
C THR C 179 -21.86 -18.17 -19.54
N SER C 180 -23.09 -18.52 -19.18
CA SER C 180 -24.07 -17.58 -18.59
C SER C 180 -24.06 -17.74 -17.07
N PHE C 181 -24.40 -16.68 -16.39
CA PHE C 181 -24.55 -16.66 -14.93
C PHE C 181 -25.88 -15.97 -14.60
N THR C 182 -26.56 -16.47 -13.59
CA THR C 182 -27.81 -15.93 -13.07
C THR C 182 -27.57 -15.43 -11.65
N PHE C 183 -28.08 -14.25 -11.35
CA PHE C 183 -28.13 -13.69 -9.98
C PHE C 183 -29.41 -12.91 -9.83
N SER C 184 -29.65 -12.38 -8.64
CA SER C 184 -30.79 -11.49 -8.39
C SER C 184 -30.32 -10.31 -7.55
N TYR C 185 -31.13 -9.27 -7.49
CA TYR C 185 -30.92 -8.15 -6.59
C TYR C 185 -32.26 -7.57 -6.21
N ILE C 186 -32.27 -6.84 -5.10
CA ILE C 186 -33.48 -6.22 -4.52
C ILE C 186 -33.78 -4.97 -5.36
N ALA C 187 -35.03 -4.84 -5.80
CA ALA C 187 -35.47 -3.73 -6.68
C ALA C 187 -35.80 -2.50 -5.82
N GLN C 188 -35.55 -1.33 -6.39
CA GLN C 188 -35.85 -0.01 -5.77
C GLN C 188 -37.35 0.10 -5.45
N GLU C 189 -38.21 -0.38 -6.35
CA GLU C 189 -39.69 -0.36 -6.10
C GLU C 189 -40.31 -1.56 -6.80
N ASN D 3 20.38 35.18 -49.25
CA ASN D 3 20.31 35.02 -47.78
C ASN D 3 18.95 35.45 -47.22
N ASN D 4 17.96 35.70 -48.06
CA ASN D 4 16.58 36.01 -47.60
C ASN D 4 15.97 34.74 -47.01
N ASP D 5 15.46 34.81 -45.78
CA ASP D 5 14.93 33.65 -45.04
C ASP D 5 13.44 33.91 -44.77
N LYS D 6 12.58 33.49 -45.71
CA LYS D 6 11.11 33.71 -45.68
C LYS D 6 10.45 32.66 -44.75
N LEU D 7 11.24 31.86 -44.04
CA LEU D 7 10.69 30.97 -43.00
C LEU D 7 10.88 31.59 -41.61
N THR D 8 11.52 32.76 -41.51
CA THR D 8 11.66 33.51 -40.24
C THR D 8 11.17 34.95 -40.42
N LEU D 9 10.16 35.30 -39.63
CA LEU D 9 9.66 36.67 -39.46
C LEU D 9 10.10 37.13 -38.07
N TRP D 10 10.89 38.20 -37.98
CA TRP D 10 11.52 38.55 -36.70
C TRP D 10 11.78 40.05 -36.57
N THR D 11 12.16 40.43 -35.35
CA THR D 11 12.56 41.80 -34.96
C THR D 11 14.05 42.07 -35.12
N THR D 12 14.83 41.11 -35.58
CA THR D 12 16.30 41.10 -35.47
C THR D 12 16.65 40.92 -34.01
N PRO D 13 17.76 40.21 -33.72
CA PRO D 13 18.15 39.95 -32.35
C PRO D 13 18.96 41.05 -31.65
N ASP D 14 19.08 42.25 -32.26
CA ASP D 14 19.86 43.34 -31.64
C ASP D 14 19.04 43.93 -30.48
N THR D 15 19.57 44.93 -29.79
CA THR D 15 18.95 45.52 -28.57
C THR D 15 18.32 46.89 -28.89
N SER D 16 18.31 47.30 -30.16
CA SER D 16 17.75 48.59 -30.60
C SER D 16 16.25 48.63 -30.33
N PRO D 17 15.75 49.63 -29.59
CA PRO D 17 14.33 49.66 -29.23
C PRO D 17 13.45 49.70 -30.47
N ASN D 18 12.36 48.96 -30.45
CA ASN D 18 11.48 48.74 -31.63
C ASN D 18 10.01 48.81 -31.21
N CYS D 19 9.72 49.18 -29.98
CA CYS D 19 8.40 48.95 -29.38
C CYS D 19 8.02 50.11 -28.46
N ARG D 20 6.75 50.47 -28.47
CA ARG D 20 6.15 51.52 -27.60
C ARG D 20 5.20 50.80 -26.64
N ILE D 21 5.53 50.74 -25.36
CA ILE D 21 4.59 50.28 -24.30
C ILE D 21 3.86 51.52 -23.80
N ASP D 22 4.63 52.49 -23.33
CA ASP D 22 4.16 53.75 -22.71
C ASP D 22 4.52 54.93 -23.62
N GLN D 23 5.73 54.96 -24.16
CA GLN D 23 6.22 56.05 -25.06
C GLN D 23 7.06 55.45 -26.20
N ASP D 24 7.27 56.23 -27.24
CA ASP D 24 7.99 55.80 -28.47
C ASP D 24 9.30 55.13 -28.06
N LYS D 25 9.58 53.97 -28.62
CA LYS D 25 10.91 53.31 -28.54
C LYS D 25 11.32 53.16 -27.06
N ASP D 26 10.41 52.76 -26.17
CA ASP D 26 10.76 52.57 -24.75
C ASP D 26 11.18 51.10 -24.52
N SER D 27 11.11 50.25 -25.53
CA SER D 27 11.37 48.80 -25.32
C SER D 27 11.89 48.12 -26.59
N LYS D 28 12.61 47.04 -26.37
CA LYS D 28 12.96 46.05 -27.42
C LYS D 28 12.19 44.78 -27.14
N LEU D 29 11.18 44.50 -27.96
CA LEU D 29 10.57 43.18 -28.06
C LEU D 29 11.40 42.36 -29.02
N THR D 30 12.06 41.32 -28.52
CA THR D 30 12.74 40.36 -29.41
C THR D 30 11.77 39.23 -29.68
N LEU D 31 11.24 39.17 -30.90
CA LEU D 31 10.23 38.18 -31.28
C LEU D 31 10.70 37.52 -32.56
N VAL D 32 10.85 36.21 -32.50
CA VAL D 32 11.25 35.38 -33.66
C VAL D 32 10.11 34.39 -33.91
N LEU D 33 9.56 34.44 -35.11
CA LEU D 33 8.51 33.51 -35.58
C LEU D 33 9.14 32.67 -36.67
N THR D 34 9.26 31.38 -36.43
CA THR D 34 9.81 30.44 -37.41
C THR D 34 8.69 29.52 -37.87
N LYS D 35 8.47 29.45 -39.19
CA LYS D 35 7.39 28.62 -39.75
C LYS D 35 7.89 27.18 -39.85
N CYS D 36 7.35 26.29 -39.04
N CYS D 36 7.36 26.28 -39.04
CA CYS D 36 7.49 24.81 -39.20
CA CYS D 36 7.49 24.81 -39.20
C CYS D 36 6.16 24.27 -39.73
C CYS D 36 6.16 24.27 -39.73
N GLY D 37 5.92 24.47 -41.02
CA GLY D 37 4.65 24.11 -41.68
C GLY D 37 3.46 24.74 -40.97
N SER D 38 2.57 23.91 -40.45
CA SER D 38 1.26 24.37 -39.95
C SER D 38 1.40 24.93 -38.52
N GLN D 39 2.60 24.94 -37.95
CA GLN D 39 2.86 25.57 -36.64
C GLN D 39 3.93 26.65 -36.76
N ILE D 40 3.73 27.75 -36.04
CA ILE D 40 4.74 28.82 -35.87
C ILE D 40 5.42 28.58 -34.53
N LEU D 41 6.73 28.40 -34.54
CA LEU D 41 7.57 28.33 -33.32
C LEU D 41 7.98 29.77 -32.98
N ALA D 42 7.58 30.24 -31.81
CA ALA D 42 7.74 31.65 -31.39
C ALA D 42 8.69 31.70 -30.20
N ASN D 43 9.61 32.64 -30.25
CA ASN D 43 10.56 32.91 -29.17
C ASN D 43 10.48 34.40 -28.84
N VAL D 44 10.25 34.74 -27.58
CA VAL D 44 9.99 36.14 -27.18
C VAL D 44 10.76 36.49 -25.90
N SER D 45 11.23 37.72 -25.84
CA SER D 45 11.75 38.38 -24.61
C SER D 45 11.47 39.86 -24.72
N LEU D 46 11.61 40.58 -23.62
CA LEU D 46 11.34 42.02 -23.58
C LEU D 46 12.41 42.71 -22.75
N ILE D 47 12.95 43.79 -23.28
CA ILE D 47 13.83 44.74 -22.57
C ILE D 47 13.12 46.09 -22.60
N VAL D 48 12.80 46.64 -21.44
CA VAL D 48 12.26 48.02 -21.37
C VAL D 48 13.45 48.94 -21.11
N VAL D 49 13.69 49.90 -21.99
CA VAL D 49 14.91 50.75 -21.97
C VAL D 49 14.60 52.13 -21.45
N ALA D 50 13.32 52.52 -21.36
CA ALA D 50 12.92 53.89 -20.99
C ALA D 50 11.47 53.92 -20.52
N GLY D 51 11.06 55.05 -19.98
CA GLY D 51 9.65 55.33 -19.64
C GLY D 51 9.25 54.65 -18.34
N ARG D 52 7.97 54.53 -18.11
CA ARG D 52 7.41 54.20 -16.78
C ARG D 52 7.67 52.75 -16.44
N TYR D 53 7.90 51.86 -17.42
CA TYR D 53 8.03 50.40 -17.16
C TYR D 53 9.49 50.00 -17.07
N LYS D 54 10.43 50.91 -17.22
CA LYS D 54 11.87 50.56 -17.25
C LYS D 54 12.28 49.97 -15.88
N ILE D 55 11.94 50.68 -14.81
CA ILE D 55 12.27 50.28 -13.41
C ILE D 55 10.98 50.19 -12.64
N ILE D 56 10.59 48.99 -12.23
CA ILE D 56 9.35 48.77 -11.44
C ILE D 56 9.66 49.12 -9.99
N ASN D 57 8.87 49.98 -9.40
CA ASN D 57 8.90 50.21 -7.93
C ASN D 57 7.46 50.22 -7.43
N ASN D 58 7.02 49.09 -6.86
CA ASN D 58 5.64 48.85 -6.39
C ASN D 58 5.47 49.42 -4.97
N ASN D 59 6.54 49.97 -4.38
CA ASN D 59 6.41 50.82 -3.17
C ASN D 59 5.87 52.19 -3.57
N THR D 60 6.47 52.81 -4.59
CA THR D 60 6.08 54.13 -5.12
C THR D 60 4.74 53.97 -5.90
N ASN D 61 4.62 52.90 -6.68
CA ASN D 61 3.51 52.67 -7.65
C ASN D 61 2.88 51.31 -7.37
N PRO D 62 2.13 51.15 -6.27
CA PRO D 62 1.64 49.82 -5.88
C PRO D 62 0.67 49.19 -6.89
N ALA D 63 0.06 49.99 -7.78
CA ALA D 63 -0.96 49.53 -8.75
C ALA D 63 -0.29 49.16 -10.08
N LEU D 64 1.01 49.35 -10.23
CA LEU D 64 1.73 49.07 -11.49
C LEU D 64 2.04 47.57 -11.58
N LYS D 65 1.17 46.78 -12.20
CA LYS D 65 1.23 45.30 -12.10
C LYS D 65 1.15 44.63 -13.48
N GLY D 66 1.20 45.39 -14.56
CA GLY D 66 1.19 44.79 -15.90
C GLY D 66 1.05 45.80 -17.01
N PHE D 67 1.18 45.33 -18.24
CA PHE D 67 1.02 46.14 -19.45
C PHE D 67 0.89 45.18 -20.62
N THR D 68 0.56 45.73 -21.78
CA THR D 68 0.24 44.94 -22.98
C THR D 68 1.06 45.44 -24.15
N ILE D 69 1.48 44.51 -24.98
CA ILE D 69 2.11 44.77 -26.30
C ILE D 69 1.27 44.02 -27.33
N LYS D 70 0.74 44.75 -28.30
CA LYS D 70 -0.18 44.21 -29.33
C LYS D 70 0.52 44.26 -30.68
N LEU D 71 0.46 43.16 -31.40
CA LEU D 71 0.80 43.07 -32.83
C LEU D 71 -0.52 42.87 -33.58
N LEU D 72 -0.92 43.86 -34.36
CA LEU D 72 -2.13 43.81 -35.18
C LEU D 72 -1.71 43.62 -36.62
N PHE D 73 -2.37 42.72 -37.33
CA PHE D 73 -2.03 42.37 -38.72
C PHE D 73 -3.24 42.53 -39.61
N ASP D 74 -3.02 43.00 -40.82
CA ASP D 74 -4.08 43.14 -41.86
C ASP D 74 -4.25 41.78 -42.55
N LYS D 75 -5.09 41.73 -43.57
CA LYS D 75 -5.51 40.45 -44.22
C LYS D 75 -4.30 39.78 -44.89
N ASN D 76 -3.19 40.51 -45.11
CA ASN D 76 -1.98 39.97 -45.77
C ASN D 76 -0.93 39.56 -44.74
N GLY D 77 -1.24 39.72 -43.45
CA GLY D 77 -0.29 39.42 -42.37
C GLY D 77 0.72 40.53 -42.21
N VAL D 78 0.43 41.71 -42.73
CA VAL D 78 1.32 42.91 -42.61
C VAL D 78 0.99 43.59 -41.30
N LEU D 79 2.04 43.92 -40.54
CA LEU D 79 1.93 44.60 -39.23
C LEU D 79 1.33 45.98 -39.45
N MET D 80 0.28 46.31 -38.71
CA MET D 80 -0.41 47.62 -38.79
C MET D 80 0.30 48.62 -37.88
N GLU D 81 0.30 49.89 -38.30
CA GLU D 81 0.97 51.02 -37.61
C GLU D 81 0.42 51.15 -36.18
N SER D 82 -0.80 50.73 -35.92
CA SER D 82 -1.47 50.86 -34.59
C SER D 82 -0.87 49.87 -33.57
N SER D 83 -0.03 48.92 -34.02
CA SER D 83 0.66 47.94 -33.13
C SER D 83 1.62 48.69 -32.20
N ASN D 84 1.91 48.10 -31.05
CA ASN D 84 2.97 48.58 -30.15
C ASN D 84 4.33 48.38 -30.81
N LEU D 85 4.50 47.30 -31.56
CA LEU D 85 5.74 47.00 -32.30
C LEU D 85 5.85 47.88 -33.55
N GLY D 86 7.00 48.50 -33.76
CA GLY D 86 7.30 49.34 -34.94
C GLY D 86 7.46 48.48 -36.17
N LYS D 87 7.04 48.98 -37.32
CA LYS D 87 7.05 48.22 -38.59
C LYS D 87 8.47 48.12 -39.16
N SER D 88 9.34 49.11 -38.91
CA SER D 88 10.55 49.29 -39.75
C SER D 88 11.52 48.11 -39.53
N TYR D 89 11.53 47.43 -38.38
CA TYR D 89 12.48 46.31 -38.12
C TYR D 89 11.71 45.02 -37.87
N TRP D 90 10.50 44.90 -38.41
CA TRP D 90 9.72 43.66 -38.38
C TRP D 90 9.61 43.14 -39.81
N ASN D 91 10.35 42.09 -40.13
CA ASN D 91 10.48 41.64 -41.53
C ASN D 91 11.05 40.22 -41.54
N PHE D 92 11.00 39.59 -42.70
CA PHE D 92 11.71 38.33 -42.97
C PHE D 92 13.18 38.56 -42.71
N ARG D 93 13.81 37.51 -42.18
CA ARG D 93 15.23 37.51 -41.80
C ARG D 93 16.11 37.61 -43.04
N ASN D 94 17.17 38.37 -42.91
CA ASN D 94 18.38 38.26 -43.74
C ASN D 94 19.59 38.33 -42.79
N GLN D 95 20.23 37.19 -42.54
CA GLN D 95 21.38 37.02 -41.61
C GLN D 95 20.95 37.50 -40.22
N ASN D 96 21.60 38.50 -39.64
CA ASN D 96 21.21 39.06 -38.31
C ASN D 96 20.35 40.31 -38.50
N SER D 97 19.91 40.58 -39.72
CA SER D 97 19.11 41.77 -40.06
C SER D 97 17.82 41.32 -40.73
N ILE D 98 17.27 42.18 -41.56
CA ILE D 98 15.97 41.94 -42.24
C ILE D 98 16.17 42.10 -43.72
N MET D 99 15.26 41.53 -44.50
CA MET D 99 15.16 41.78 -45.96
C MET D 99 15.13 43.30 -46.18
N SER D 100 15.73 43.77 -47.25
CA SER D 100 15.89 45.22 -47.55
C SER D 100 14.53 45.83 -47.92
N THR D 101 13.54 45.00 -48.26
CA THR D 101 12.20 45.42 -48.74
C THR D 101 11.13 44.94 -47.75
N ALA D 102 10.16 45.78 -47.42
CA ALA D 102 9.06 45.45 -46.50
C ALA D 102 8.24 44.31 -47.11
N TYR D 103 7.91 43.29 -46.34
CA TYR D 103 7.16 42.14 -46.87
C TYR D 103 5.73 42.57 -47.20
N GLU D 104 5.13 41.94 -48.20
CA GLU D 104 3.74 42.19 -48.64
C GLU D 104 2.81 41.09 -48.16
N LYS D 105 3.31 39.87 -47.90
CA LYS D 105 2.47 38.71 -47.52
C LYS D 105 3.19 37.86 -46.48
N ALA D 106 2.51 37.51 -45.41
CA ALA D 106 3.00 36.59 -44.36
C ALA D 106 1.82 35.83 -43.75
N ILE D 107 0.85 35.43 -44.57
CA ILE D 107 -0.39 34.76 -44.06
C ILE D 107 0.02 33.42 -43.42
N GLY D 108 1.11 32.81 -43.89
CA GLY D 108 1.67 31.58 -43.33
C GLY D 108 2.13 31.72 -41.88
N PHE D 109 2.25 32.95 -41.38
CA PHE D 109 2.75 33.26 -40.02
C PHE D 109 1.60 33.69 -39.12
N MET D 110 0.41 33.84 -39.68
CA MET D 110 -0.74 34.41 -38.94
C MET D 110 -1.38 33.30 -38.12
N PRO D 111 -1.89 33.62 -36.92
CA PRO D 111 -2.58 32.64 -36.11
C PRO D 111 -3.88 32.21 -36.81
N ASN D 112 -4.09 30.92 -36.85
CA ASN D 112 -5.19 30.25 -37.56
C ASN D 112 -6.54 30.79 -37.02
N LEU D 113 -7.42 31.24 -37.90
CA LEU D 113 -8.71 31.89 -37.51
C LEU D 113 -9.73 30.84 -37.06
N VAL D 114 -9.64 29.58 -37.52
CA VAL D 114 -10.61 28.58 -36.98
C VAL D 114 -10.12 28.09 -35.61
N ALA D 115 -8.81 27.96 -35.39
CA ALA D 115 -8.26 27.63 -34.05
C ALA D 115 -8.56 28.79 -33.11
N TYR D 116 -8.38 30.02 -33.59
CA TYR D 116 -8.39 31.25 -32.79
C TYR D 116 -9.30 32.29 -33.47
N PRO D 117 -10.63 32.16 -33.34
CA PRO D 117 -11.55 33.09 -33.99
C PRO D 117 -11.47 34.51 -33.43
N LYS D 118 -11.81 35.49 -34.28
CA LYS D 118 -12.00 36.89 -33.88
C LYS D 118 -13.14 36.97 -32.87
N PRO D 119 -13.15 38.00 -31.99
CA PRO D 119 -14.23 38.16 -31.02
C PRO D 119 -15.56 38.36 -31.75
N THR D 120 -16.60 37.64 -31.37
CA THR D 120 -17.99 37.90 -31.84
C THR D 120 -18.96 37.64 -30.68
N THR D 121 -19.91 38.54 -30.46
CA THR D 121 -21.06 38.30 -29.55
C THR D 121 -21.83 37.06 -30.07
N GLY D 122 -22.29 36.24 -29.15
CA GLY D 122 -23.25 35.12 -29.43
C GLY D 122 -22.56 33.84 -29.89
N SER D 123 -21.24 33.84 -30.08
CA SER D 123 -20.40 32.63 -30.28
C SER D 123 -19.48 32.42 -29.06
N LYS D 124 -19.19 31.17 -28.72
CA LYS D 124 -18.47 30.83 -27.46
C LYS D 124 -17.00 31.25 -27.60
N LYS D 125 -16.46 32.01 -26.65
CA LYS D 125 -15.02 32.35 -26.62
C LYS D 125 -14.30 31.23 -25.86
N TYR D 126 -13.45 30.48 -26.54
CA TYR D 126 -12.67 29.36 -25.93
C TYR D 126 -11.29 29.88 -25.56
N ALA D 127 -10.73 29.30 -24.51
CA ALA D 127 -9.42 29.69 -23.95
C ALA D 127 -8.26 29.13 -24.82
N ARG D 128 -8.51 28.32 -25.83
CA ARG D 128 -7.37 27.68 -26.54
C ARG D 128 -6.61 28.73 -27.37
N ASP D 129 -7.15 29.93 -27.54
CA ASP D 129 -6.45 31.06 -28.20
C ASP D 129 -5.49 31.76 -27.23
N ILE D 130 -5.26 31.18 -26.04
CA ILE D 130 -4.32 31.72 -25.04
C ILE D 130 -3.21 30.70 -24.78
N VAL D 131 -1.99 31.18 -24.62
CA VAL D 131 -0.84 30.43 -24.04
C VAL D 131 -0.29 31.22 -22.88
N TYR D 132 -0.14 30.59 -21.73
CA TYR D 132 0.54 31.19 -20.56
C TYR D 132 1.99 30.75 -20.52
N GLY D 133 2.85 31.66 -20.08
CA GLY D 133 4.25 31.38 -19.76
C GLY D 133 4.67 32.25 -18.59
N ASN D 134 5.84 31.96 -18.04
CA ASN D 134 6.58 32.83 -17.10
C ASN D 134 7.90 33.23 -17.74
N ILE D 135 8.30 34.44 -17.49
CA ILE D 135 9.68 34.90 -17.73
C ILE D 135 10.14 35.58 -16.44
N TYR D 136 11.43 35.83 -16.31
CA TYR D 136 12.06 36.23 -15.04
C TYR D 136 12.80 37.53 -15.27
N LEU D 137 12.50 38.54 -14.45
CA LEU D 137 13.18 39.85 -14.53
C LEU D 137 14.63 39.65 -14.08
N GLY D 138 15.56 40.11 -14.90
CA GLY D 138 17.00 40.10 -14.60
C GLY D 138 17.53 38.68 -14.54
N GLY D 139 16.77 37.70 -15.03
CA GLY D 139 17.18 36.29 -14.95
C GLY D 139 17.12 35.75 -13.54
N LYS D 140 16.49 36.46 -12.61
CA LYS D 140 16.49 36.05 -11.18
C LYS D 140 15.32 35.09 -10.95
N PRO D 141 15.58 33.94 -10.31
CA PRO D 141 14.57 32.88 -10.23
C PRO D 141 13.33 33.29 -9.42
N HIS D 142 13.44 34.28 -8.53
N HIS D 142 13.44 34.27 -8.50
CA HIS D 142 12.33 34.72 -7.66
CA HIS D 142 12.27 34.69 -7.70
C HIS D 142 11.74 36.04 -8.17
C HIS D 142 11.75 36.04 -8.17
N GLN D 143 11.96 36.39 -9.44
CA GLN D 143 11.31 37.58 -10.06
C GLN D 143 10.49 37.14 -11.26
N PRO D 144 9.50 36.25 -11.06
CA PRO D 144 8.64 35.82 -12.16
C PRO D 144 7.71 36.97 -12.61
N VAL D 145 7.42 37.00 -13.89
CA VAL D 145 6.26 37.70 -14.45
C VAL D 145 5.53 36.75 -15.39
N THR D 146 4.22 36.84 -15.40
CA THR D 146 3.38 36.08 -16.34
C THR D 146 3.39 36.77 -17.68
N ILE D 147 3.68 36.02 -18.75
CA ILE D 147 3.45 36.48 -20.15
C ILE D 147 2.30 35.66 -20.70
N LYS D 148 1.17 36.31 -20.89
CA LYS D 148 -0.05 35.70 -21.47
C LYS D 148 -0.11 36.13 -22.92
N THR D 149 -0.12 35.17 -23.83
CA THR D 149 -0.17 35.43 -25.28
C THR D 149 -1.56 35.02 -25.76
N THR D 150 -2.24 35.91 -26.45
CA THR D 150 -3.60 35.65 -26.98
C THR D 150 -3.59 35.92 -28.48
N PHE D 151 -4.21 35.01 -29.23
CA PHE D 151 -4.28 35.08 -30.71
C PHE D 151 -5.65 35.60 -31.13
N ASN D 152 -5.63 36.59 -32.02
CA ASN D 152 -6.78 37.04 -32.81
C ASN D 152 -7.91 37.52 -31.88
N GLN D 153 -7.59 38.20 -30.78
CA GLN D 153 -8.66 38.75 -29.90
C GLN D 153 -8.74 40.27 -30.01
N GLU D 154 -7.93 40.91 -30.84
CA GLU D 154 -8.00 42.38 -31.03
C GLU D 154 -9.00 42.68 -32.15
N THR D 155 -9.73 43.79 -32.03
CA THR D 155 -10.59 44.31 -33.11
C THR D 155 -9.75 45.24 -34.01
N GLY D 156 -10.27 45.60 -35.17
CA GLY D 156 -9.64 46.54 -36.13
C GLY D 156 -8.44 45.91 -36.80
N CYS D 157 -8.49 44.61 -37.05
CA CYS D 157 -7.40 43.88 -37.71
C CYS D 157 -7.93 42.54 -38.16
N GLU D 158 -7.18 41.84 -39.00
CA GLU D 158 -7.57 40.49 -39.44
C GLU D 158 -7.01 39.45 -38.45
N TYR D 159 -5.80 39.66 -37.97
CA TYR D 159 -5.09 38.76 -37.05
C TYR D 159 -4.40 39.60 -35.97
N SER D 160 -4.13 39.00 -34.83
CA SER D 160 -3.41 39.68 -33.75
C SER D 160 -2.66 38.68 -32.88
N ILE D 161 -1.54 39.13 -32.36
CA ILE D 161 -0.83 38.51 -31.23
C ILE D 161 -0.74 39.57 -30.13
N THR D 162 -1.28 39.26 -28.97
CA THR D 162 -1.29 40.16 -27.80
C THR D 162 -0.45 39.52 -26.72
N PHE D 163 0.49 40.28 -26.18
CA PHE D 163 1.32 39.89 -25.02
C PHE D 163 0.86 40.73 -23.84
N ASP D 164 0.24 40.08 -22.85
CA ASP D 164 -0.13 40.69 -21.56
C ASP D 164 0.91 40.27 -20.53
N PHE D 165 1.67 41.23 -20.02
CA PHE D 165 2.68 40.99 -18.96
C PHE D 165 2.04 41.40 -17.64
N SER D 166 2.17 40.56 -16.62
CA SER D 166 1.62 40.88 -15.28
C SER D 166 2.51 40.27 -14.21
N TRP D 167 2.46 40.82 -13.01
CA TRP D 167 3.18 40.21 -11.87
C TRP D 167 2.36 40.41 -10.62
N ALA D 168 2.58 39.52 -9.65
CA ALA D 168 1.82 39.47 -8.39
C ALA D 168 2.80 39.57 -7.22
N LYS D 169 4.01 40.06 -7.44
CA LYS D 169 4.99 40.37 -6.37
C LYS D 169 5.17 41.88 -6.31
N THR D 170 5.58 42.40 -5.16
CA THR D 170 5.95 43.82 -4.98
C THR D 170 7.41 43.97 -5.39
N TYR D 171 7.66 44.38 -6.62
CA TYR D 171 9.02 44.57 -7.16
C TYR D 171 9.46 45.98 -6.84
N VAL D 172 10.64 46.07 -6.23
CA VAL D 172 11.23 47.34 -5.76
C VAL D 172 12.53 47.57 -6.53
N ASN D 173 12.50 48.55 -7.43
CA ASN D 173 13.66 49.01 -8.21
C ASN D 173 14.18 47.81 -9.02
N VAL D 174 13.30 47.16 -9.75
CA VAL D 174 13.65 45.98 -10.60
C VAL D 174 13.52 46.41 -12.06
N GLU D 175 14.61 46.30 -12.79
CA GLU D 175 14.66 46.63 -14.24
C GLU D 175 13.81 45.60 -14.99
N PHE D 176 12.88 46.05 -15.80
CA PHE D 176 11.99 45.16 -16.57
C PHE D 176 12.72 44.72 -17.84
N GLU D 177 13.53 43.68 -17.69
CA GLU D 177 14.24 43.04 -18.81
C GLU D 177 14.25 41.54 -18.51
N THR D 178 13.82 40.72 -19.47
CA THR D 178 13.28 39.38 -19.16
C THR D 178 14.13 38.27 -19.76
N THR D 179 13.98 37.09 -19.20
CA THR D 179 14.36 35.82 -19.83
C THR D 179 13.47 35.58 -21.04
N SER D 180 13.79 34.56 -21.82
CA SER D 180 13.09 34.23 -23.07
C SER D 180 12.06 33.14 -22.81
N PHE D 181 11.00 33.14 -23.59
CA PHE D 181 9.96 32.11 -23.56
C PHE D 181 9.70 31.63 -24.98
N THR D 182 9.47 30.34 -25.12
CA THR D 182 9.14 29.70 -26.42
C THR D 182 7.73 29.14 -26.34
N PHE D 183 6.95 29.37 -27.38
CA PHE D 183 5.61 28.77 -27.53
C PHE D 183 5.41 28.49 -29.02
N SER D 184 4.30 27.88 -29.36
CA SER D 184 3.89 27.70 -30.77
C SER D 184 2.41 28.05 -30.90
N TYR D 185 1.98 28.27 -32.12
CA TYR D 185 0.55 28.41 -32.43
C TYR D 185 0.31 27.85 -33.82
N ILE D 186 -0.95 27.53 -34.07
CA ILE D 186 -1.41 26.93 -35.35
C ILE D 186 -1.46 28.05 -36.39
N ALA D 187 -0.86 27.83 -37.55
CA ALA D 187 -0.75 28.83 -38.62
C ALA D 187 -2.03 28.81 -39.46
N GLN D 188 -2.39 29.98 -39.97
CA GLN D 188 -3.57 30.16 -40.87
C GLN D 188 -3.43 29.29 -42.13
N GLU D 189 -2.24 29.20 -42.70
CA GLU D 189 -1.97 28.36 -43.89
C GLU D 189 -0.55 27.84 -43.82
N ASN E 1 26.89 9.62 -47.02
CA ASN E 1 25.91 8.65 -46.46
C ASN E 1 24.50 9.25 -46.48
N LYS E 2 23.56 8.54 -47.15
CA LYS E 2 22.19 8.98 -47.55
C LYS E 2 21.40 9.50 -46.34
N ASN E 3 21.67 8.92 -45.16
CA ASN E 3 20.83 9.06 -43.94
C ASN E 3 21.48 10.05 -42.98
N ASN E 4 22.51 10.80 -43.39
CA ASN E 4 23.09 11.88 -42.55
C ASN E 4 22.07 13.00 -42.43
N ASP E 5 21.78 13.42 -41.21
CA ASP E 5 20.78 14.47 -40.91
C ASP E 5 21.51 15.64 -40.28
N LYS E 6 21.97 16.59 -41.12
CA LYS E 6 22.76 17.76 -40.67
C LYS E 6 21.81 18.86 -40.14
N LEU E 7 20.54 18.55 -39.98
CA LEU E 7 19.56 19.45 -39.33
C LEU E 7 19.30 18.97 -37.90
N THR E 8 19.95 17.88 -37.44
CA THR E 8 19.90 17.45 -36.03
C THR E 8 21.31 17.26 -35.50
N LEU E 9 21.64 17.97 -34.42
CA LEU E 9 22.85 17.78 -33.62
C LEU E 9 22.38 17.19 -32.29
N TRP E 10 22.85 16.01 -31.91
CA TRP E 10 22.28 15.31 -30.73
C TRP E 10 23.27 14.38 -30.07
N THR E 11 22.87 13.89 -28.91
CA THR E 11 23.58 12.90 -28.08
C THR E 11 23.20 11.46 -28.42
N THR E 12 22.32 11.23 -29.39
CA THR E 12 21.63 9.96 -29.62
C THR E 12 20.67 9.75 -28.46
N PRO E 13 19.53 9.10 -28.72
CA PRO E 13 18.53 8.87 -27.68
C PRO E 13 18.76 7.66 -26.77
N ASP E 14 19.91 6.99 -26.85
CA ASP E 14 20.18 5.80 -26.02
C ASP E 14 20.46 6.29 -24.59
N THR E 15 20.73 5.36 -23.70
CA THR E 15 20.89 5.55 -22.25
C THR E 15 22.38 5.48 -21.86
N SER E 16 23.29 5.33 -22.81
CA SER E 16 24.74 5.23 -22.57
C SER E 16 25.24 6.53 -21.95
N PRO E 17 25.92 6.50 -20.79
CA PRO E 17 26.39 7.73 -20.15
C PRO E 17 27.33 8.50 -21.08
N ASN E 18 27.20 9.81 -21.13
CA ASN E 18 27.94 10.69 -22.06
C ASN E 18 28.41 11.95 -21.35
N CYS E 19 28.28 12.03 -20.05
CA CYS E 19 28.39 13.30 -19.33
C CYS E 19 29.03 13.09 -17.96
N ARG E 20 29.86 14.04 -17.55
CA ARG E 20 30.53 14.08 -16.23
C ARG E 20 29.95 15.27 -15.47
N ILE E 21 29.17 15.03 -14.43
CA ILE E 21 28.72 16.09 -13.48
C ILE E 21 29.74 16.15 -12.36
N ASP E 22 29.95 15.01 -11.71
CA ASP E 22 30.86 14.87 -10.56
C ASP E 22 32.06 14.00 -10.96
N GLN E 23 31.82 12.91 -11.68
CA GLN E 23 32.88 11.96 -12.11
C GLN E 23 32.59 11.48 -13.53
N ASP E 24 33.59 10.90 -14.16
CA ASP E 24 33.55 10.45 -15.57
C ASP E 24 32.28 9.63 -15.79
N LYS E 25 31.51 9.94 -16.83
CA LYS E 25 30.40 9.08 -17.31
C LYS E 25 29.43 8.77 -16.16
N ASP E 26 29.08 9.76 -15.36
CA ASP E 26 28.12 9.54 -14.25
C ASP E 26 26.70 9.85 -14.73
N SER E 27 26.51 10.32 -15.96
CA SER E 27 25.18 10.75 -16.42
C SER E 27 24.99 10.63 -17.93
N LYS E 28 23.74 10.52 -18.32
CA LYS E 28 23.30 10.65 -19.72
C LYS E 28 22.50 11.94 -19.85
N LEU E 29 23.09 12.94 -20.47
CA LEU E 29 22.37 14.13 -20.94
C LEU E 29 21.83 13.79 -22.31
N THR E 30 20.51 13.69 -22.44
CA THR E 30 19.86 13.51 -23.76
C THR E 30 19.50 14.89 -24.26
N LEU E 31 20.22 15.35 -25.27
CA LEU E 31 20.05 16.70 -25.82
C LEU E 31 19.93 16.56 -27.32
N VAL E 32 18.81 17.05 -27.83
CA VAL E 32 18.51 17.04 -29.28
C VAL E 32 18.31 18.49 -29.70
N LEU E 33 19.14 18.94 -30.63
CA LEU E 33 19.07 20.26 -31.23
C LEU E 33 18.63 20.07 -32.67
N THR E 34 17.43 20.56 -33.01
CA THR E 34 16.92 20.46 -34.37
C THR E 34 16.84 21.87 -34.95
N LYS E 35 17.48 22.07 -36.11
CA LYS E 35 17.55 23.40 -36.73
C LYS E 35 16.27 23.62 -37.53
N CYS E 36 15.43 24.54 -37.06
CA CYS E 36 14.29 25.10 -37.82
C CYS E 36 14.67 26.51 -38.28
N GLY E 37 15.53 26.60 -39.29
CA GLY E 37 16.12 27.84 -39.77
C GLY E 37 16.78 28.62 -38.65
N SER E 38 16.25 29.82 -38.38
N SER E 38 16.26 29.81 -38.38
CA SER E 38 16.90 30.80 -37.47
CA SER E 38 16.86 30.82 -37.48
C SER E 38 16.69 30.41 -36.00
C SER E 38 16.69 30.41 -36.00
N GLN E 39 15.91 29.37 -35.73
CA GLN E 39 15.69 28.88 -34.35
C GLN E 39 16.14 27.43 -34.21
N ILE E 40 16.78 27.12 -33.11
CA ILE E 40 17.10 25.72 -32.71
C ILE E 40 16.02 25.29 -31.74
N LEU E 41 15.31 24.22 -32.07
CA LEU E 41 14.36 23.55 -31.14
C LEU E 41 15.16 22.53 -30.33
N ALA E 42 15.18 22.70 -29.02
CA ALA E 42 16.03 21.92 -28.11
C ALA E 42 15.15 21.09 -27.20
N ASN E 43 15.51 19.83 -27.03
CA ASN E 43 14.82 18.88 -26.14
C ASN E 43 15.88 18.29 -25.22
N VAL E 44 15.67 18.34 -23.92
CA VAL E 44 16.70 17.94 -22.94
C VAL E 44 16.06 17.12 -21.81
N SER E 45 16.82 16.14 -21.33
CA SER E 45 16.55 15.38 -20.10
C SER E 45 17.87 14.92 -19.53
N LEU E 46 17.87 14.46 -18.30
CA LEU E 46 19.10 14.02 -17.62
C LEU E 46 18.79 12.75 -16.84
N ILE E 47 19.65 11.76 -16.98
CA ILE E 47 19.71 10.55 -16.13
C ILE E 47 21.06 10.53 -15.47
N VAL E 48 21.12 10.57 -14.17
CA VAL E 48 22.39 10.38 -13.42
C VAL E 48 22.46 8.91 -13.07
N VAL E 49 23.49 8.22 -13.55
CA VAL E 49 23.59 6.74 -13.43
C VAL E 49 24.56 6.36 -12.32
N ALA E 50 25.40 7.27 -11.84
CA ALA E 50 26.46 6.94 -10.85
C ALA E 50 26.94 8.20 -10.15
N GLY E 51 27.78 8.03 -9.13
CA GLY E 51 28.45 9.12 -8.42
C GLY E 51 27.53 9.83 -7.45
N ARG E 52 27.94 11.00 -7.00
CA ARG E 52 27.33 11.67 -5.83
C ARG E 52 25.91 12.17 -6.15
N TYR E 53 25.56 12.42 -7.43
CA TYR E 53 24.26 13.03 -7.78
C TYR E 53 23.26 11.97 -8.23
N LYS E 54 23.61 10.69 -8.19
CA LYS E 54 22.69 9.61 -8.64
C LYS E 54 21.46 9.60 -7.73
N ILE E 55 21.67 9.59 -6.43
CA ILE E 55 20.59 9.56 -5.40
C ILE E 55 20.75 10.80 -4.52
N ILE E 56 19.80 11.71 -4.57
CA ILE E 56 19.81 12.93 -3.72
C ILE E 56 19.31 12.53 -2.33
N ASN E 57 20.07 12.86 -1.30
CA ASN E 57 19.56 12.77 0.09
C ASN E 57 19.93 14.06 0.82
N ASN E 58 18.95 14.95 0.95
CA ASN E 58 19.11 16.30 1.55
C ASN E 58 18.99 16.20 3.07
N ASN E 59 18.76 15.02 3.62
CA ASN E 59 18.95 14.76 5.08
C ASN E 59 20.44 14.65 5.36
N THR E 60 21.15 13.84 4.58
CA THR E 60 22.60 13.62 4.75
C THR E 60 23.35 14.84 4.20
N ASN E 61 22.88 15.43 3.11
CA ASN E 61 23.56 16.55 2.38
C ASN E 61 22.60 17.72 2.24
N PRO E 62 22.27 18.44 3.33
CA PRO E 62 21.22 19.46 3.29
C PRO E 62 21.53 20.65 2.39
N ALA E 63 22.79 20.87 2.05
CA ALA E 63 23.25 22.02 1.22
C ALA E 63 23.27 21.66 -0.27
N LEU E 64 23.04 20.38 -0.61
CA LEU E 64 23.15 19.90 -2.00
C LEU E 64 21.84 20.25 -2.73
N LYS E 65 21.87 21.36 -3.47
CA LYS E 65 20.64 21.91 -4.09
C LYS E 65 20.85 22.20 -5.57
N GLY E 66 21.96 21.80 -6.17
CA GLY E 66 22.13 22.02 -7.62
C GLY E 66 23.43 21.50 -8.15
N PHE E 67 23.57 21.56 -9.47
CA PHE E 67 24.84 21.29 -10.17
C PHE E 67 24.70 21.84 -11.58
N THR E 68 25.81 21.85 -12.32
CA THR E 68 25.88 22.48 -13.65
C THR E 68 26.44 21.49 -14.66
N ILE E 69 25.90 21.53 -15.87
CA ILE E 69 26.45 20.84 -17.06
C ILE E 69 26.72 21.90 -18.11
N LYS E 70 27.96 22.04 -18.54
CA LYS E 70 28.39 23.07 -19.50
C LYS E 70 28.78 22.38 -20.81
N LEU E 71 28.25 22.91 -21.92
CA LEU E 71 28.75 22.63 -23.29
C LEU E 71 29.47 23.87 -23.77
N LEU E 72 30.79 23.77 -23.94
CA LEU E 72 31.62 24.86 -24.45
C LEU E 72 31.97 24.53 -25.90
N PHE E 73 31.86 25.53 -26.77
CA PHE E 73 32.09 25.35 -28.21
C PHE E 73 33.14 26.34 -28.68
N ASP E 74 33.98 25.88 -29.60
CA ASP E 74 34.98 26.74 -30.28
C ASP E 74 34.30 27.50 -31.42
N LYS E 75 35.09 28.25 -32.19
CA LYS E 75 34.59 29.18 -33.22
C LYS E 75 33.87 28.40 -34.34
N ASN E 76 34.06 27.09 -34.43
CA ASN E 76 33.41 26.25 -35.49
C ASN E 76 32.17 25.54 -34.94
N GLY E 77 31.85 25.77 -33.67
CA GLY E 77 30.71 25.13 -33.01
C GLY E 77 31.06 23.71 -32.59
N VAL E 78 32.36 23.40 -32.52
CA VAL E 78 32.84 22.05 -32.10
C VAL E 78 32.91 22.05 -30.57
N LEU E 79 32.36 20.98 -29.98
CA LEU E 79 32.35 20.79 -28.52
C LEU E 79 33.79 20.63 -28.04
N MET E 80 34.18 21.40 -27.03
CA MET E 80 35.54 21.34 -26.44
C MET E 80 35.59 20.22 -25.38
N GLU E 81 36.74 19.55 -25.28
N GLU E 81 36.75 19.56 -25.28
CA GLU E 81 36.93 18.35 -24.41
CA GLU E 81 37.03 18.37 -24.42
C GLU E 81 36.69 18.73 -22.94
C GLU E 81 36.70 18.73 -22.94
N SER E 82 36.92 19.98 -22.58
CA SER E 82 36.77 20.51 -21.21
C SER E 82 35.29 20.63 -20.80
N SER E 83 34.35 20.46 -21.71
CA SER E 83 32.87 20.45 -21.43
C SER E 83 32.53 19.31 -20.50
N ASN E 84 31.42 19.40 -19.78
CA ASN E 84 30.86 18.26 -19.01
C ASN E 84 30.39 17.15 -19.98
N LEU E 85 29.84 17.53 -21.12
CA LEU E 85 29.37 16.56 -22.15
C LEU E 85 30.57 16.00 -22.92
N GLY E 86 30.64 14.69 -23.06
CA GLY E 86 31.67 13.96 -23.84
C GLY E 86 31.48 14.19 -25.32
N LYS E 87 32.58 14.24 -26.06
CA LYS E 87 32.58 14.57 -27.50
C LYS E 87 32.11 13.38 -28.33
N SER E 88 32.34 12.14 -27.90
CA SER E 88 32.39 10.98 -28.84
C SER E 88 30.99 10.73 -29.45
N TYR E 89 29.90 11.01 -28.73
CA TYR E 89 28.51 10.75 -29.19
C TYR E 89 27.73 12.03 -29.29
N TRP E 90 28.42 13.15 -29.53
CA TRP E 90 27.78 14.45 -29.81
C TRP E 90 28.08 14.80 -31.26
N ASN E 91 27.10 14.65 -32.13
CA ASN E 91 27.32 14.68 -33.58
C ASN E 91 25.98 14.85 -34.28
N PHE E 92 26.04 15.18 -35.58
CA PHE E 92 24.88 15.14 -36.47
C PHE E 92 24.29 13.74 -36.44
N ARG E 93 22.98 13.69 -36.52
CA ARG E 93 22.18 12.46 -36.51
C ARG E 93 22.44 11.62 -37.76
N ASN E 94 22.50 10.33 -37.54
CA ASN E 94 22.26 9.31 -38.58
C ASN E 94 21.37 8.23 -37.94
N GLN E 95 20.09 8.22 -38.32
CA GLN E 95 19.04 7.31 -37.78
C GLN E 95 18.99 7.47 -36.27
N ASN E 96 19.23 6.41 -35.48
CA ASN E 96 19.24 6.52 -34.00
C ASN E 96 20.66 6.69 -33.47
N SER E 97 21.61 6.93 -34.35
CA SER E 97 23.04 7.05 -34.02
C SER E 97 23.57 8.38 -34.56
N ILE E 98 24.86 8.43 -34.88
CA ILE E 98 25.53 9.66 -35.31
C ILE E 98 26.22 9.44 -36.63
N MET E 99 26.51 10.52 -37.34
N MET E 99 26.50 10.53 -37.34
CA MET E 99 27.41 10.54 -38.52
CA MET E 99 27.41 10.54 -38.52
C MET E 99 28.70 9.80 -38.13
C MET E 99 28.70 9.80 -38.13
N SER E 100 29.32 9.12 -39.06
CA SER E 100 30.46 8.20 -38.82
C SER E 100 31.73 8.98 -38.44
N THR E 101 31.78 10.28 -38.74
CA THR E 101 32.94 11.16 -38.56
C THR E 101 32.52 12.36 -37.70
N ALA E 102 33.40 12.83 -36.83
CA ALA E 102 33.14 14.01 -35.96
C ALA E 102 32.91 15.23 -36.85
N TYR E 103 31.90 16.02 -36.59
CA TYR E 103 31.59 17.20 -37.43
C TYR E 103 32.70 18.24 -37.24
N GLU E 104 32.93 19.02 -38.29
CA GLU E 104 33.95 20.09 -38.31
C GLU E 104 33.30 21.46 -38.11
N LYS E 105 32.01 21.63 -38.47
CA LYS E 105 31.33 22.94 -38.42
C LYS E 105 29.87 22.71 -38.01
N ALA E 106 29.38 23.48 -37.04
CA ALA E 106 27.98 23.45 -36.60
C ALA E 106 27.57 24.85 -36.13
N ILE E 107 28.02 25.87 -36.84
CA ILE E 107 27.74 27.29 -36.48
C ILE E 107 26.24 27.54 -36.57
N GLY E 108 25.52 26.81 -37.44
CA GLY E 108 24.05 26.91 -37.57
C GLY E 108 23.32 26.48 -36.33
N PHE E 109 23.99 25.82 -35.37
CA PHE E 109 23.38 25.30 -34.13
C PHE E 109 23.85 26.11 -32.93
N MET E 110 24.73 27.07 -33.15
CA MET E 110 25.32 27.85 -32.04
C MET E 110 24.32 28.95 -31.67
N PRO E 111 24.25 29.30 -30.37
CA PRO E 111 23.39 30.40 -29.94
C PRO E 111 23.92 31.70 -30.51
N ASN E 112 23.01 32.48 -31.07
CA ASN E 112 23.30 33.74 -31.79
C ASN E 112 24.05 34.68 -30.86
N LEU E 113 25.17 35.25 -31.31
CA LEU E 113 26.02 36.10 -30.46
C LEU E 113 25.44 37.52 -30.30
N VAL E 114 24.62 37.99 -31.23
CA VAL E 114 23.96 39.31 -31.06
C VAL E 114 22.79 39.13 -30.08
N ALA E 115 22.03 38.04 -30.18
CA ALA E 115 20.96 37.75 -29.21
C ALA E 115 21.57 37.54 -27.82
N TYR E 116 22.67 36.79 -27.79
CA TYR E 116 23.29 36.26 -26.55
C TYR E 116 24.78 36.55 -26.57
N PRO E 117 25.21 37.78 -26.26
CA PRO E 117 26.63 38.13 -26.29
C PRO E 117 27.45 37.40 -25.22
N LYS E 118 28.74 37.20 -25.53
CA LYS E 118 29.74 36.67 -24.60
C LYS E 118 29.89 37.63 -23.41
N PRO E 119 30.37 37.11 -22.27
CA PRO E 119 30.62 37.92 -21.10
C PRO E 119 31.60 39.04 -21.33
N THR E 120 32.62 38.98 -22.21
CA THR E 120 33.53 40.12 -22.40
C THR E 120 33.07 40.95 -23.60
N THR E 121 31.83 41.44 -23.52
CA THR E 121 31.28 42.53 -24.38
C THR E 121 31.18 43.80 -23.54
N GLY E 122 31.26 44.96 -24.19
CA GLY E 122 31.17 46.31 -23.60
C GLY E 122 29.74 46.78 -23.31
N SER E 123 28.74 45.92 -23.53
CA SER E 123 27.30 46.24 -23.41
C SER E 123 26.66 45.44 -22.27
N LYS E 124 25.59 46.00 -21.70
CA LYS E 124 24.74 45.44 -20.65
C LYS E 124 24.39 43.98 -20.89
N LYS E 125 24.55 43.16 -19.87
CA LYS E 125 24.14 41.74 -19.84
C LYS E 125 22.63 41.65 -19.57
N TYR E 126 21.89 41.19 -20.56
CA TYR E 126 20.41 41.09 -20.51
C TYR E 126 20.07 39.65 -20.20
N ALA E 127 18.92 39.45 -19.57
CA ALA E 127 18.44 38.13 -19.14
C ALA E 127 17.89 37.32 -20.34
N ARG E 128 17.79 37.88 -21.53
CA ARG E 128 17.16 37.13 -22.64
C ARG E 128 18.05 35.97 -23.08
N ASP E 129 19.30 35.89 -22.63
CA ASP E 129 20.20 34.74 -22.87
C ASP E 129 19.91 33.62 -21.88
N ILE E 130 18.84 33.69 -21.12
CA ILE E 130 18.40 32.63 -20.18
C ILE E 130 17.02 32.12 -20.58
N VAL E 131 16.81 30.81 -20.49
CA VAL E 131 15.45 30.22 -20.44
C VAL E 131 15.35 29.37 -19.20
N TYR E 132 14.28 29.54 -18.45
CA TYR E 132 13.92 28.71 -17.29
C TYR E 132 12.95 27.64 -17.72
N GLY E 133 13.09 26.48 -17.11
CA GLY E 133 12.13 25.37 -17.24
C GLY E 133 12.12 24.54 -16.01
N ASN E 134 11.18 23.61 -15.93
CA ASN E 134 11.10 22.60 -14.86
C ASN E 134 11.17 21.23 -15.50
N ILE E 135 11.82 20.31 -14.80
CA ILE E 135 11.72 18.86 -15.09
C ILE E 135 11.46 18.19 -13.75
N TYR E 136 11.03 16.94 -13.77
CA TYR E 136 10.48 16.24 -12.59
C TYR E 136 11.25 14.94 -12.39
N LEU E 137 11.81 14.77 -11.19
CA LEU E 137 12.56 13.54 -10.85
C LEU E 137 11.59 12.37 -10.80
N GLY E 138 11.91 11.32 -11.52
CA GLY E 138 11.15 10.06 -11.53
C GLY E 138 9.78 10.25 -12.15
N GLY E 139 9.56 11.38 -12.84
CA GLY E 139 8.25 11.68 -13.44
C GLY E 139 7.21 12.03 -12.40
N LYS E 140 7.61 12.29 -11.16
CA LYS E 140 6.67 12.53 -10.04
C LYS E 140 6.34 14.03 -10.02
N PRO E 141 5.04 14.38 -10.00
CA PRO E 141 4.63 15.77 -10.18
C PRO E 141 5.10 16.71 -9.05
N HIS E 142 5.40 16.17 -7.86
N HIS E 142 5.42 16.18 -7.88
CA HIS E 142 5.86 16.97 -6.71
CA HIS E 142 5.84 16.94 -6.69
C HIS E 142 7.36 16.82 -6.49
C HIS E 142 7.36 16.83 -6.49
N GLN E 143 8.12 16.44 -7.52
CA GLN E 143 9.60 16.43 -7.46
C GLN E 143 10.15 17.33 -8.56
N PRO E 144 9.78 18.63 -8.57
CA PRO E 144 10.31 19.55 -9.55
C PRO E 144 11.79 19.83 -9.31
N VAL E 145 12.50 20.05 -10.40
CA VAL E 145 13.81 20.73 -10.37
C VAL E 145 13.79 21.79 -11.46
N THR E 146 14.41 22.91 -11.17
CA THR E 146 14.58 24.01 -12.13
C THR E 146 15.76 23.66 -13.02
N ILE E 147 15.55 23.72 -14.33
CA ILE E 147 16.65 23.69 -15.32
C ILE E 147 16.73 25.08 -15.93
N LYS E 148 17.80 25.78 -15.61
CA LYS E 148 18.10 27.11 -16.15
C LYS E 148 19.13 26.92 -17.25
N THR E 149 18.80 27.37 -18.45
CA THR E 149 19.67 27.24 -19.62
C THR E 149 20.16 28.64 -19.97
N THR E 150 21.46 28.82 -20.08
CA THR E 150 22.07 30.12 -20.40
C THR E 150 22.95 29.96 -21.62
N PHE E 151 22.84 30.90 -22.55
CA PHE E 151 23.58 30.89 -23.83
C PHE E 151 24.74 31.85 -23.76
N ASN E 152 25.92 31.35 -24.12
CA ASN E 152 27.12 32.15 -24.42
C ASN E 152 27.53 32.95 -23.18
N GLN E 153 27.41 32.39 -21.99
CA GLN E 153 27.87 33.08 -20.78
C GLN E 153 29.11 32.44 -20.17
N GLU E 154 29.70 31.44 -20.81
CA GLU E 154 30.98 30.84 -20.35
C GLU E 154 32.15 31.60 -20.96
N THR E 155 33.24 31.76 -20.22
CA THR E 155 34.51 32.29 -20.78
C THR E 155 35.32 31.13 -21.37
N GLY E 156 36.35 31.44 -22.16
CA GLY E 156 37.28 30.45 -22.72
C GLY E 156 36.63 29.60 -23.80
N CYS E 157 35.73 30.18 -24.56
CA CYS E 157 35.03 29.49 -25.66
C CYS E 157 34.35 30.57 -26.52
N GLU E 158 33.89 30.21 -27.70
CA GLU E 158 33.21 31.15 -28.61
C GLU E 158 31.72 31.13 -28.30
N TYR E 159 31.16 29.96 -28.03
CA TYR E 159 29.73 29.75 -27.74
C TYR E 159 29.63 28.81 -26.55
N SER E 160 28.48 28.82 -25.88
CA SER E 160 28.23 27.90 -24.75
C SER E 160 26.76 27.70 -24.55
N ILE E 161 26.41 26.52 -24.09
CA ILE E 161 25.09 26.21 -23.49
C ILE E 161 25.37 25.68 -22.09
N THR E 162 24.84 26.35 -21.09
CA THR E 162 25.01 25.98 -19.67
C THR E 162 23.66 25.55 -19.12
N PHE E 163 23.60 24.38 -18.51
CA PHE E 163 22.42 23.87 -17.80
C PHE E 163 22.73 23.92 -16.31
N ASP E 164 22.02 24.81 -15.59
CA ASP E 164 22.08 24.87 -14.11
C ASP E 164 20.85 24.18 -13.58
N PHE E 165 21.02 23.07 -12.88
CA PHE E 165 19.94 22.31 -12.22
C PHE E 165 19.92 22.75 -10.77
N SER E 166 18.75 23.02 -10.24
CA SER E 166 18.58 23.38 -8.83
C SER E 166 17.24 22.85 -8.35
N TRP E 167 17.11 22.67 -7.05
CA TRP E 167 15.81 22.31 -6.45
C TRP E 167 15.67 22.99 -5.09
N ALA E 168 14.44 23.16 -4.67
CA ALA E 168 14.07 23.97 -3.50
C ALA E 168 13.29 23.11 -2.50
N LYS E 169 13.34 21.80 -2.62
CA LYS E 169 12.66 20.81 -1.75
C LYS E 169 13.75 19.91 -1.14
N THR E 170 13.46 19.29 -0.01
CA THR E 170 14.32 18.28 0.64
C THR E 170 14.02 16.93 0.00
N TYR E 171 14.84 16.51 -0.95
CA TYR E 171 14.70 15.19 -1.61
C TYR E 171 15.48 14.17 -0.78
N VAL E 172 14.80 13.10 -0.38
CA VAL E 172 15.35 12.03 0.45
C VAL E 172 15.36 10.73 -0.35
N ASN E 173 16.55 10.30 -0.78
CA ASN E 173 16.78 9.06 -1.54
C ASN E 173 15.96 9.11 -2.83
N VAL E 174 16.12 10.19 -3.58
CA VAL E 174 15.41 10.39 -4.86
C VAL E 174 16.45 10.29 -5.97
N GLU E 175 16.23 9.35 -6.89
CA GLU E 175 17.09 9.12 -8.06
C GLU E 175 16.98 10.34 -8.97
N PHE E 176 18.10 10.92 -9.35
CA PHE E 176 18.15 12.08 -10.24
C PHE E 176 18.04 11.61 -11.69
N GLU E 177 16.83 11.36 -12.13
CA GLU E 177 16.54 11.02 -13.54
C GLU E 177 15.21 11.70 -13.89
N THR E 178 15.19 12.47 -14.96
CA THR E 178 14.22 13.56 -15.17
C THR E 178 13.29 13.30 -16.34
N THR E 179 12.16 14.01 -16.31
CA THR E 179 11.29 14.27 -17.47
C THR E 179 12.04 15.15 -18.46
N SER E 180 11.45 15.35 -19.62
CA SER E 180 12.04 16.12 -20.73
C SER E 180 11.49 17.55 -20.71
N PHE E 181 12.27 18.47 -21.21
CA PHE E 181 11.89 19.88 -21.37
C PHE E 181 12.28 20.31 -22.78
N THR E 182 11.42 21.11 -23.40
CA THR E 182 11.67 21.70 -24.74
C THR E 182 11.81 23.21 -24.60
N PHE E 183 12.79 23.77 -25.27
CA PHE E 183 12.98 25.22 -25.41
C PHE E 183 13.50 25.49 -26.81
N SER E 184 13.68 26.75 -27.15
CA SER E 184 14.32 27.14 -28.42
C SER E 184 15.29 28.27 -28.14
N TYR E 185 16.18 28.53 -29.08
CA TYR E 185 17.05 29.71 -29.03
C TYR E 185 17.34 30.15 -30.45
N ILE E 186 17.75 31.39 -30.58
CA ILE E 186 18.07 32.03 -31.87
C ILE E 186 19.44 31.50 -32.31
N ALA E 187 19.54 31.03 -33.55
CA ALA E 187 20.77 30.43 -34.12
C ALA E 187 21.68 31.52 -34.64
N GLN E 188 22.98 31.30 -34.54
CA GLN E 188 24.03 32.22 -35.05
C GLN E 188 23.86 32.45 -36.56
N GLU E 189 23.53 31.42 -37.32
CA GLU E 189 23.28 31.56 -38.79
C GLU E 189 22.24 30.54 -39.22
N LYS F 6 8.24 18.78 -42.68
CA LYS F 6 7.45 19.98 -43.09
C LYS F 6 5.94 19.66 -42.96
N LEU F 7 5.58 18.44 -42.51
CA LEU F 7 4.19 17.97 -42.57
C LEU F 7 3.50 18.09 -41.19
N THR F 8 2.18 18.09 -41.28
CA THR F 8 1.25 18.31 -40.15
C THR F 8 0.24 17.18 -40.09
N LEU F 9 0.24 16.49 -38.96
CA LEU F 9 -0.78 15.51 -38.56
C LEU F 9 -1.63 16.17 -37.46
N TRP F 10 -2.93 16.31 -37.66
CA TRP F 10 -3.75 17.10 -36.73
C TRP F 10 -5.19 16.64 -36.67
N THR F 11 -5.91 17.20 -35.70
CA THR F 11 -7.35 16.97 -35.45
C THR F 11 -8.25 17.97 -36.20
N THR F 12 -7.70 18.85 -36.99
CA THR F 12 -8.39 20.05 -37.51
C THR F 12 -8.67 20.95 -36.31
N PRO F 13 -8.59 22.27 -36.52
CA PRO F 13 -8.72 23.22 -35.41
C PRO F 13 -10.16 23.62 -35.06
N ASP F 14 -11.18 22.94 -35.61
CA ASP F 14 -12.60 23.32 -35.36
C ASP F 14 -12.95 22.86 -33.94
N THR F 15 -14.18 23.09 -33.50
CA THR F 15 -14.62 22.78 -32.11
C THR F 15 -15.52 21.53 -32.09
N SER F 16 -15.68 20.85 -33.22
CA SER F 16 -16.50 19.62 -33.34
C SER F 16 -15.89 18.52 -32.48
N PRO F 17 -16.67 17.90 -31.58
CA PRO F 17 -16.14 16.88 -30.69
C PRO F 17 -15.53 15.71 -31.48
N ASN F 18 -14.39 15.20 -31.02
CA ASN F 18 -13.62 14.14 -31.70
C ASN F 18 -13.12 13.09 -30.71
N CYS F 19 -13.55 13.16 -29.47
CA CYS F 19 -12.85 12.47 -28.37
C CYS F 19 -13.84 11.98 -27.32
N ARG F 20 -13.55 10.83 -26.73
CA ARG F 20 -14.30 10.23 -25.62
C ARG F 20 -13.40 10.26 -24.39
N ILE F 21 -13.77 11.06 -23.38
CA ILE F 21 -13.15 10.95 -22.03
C ILE F 21 -14.00 9.99 -21.24
N ASP F 22 -15.29 10.30 -21.13
CA ASP F 22 -16.25 9.59 -20.26
C ASP F 22 -17.34 8.96 -21.12
N GLN F 23 -17.79 9.66 -22.16
CA GLN F 23 -18.77 9.14 -23.14
C GLN F 23 -18.39 9.61 -24.55
N ASP F 24 -18.96 8.95 -25.55
CA ASP F 24 -18.68 9.27 -26.98
C ASP F 24 -18.85 10.76 -27.22
N LYS F 25 -17.90 11.34 -27.92
CA LYS F 25 -17.96 12.72 -28.43
C LYS F 25 -18.25 13.68 -27.29
N ASP F 26 -17.62 13.53 -26.14
CA ASP F 26 -17.84 14.48 -25.01
C ASP F 26 -16.80 15.60 -25.07
N SER F 27 -15.84 15.54 -25.99
CA SER F 27 -14.71 16.52 -25.98
C SER F 27 -14.11 16.73 -27.35
N LYS F 28 -13.50 17.89 -27.51
CA LYS F 28 -12.61 18.21 -28.63
C LYS F 28 -11.18 18.29 -28.10
N LEU F 29 -10.37 17.30 -28.42
CA LEU F 29 -8.91 17.39 -28.29
C LEU F 29 -8.38 18.06 -29.55
N THR F 30 -7.83 19.26 -29.42
CA THR F 30 -7.13 19.91 -30.55
C THR F 30 -5.66 19.57 -30.40
N LEU F 31 -5.17 18.73 -31.28
CA LEU F 31 -3.77 18.30 -31.27
C LEU F 31 -3.19 18.50 -32.66
N VAL F 32 -2.12 19.27 -32.73
CA VAL F 32 -1.37 19.53 -33.96
C VAL F 32 0.05 19.03 -33.77
N LEU F 33 0.46 18.11 -34.61
CA LEU F 33 1.82 17.53 -34.64
C LEU F 33 2.47 18.02 -35.92
N THR F 34 3.53 18.80 -35.79
N THR F 34 3.53 18.80 -35.79
CA THR F 34 4.27 19.31 -36.94
CA THR F 34 4.28 19.32 -36.94
C THR F 34 5.66 18.67 -36.92
C THR F 34 5.66 18.69 -36.91
N LYS F 35 6.07 18.07 -38.02
CA LYS F 35 7.38 17.39 -38.12
C LYS F 35 8.43 18.44 -38.44
N CYS F 36 9.29 18.76 -37.48
CA CYS F 36 10.52 19.56 -37.70
C CYS F 36 11.71 18.60 -37.64
N GLY F 37 11.90 17.83 -38.70
CA GLY F 37 12.90 16.76 -38.77
C GLY F 37 12.75 15.79 -37.63
N SER F 38 13.80 15.70 -36.81
CA SER F 38 13.98 14.66 -35.77
C SER F 38 13.06 14.92 -34.57
N GLN F 39 12.42 16.10 -34.53
CA GLN F 39 11.51 16.46 -33.43
C GLN F 39 10.11 16.72 -33.98
N ILE F 40 9.11 16.27 -33.24
CA ILE F 40 7.69 16.64 -33.47
C ILE F 40 7.34 17.79 -32.54
N LEU F 41 6.95 18.92 -33.10
CA LEU F 41 6.42 20.07 -32.34
C LEU F 41 4.93 19.86 -32.17
N ALA F 42 4.47 19.76 -30.92
CA ALA F 42 3.10 19.39 -30.58
C ALA F 42 2.42 20.57 -29.90
N ASN F 43 1.19 20.81 -30.27
CA ASN F 43 0.35 21.87 -29.68
C ASN F 43 -0.97 21.23 -29.29
N VAL F 44 -1.38 21.38 -28.04
CA VAL F 44 -2.56 20.65 -27.51
C VAL F 44 -3.43 21.58 -26.67
N SER F 45 -4.73 21.38 -26.75
CA SER F 45 -5.76 21.99 -25.88
C SER F 45 -6.93 21.03 -25.81
N LEU F 46 -7.83 21.27 -24.86
CA LEU F 46 -8.99 20.38 -24.66
C LEU F 46 -10.21 21.24 -24.37
N ILE F 47 -11.32 20.93 -25.03
CA ILE F 47 -12.67 21.48 -24.75
C ILE F 47 -13.55 20.30 -24.42
N VAL F 48 -14.11 20.25 -23.22
CA VAL F 48 -15.11 19.21 -22.87
C VAL F 48 -16.47 19.83 -23.14
N VAL F 49 -17.26 19.20 -24.02
CA VAL F 49 -18.53 19.80 -24.50
C VAL F 49 -19.72 19.12 -23.83
N ALA F 50 -19.54 17.98 -23.19
CA ALA F 50 -20.65 17.19 -22.62
C ALA F 50 -20.14 16.22 -21.56
N GLY F 51 -21.06 15.58 -20.87
CA GLY F 51 -20.80 14.50 -19.91
C GLY F 51 -20.27 15.05 -18.61
N ARG F 52 -19.68 14.17 -17.81
N ARG F 52 -19.71 14.15 -17.80
CA ARG F 52 -19.34 14.38 -16.40
CA ARG F 52 -19.25 14.31 -16.41
C ARG F 52 -18.26 15.45 -16.25
C ARG F 52 -18.26 15.47 -16.27
N TYR F 53 -17.38 15.65 -17.25
CA TYR F 53 -16.19 16.52 -17.11
C TYR F 53 -16.45 17.88 -17.74
N LYS F 54 -17.63 18.15 -18.25
CA LYS F 54 -17.93 19.44 -18.93
C LYS F 54 -17.80 20.59 -17.93
N ILE F 55 -18.47 20.45 -16.79
CA ILE F 55 -18.44 21.43 -15.67
C ILE F 55 -17.93 20.70 -14.44
N ILE F 56 -16.77 21.10 -13.95
CA ILE F 56 -16.17 20.49 -12.73
C ILE F 56 -16.84 21.13 -11.52
N ASN F 57 -17.38 20.32 -10.63
CA ASN F 57 -17.85 20.79 -9.31
C ASN F 57 -17.34 19.80 -8.27
N ASN F 58 -16.24 20.16 -7.61
CA ASN F 58 -15.52 19.31 -6.65
C ASN F 58 -16.19 19.42 -5.27
N ASN F 59 -17.24 20.24 -5.12
CA ASN F 59 -18.14 20.18 -3.94
C ASN F 59 -19.04 18.95 -4.09
N THR F 60 -19.69 18.81 -5.25
CA THR F 60 -20.64 17.70 -5.51
C THR F 60 -19.83 16.43 -5.81
N ASN F 61 -18.69 16.54 -6.49
CA ASN F 61 -17.85 15.39 -6.96
C ASN F 61 -16.42 15.59 -6.47
N PRO F 62 -16.14 15.43 -5.17
CA PRO F 62 -14.82 15.73 -4.63
C PRO F 62 -13.71 14.81 -5.17
N ALA F 63 -14.06 13.66 -5.75
CA ALA F 63 -13.09 12.67 -6.28
C ALA F 63 -12.78 12.93 -7.75
N LEU F 64 -13.45 13.87 -8.39
CA LEU F 64 -13.27 14.17 -9.83
C LEU F 64 -12.05 15.07 -10.01
N LYS F 65 -10.86 14.51 -10.19
CA LYS F 65 -9.57 15.27 -10.09
C LYS F 65 -8.66 14.97 -11.28
N GLY F 66 -9.14 14.23 -12.27
CA GLY F 66 -8.35 13.96 -13.47
C GLY F 66 -8.94 12.89 -14.33
N PHE F 67 -8.38 12.76 -15.52
CA PHE F 67 -8.84 11.80 -16.55
C PHE F 67 -7.71 11.68 -17.56
N THR F 68 -7.85 10.70 -18.44
CA THR F 68 -6.81 10.32 -19.41
C THR F 68 -7.39 10.27 -20.80
N ILE F 69 -6.62 10.74 -21.77
CA ILE F 69 -6.90 10.60 -23.21
C ILE F 69 -5.69 9.90 -23.82
N LYS F 70 -5.92 8.76 -24.45
CA LYS F 70 -4.85 7.92 -25.04
C LYS F 70 -4.96 7.94 -26.56
N LEU F 71 -3.85 8.17 -27.22
CA LEU F 71 -3.65 7.91 -28.67
C LEU F 71 -2.77 6.68 -28.80
N LEU F 72 -3.32 5.59 -29.31
CA LEU F 72 -2.59 4.35 -29.59
C LEU F 72 -2.37 4.24 -31.09
N PHE F 73 -1.18 3.86 -31.50
CA PHE F 73 -0.78 3.78 -32.92
C PHE F 73 -0.23 2.39 -33.21
N ASP F 74 -0.56 1.90 -34.40
N ASP F 74 -0.56 1.89 -34.40
CA ASP F 74 -0.06 0.58 -34.91
CA ASP F 74 -0.06 0.58 -34.90
C ASP F 74 1.33 0.81 -35.50
C ASP F 74 1.33 0.81 -35.50
N LYS F 75 1.90 -0.24 -36.09
CA LYS F 75 3.30 -0.22 -36.56
C LYS F 75 3.46 0.76 -37.72
N ASN F 76 2.37 1.24 -38.34
CA ASN F 76 2.44 2.22 -39.46
C ASN F 76 2.18 3.63 -38.97
N GLY F 77 1.98 3.81 -37.66
CA GLY F 77 1.67 5.12 -37.06
C GLY F 77 0.20 5.49 -37.29
N VAL F 78 -0.63 4.52 -37.61
CA VAL F 78 -2.09 4.72 -37.81
C VAL F 78 -2.78 4.64 -36.44
N LEU F 79 -3.65 5.60 -36.16
CA LEU F 79 -4.42 5.68 -34.90
C LEU F 79 -5.35 4.46 -34.81
N MET F 80 -5.29 3.76 -33.69
CA MET F 80 -6.10 2.55 -33.43
C MET F 80 -7.46 2.98 -32.82
N GLU F 81 -8.50 2.22 -33.11
CA GLU F 81 -9.89 2.37 -32.64
C GLU F 81 -9.92 2.44 -31.10
N SER F 82 -8.98 1.80 -30.40
CA SER F 82 -8.96 1.72 -28.92
C SER F 82 -8.57 3.08 -28.29
N SER F 83 -8.11 4.04 -29.11
CA SER F 83 -7.80 5.41 -28.69
C SER F 83 -9.05 6.13 -28.20
N ASN F 84 -8.89 7.09 -27.31
CA ASN F 84 -9.97 8.02 -26.88
C ASN F 84 -10.28 8.94 -28.04
N LEU F 85 -9.26 9.32 -28.81
CA LEU F 85 -9.40 10.19 -30.00
C LEU F 85 -10.00 9.38 -31.14
N GLY F 86 -11.04 9.91 -31.80
CA GLY F 86 -11.68 9.31 -32.98
C GLY F 86 -10.77 9.41 -34.19
N LYS F 87 -10.82 8.40 -35.05
CA LYS F 87 -9.95 8.29 -36.25
C LYS F 87 -10.42 9.26 -37.34
N SER F 88 -11.70 9.60 -37.41
CA SER F 88 -12.39 10.22 -38.55
C SER F 88 -11.65 11.47 -39.07
N TYR F 89 -11.28 12.33 -38.15
CA TYR F 89 -10.70 13.69 -38.49
C TYR F 89 -9.35 13.79 -37.81
N TRP F 90 -8.62 12.68 -37.71
CA TRP F 90 -7.17 12.65 -37.41
C TRP F 90 -6.42 12.28 -38.70
N ASN F 91 -5.78 13.25 -39.32
CA ASN F 91 -5.22 13.08 -40.67
C ASN F 91 -4.21 14.19 -40.93
N PHE F 92 -3.43 14.02 -41.97
CA PHE F 92 -2.53 15.06 -42.52
C PHE F 92 -3.40 16.23 -42.92
N ARG F 93 -2.86 17.42 -42.74
CA ARG F 93 -3.52 18.68 -43.06
C ARG F 93 -3.61 18.82 -44.59
N ASN F 94 -2.61 18.37 -45.34
CA ASN F 94 -2.45 18.73 -46.77
C ASN F 94 -2.50 17.48 -47.67
N GLN F 95 -3.47 17.39 -48.62
CA GLN F 95 -3.52 16.31 -49.65
C GLN F 95 -4.50 16.67 -50.77
N LYS F 105 5.44 8.91 -44.18
CA LYS F 105 4.04 8.96 -43.69
C LYS F 105 4.08 9.03 -42.16
N ALA F 106 3.27 8.21 -41.48
CA ALA F 106 2.92 8.44 -40.07
C ALA F 106 4.08 8.00 -39.18
N ILE F 107 5.03 7.15 -39.61
CA ILE F 107 6.07 6.67 -38.67
C ILE F 107 6.98 7.87 -38.30
N GLY F 108 7.12 8.85 -39.20
CA GLY F 108 7.90 10.08 -38.95
C GLY F 108 7.32 10.93 -37.81
N PHE F 109 6.09 10.64 -37.38
CA PHE F 109 5.38 11.42 -36.32
C PHE F 109 5.33 10.62 -35.02
N MET F 110 5.82 9.39 -35.03
CA MET F 110 5.70 8.49 -33.87
C MET F 110 6.81 8.81 -32.89
N PRO F 111 6.56 8.70 -31.57
CA PRO F 111 7.59 8.91 -30.58
C PRO F 111 8.65 7.82 -30.70
N ASN F 112 9.89 8.26 -30.69
CA ASN F 112 11.09 7.41 -30.89
C ASN F 112 11.11 6.31 -29.84
N LEU F 113 11.26 5.05 -30.26
CA LEU F 113 11.18 3.88 -29.35
C LEU F 113 12.49 3.72 -28.55
N VAL F 114 13.63 4.22 -29.03
CA VAL F 114 14.85 4.13 -28.18
C VAL F 114 14.81 5.28 -27.15
N ALA F 115 14.33 6.46 -27.50
CA ALA F 115 14.13 7.57 -26.54
C ALA F 115 13.09 7.14 -25.50
N TYR F 116 12.01 6.52 -25.98
CA TYR F 116 10.79 6.21 -25.21
C TYR F 116 10.40 4.76 -25.42
N PRO F 117 11.08 3.81 -24.75
CA PRO F 117 10.79 2.39 -24.94
C PRO F 117 9.41 1.98 -24.42
N LYS F 118 8.86 0.93 -25.03
CA LYS F 118 7.62 0.25 -24.55
C LYS F 118 7.89 -0.30 -23.15
N PRO F 119 6.83 -0.49 -22.33
CA PRO F 119 6.99 -1.08 -21.01
C PRO F 119 7.53 -2.51 -21.13
N THR F 120 8.54 -2.84 -20.34
CA THR F 120 9.02 -4.22 -20.08
C THR F 120 9.50 -4.31 -18.62
N THR F 121 9.13 -5.38 -17.93
CA THR F 121 9.32 -5.50 -16.46
C THR F 121 10.81 -5.42 -16.09
N GLY F 122 11.71 -6.17 -16.76
CA GLY F 122 13.11 -6.35 -16.32
C GLY F 122 14.07 -5.24 -16.75
N SER F 123 13.56 -4.17 -17.37
CA SER F 123 14.34 -2.99 -17.86
C SER F 123 13.94 -1.73 -17.06
N LYS F 124 14.87 -0.79 -16.89
CA LYS F 124 14.63 0.44 -16.09
C LYS F 124 13.64 1.35 -16.85
N LYS F 125 12.58 1.78 -16.18
CA LYS F 125 11.63 2.77 -16.75
C LYS F 125 12.15 4.17 -16.42
N TYR F 126 12.56 4.94 -17.42
CA TYR F 126 13.09 6.30 -17.23
C TYR F 126 11.97 7.31 -17.44
N ALA F 127 12.06 8.43 -16.73
CA ALA F 127 11.05 9.51 -16.76
C ALA F 127 11.17 10.35 -18.04
N ARG F 128 12.19 10.15 -18.87
CA ARG F 128 12.38 11.07 -20.01
C ARG F 128 11.28 10.87 -21.06
N ASP F 129 10.48 9.80 -20.94
CA ASP F 129 9.31 9.58 -21.82
C ASP F 129 8.09 10.39 -21.33
N ILE F 130 8.29 11.29 -20.37
CA ILE F 130 7.23 12.18 -19.84
C ILE F 130 7.59 13.64 -20.11
N VAL F 131 6.60 14.43 -20.46
CA VAL F 131 6.66 15.92 -20.45
C VAL F 131 5.51 16.42 -19.60
N TYR F 132 5.80 17.29 -18.65
CA TYR F 132 4.78 18.00 -17.86
C TYR F 132 4.51 19.37 -18.46
N GLY F 133 3.27 19.79 -18.37
CA GLY F 133 2.86 21.17 -18.65
C GLY F 133 1.67 21.55 -17.81
N ASN F 134 1.31 22.83 -17.88
CA ASN F 134 0.07 23.37 -17.30
C ASN F 134 -0.76 23.98 -18.40
N ILE F 135 -2.07 23.84 -18.29
CA ILE F 135 -3.04 24.62 -19.06
C ILE F 135 -4.04 25.18 -18.05
N TYR F 136 -4.84 26.15 -18.47
CA TYR F 136 -5.66 26.96 -17.55
C TYR F 136 -7.11 26.89 -18.01
N LEU F 137 -8.00 26.50 -17.11
CA LEU F 137 -9.45 26.42 -17.40
C LEU F 137 -9.97 27.84 -17.60
N GLY F 138 -10.64 28.06 -18.72
CA GLY F 138 -11.28 29.34 -19.06
C GLY F 138 -10.27 30.43 -19.28
N GLY F 139 -9.00 30.09 -19.42
CA GLY F 139 -7.93 31.09 -19.59
C GLY F 139 -7.63 31.84 -18.31
N LYS F 140 -8.13 31.36 -17.17
CA LYS F 140 -7.97 32.10 -15.87
C LYS F 140 -6.66 31.66 -15.24
N PRO F 141 -5.80 32.62 -14.83
CA PRO F 141 -4.46 32.31 -14.38
C PRO F 141 -4.42 31.47 -13.09
N HIS F 142 -5.48 31.47 -12.30
CA HIS F 142 -5.53 30.67 -11.03
C HIS F 142 -6.40 29.43 -11.19
N GLN F 143 -6.60 28.95 -12.41
CA GLN F 143 -7.30 27.66 -12.65
C GLN F 143 -6.38 26.72 -13.43
N PRO F 144 -5.20 26.40 -12.87
CA PRO F 144 -4.28 25.48 -13.52
C PRO F 144 -4.82 24.05 -13.52
N VAL F 145 -4.51 23.32 -14.57
CA VAL F 145 -4.54 21.84 -14.55
C VAL F 145 -3.24 21.35 -15.14
N THR F 146 -2.73 20.27 -14.57
CA THR F 146 -1.50 19.65 -15.09
C THR F 146 -1.89 18.74 -16.26
N ILE F 147 -1.18 18.91 -17.36
CA ILE F 147 -1.23 17.96 -18.50
C ILE F 147 0.10 17.22 -18.52
N LYS F 148 0.05 15.94 -18.22
CA LYS F 148 1.20 15.04 -18.27
C LYS F 148 1.10 14.25 -19.55
N THR F 149 2.11 14.34 -20.39
CA THR F 149 2.18 13.62 -21.68
C THR F 149 3.22 12.52 -21.54
N THR F 150 2.86 11.28 -21.81
CA THR F 150 3.83 10.16 -21.79
C THR F 150 3.82 9.45 -23.13
N PHE F 151 5.01 9.11 -23.60
CA PHE F 151 5.25 8.45 -24.90
C PHE F 151 5.47 6.96 -24.70
N ASN F 152 4.74 6.16 -25.48
CA ASN F 152 4.99 4.73 -25.72
C ASN F 152 4.92 3.95 -24.41
N GLN F 153 3.98 4.29 -23.52
CA GLN F 153 3.83 3.51 -22.27
C GLN F 153 2.54 2.68 -22.29
N GLU F 154 1.77 2.72 -23.37
CA GLU F 154 0.52 1.91 -23.47
C GLU F 154 0.88 0.54 -24.07
N THR F 155 0.18 -0.49 -23.64
CA THR F 155 0.29 -1.86 -24.21
C THR F 155 -0.70 -1.97 -25.37
N GLY F 156 -0.58 -3.02 -26.19
CA GLY F 156 -1.51 -3.32 -27.30
C GLY F 156 -1.37 -2.32 -28.44
N CYS F 157 -0.16 -1.84 -28.68
CA CYS F 157 0.11 -0.86 -29.75
C CYS F 157 1.60 -0.81 -29.98
N GLU F 158 2.03 -0.19 -31.07
CA GLU F 158 3.46 -0.03 -31.35
C GLU F 158 3.95 1.28 -30.71
N TYR F 159 3.14 2.32 -30.76
CA TYR F 159 3.47 3.68 -30.26
C TYR F 159 2.24 4.23 -29.53
N SER F 160 2.45 5.17 -28.62
CA SER F 160 1.34 5.82 -27.90
C SER F 160 1.73 7.21 -27.44
N ILE F 161 0.75 8.09 -27.40
CA ILE F 161 0.80 9.38 -26.69
C ILE F 161 -0.36 9.37 -25.71
N THR F 162 -0.06 9.52 -24.43
CA THR F 162 -1.06 9.52 -23.35
C THR F 162 -1.06 10.90 -22.71
N PHE F 163 -2.24 11.49 -22.61
CA PHE F 163 -2.47 12.77 -21.92
C PHE F 163 -3.20 12.49 -20.62
N ASP F 164 -2.54 12.70 -19.50
CA ASP F 164 -3.14 12.59 -18.14
C ASP F 164 -3.39 14.01 -17.65
N PHE F 165 -4.66 14.37 -17.47
CA PHE F 165 -5.08 15.69 -16.95
C PHE F 165 -5.39 15.52 -15.49
N SER F 166 -4.88 16.41 -14.64
CA SER F 166 -5.17 16.36 -13.18
C SER F 166 -5.19 17.77 -12.61
N TRP F 167 -5.88 17.94 -11.50
CA TRP F 167 -5.84 19.22 -10.76
C TRP F 167 -5.92 18.91 -9.29
N ALA F 168 -5.41 19.84 -8.48
CA ALA F 168 -5.38 19.68 -7.00
C ALA F 168 -6.35 20.70 -6.34
N LYS F 169 -6.80 21.68 -7.10
CA LYS F 169 -7.70 22.72 -6.56
C LYS F 169 -9.12 22.15 -6.54
N THR F 170 -9.95 22.67 -5.66
CA THR F 170 -11.40 22.40 -5.61
C THR F 170 -12.08 23.37 -6.58
N TYR F 171 -12.35 22.93 -7.79
CA TYR F 171 -13.03 23.75 -8.82
C TYR F 171 -14.52 23.58 -8.64
N VAL F 172 -15.21 24.73 -8.54
CA VAL F 172 -16.68 24.79 -8.32
C VAL F 172 -17.31 25.43 -9.55
N ASN F 173 -18.01 24.64 -10.34
CA ASN F 173 -18.77 25.05 -11.54
C ASN F 173 -17.81 25.72 -12.52
N VAL F 174 -16.71 25.06 -12.82
CA VAL F 174 -15.69 25.55 -13.78
C VAL F 174 -15.77 24.69 -15.04
N GLU F 175 -16.04 25.32 -16.18
CA GLU F 175 -16.10 24.65 -17.48
C GLU F 175 -14.72 24.15 -17.86
N PHE F 176 -14.59 22.87 -18.19
CA PHE F 176 -13.29 22.27 -18.56
C PHE F 176 -13.02 22.56 -20.03
N GLU F 177 -12.47 23.73 -20.28
CA GLU F 177 -12.01 24.14 -21.63
C GLU F 177 -10.76 24.96 -21.42
N THR F 178 -9.67 24.62 -22.12
CA THR F 178 -8.31 24.94 -21.67
C THR F 178 -7.60 25.90 -22.61
N THR F 179 -6.58 26.55 -22.09
CA THR F 179 -5.51 27.21 -22.87
C THR F 179 -4.69 26.12 -23.59
N SER F 180 -3.78 26.55 -24.45
CA SER F 180 -2.96 25.63 -25.27
C SER F 180 -1.60 25.44 -24.62
N PHE F 181 -0.98 24.32 -24.88
CA PHE F 181 0.38 23.99 -24.41
C PHE F 181 1.16 23.45 -25.61
N THR F 182 2.42 23.82 -25.68
CA THR F 182 3.35 23.33 -26.72
C THR F 182 4.43 22.48 -26.06
N PHE F 183 4.75 21.36 -26.66
CA PHE F 183 5.89 20.51 -26.28
C PHE F 183 6.49 19.91 -27.54
N SER F 184 7.56 19.16 -27.39
CA SER F 184 8.15 18.41 -28.52
C SER F 184 8.54 17.03 -28.03
N TYR F 185 8.78 16.12 -28.96
CA TYR F 185 9.33 14.79 -28.64
C TYR F 185 10.17 14.34 -29.83
N ILE F 186 11.04 13.40 -29.55
CA ILE F 186 11.99 12.84 -30.54
C ILE F 186 11.20 11.87 -31.43
N ALA F 187 11.34 12.03 -32.76
CA ALA F 187 10.58 11.25 -33.75
C ALA F 187 11.30 9.90 -33.98
N GLN F 188 10.52 8.87 -34.25
CA GLN F 188 10.99 7.51 -34.58
C GLN F 188 11.91 7.56 -35.81
N GLU F 189 11.56 8.35 -36.83
CA GLU F 189 12.44 8.48 -38.04
C GLU F 189 12.25 9.88 -38.62
N LYS G 6 4.02 -57.81 34.94
CA LYS G 6 2.77 -58.22 34.24
C LYS G 6 2.27 -57.00 33.44
N LEU G 7 1.06 -56.48 33.68
CA LEU G 7 0.34 -55.72 32.64
C LEU G 7 0.58 -54.23 32.76
N THR G 8 1.13 -53.74 33.90
CA THR G 8 1.19 -52.28 34.15
C THR G 8 2.59 -51.87 34.55
N LEU G 9 3.19 -51.00 33.77
CA LEU G 9 4.47 -50.33 34.06
C LEU G 9 4.14 -48.88 34.38
N TRP G 10 4.49 -48.40 35.56
CA TRP G 10 4.00 -47.07 36.00
C TRP G 10 4.96 -46.38 36.97
N THR G 11 4.65 -45.12 37.21
CA THR G 11 5.12 -44.30 38.33
C THR G 11 3.98 -44.51 39.29
N THR G 12 4.19 -45.02 40.48
CA THR G 12 3.11 -45.03 41.52
C THR G 12 2.40 -43.66 41.40
N PRO G 13 1.07 -43.62 41.64
CA PRO G 13 0.29 -42.42 41.35
C PRO G 13 0.24 -41.37 42.48
N ASP G 14 1.14 -41.46 43.46
CA ASP G 14 1.27 -40.44 44.54
C ASP G 14 1.84 -39.14 43.96
N THR G 15 2.09 -38.14 44.79
CA THR G 15 2.54 -36.78 44.38
C THR G 15 4.03 -36.56 44.66
N SER G 16 4.73 -37.58 45.14
CA SER G 16 6.19 -37.53 45.44
C SER G 16 6.98 -37.25 44.16
N PRO G 17 7.82 -36.22 44.11
CA PRO G 17 8.53 -35.88 42.88
C PRO G 17 9.42 -37.05 42.42
N ASN G 18 9.45 -37.29 41.12
CA ASN G 18 10.16 -38.46 40.53
C ASN G 18 10.94 -38.04 39.28
N CYS G 19 11.01 -36.77 38.98
CA CYS G 19 11.40 -36.28 37.65
C CYS G 19 12.20 -34.99 37.75
N ARG G 20 13.19 -34.85 36.88
CA ARG G 20 14.03 -33.65 36.71
C ARG G 20 13.70 -33.03 35.36
N ILE G 21 13.08 -31.86 35.34
CA ILE G 21 12.91 -31.04 34.09
C ILE G 21 14.11 -30.12 34.01
N ASP G 22 14.32 -29.35 35.07
CA ASP G 22 15.37 -28.33 35.15
C ASP G 22 16.38 -28.73 36.23
N GLN G 23 15.89 -29.20 37.38
CA GLN G 23 16.74 -29.61 38.53
C GLN G 23 16.15 -30.87 39.17
N ASP G 24 16.96 -31.54 39.97
CA ASP G 24 16.62 -32.84 40.61
C ASP G 24 15.25 -32.71 41.26
N LYS G 25 14.37 -33.67 41.02
CA LYS G 25 13.09 -33.84 41.77
C LYS G 25 12.28 -32.54 41.73
N ASP G 26 12.19 -31.87 40.59
CA ASP G 26 11.38 -30.63 40.49
C ASP G 26 9.96 -30.98 40.03
N SER G 27 9.66 -32.24 39.73
CA SER G 27 8.33 -32.59 39.16
C SER G 27 7.91 -34.03 39.47
N LYS G 28 6.61 -34.26 39.41
CA LYS G 28 6.00 -35.60 39.46
C LYS G 28 5.34 -35.85 38.11
N LEU G 29 5.96 -36.69 37.30
CA LEU G 29 5.32 -37.27 36.11
C LEU G 29 4.54 -38.49 36.56
N THR G 30 3.22 -38.46 36.41
CA THR G 30 2.40 -39.66 36.58
C THR G 30 2.22 -40.29 35.21
N LEU G 31 2.85 -41.43 34.98
CA LEU G 31 2.73 -42.16 33.71
C LEU G 31 2.36 -43.60 34.01
N VAL G 32 1.25 -44.05 33.44
CA VAL G 32 0.77 -45.45 33.54
C VAL G 32 0.74 -46.04 32.12
N LEU G 33 1.49 -47.11 31.91
CA LEU G 33 1.52 -47.88 30.65
C LEU G 33 0.88 -49.21 30.94
N THR G 34 -0.24 -49.49 30.30
CA THR G 34 -0.94 -50.76 30.42
C THR G 34 -0.84 -51.51 29.08
N LYS G 35 -0.37 -52.75 29.11
CA LYS G 35 -0.20 -53.54 27.88
C LYS G 35 -1.54 -54.19 27.52
N CYS G 36 -2.19 -53.71 26.46
CA CYS G 36 -3.38 -54.38 25.86
C CYS G 36 -2.92 -55.03 24.56
N GLY G 37 -2.21 -56.16 24.68
CA GLY G 37 -1.61 -56.86 23.54
C GLY G 37 -0.68 -55.95 22.77
N SER G 38 -1.01 -55.76 21.49
CA SER G 38 -0.14 -55.10 20.50
C SER G 38 -0.10 -53.58 20.73
N GLN G 39 -0.97 -53.06 21.61
CA GLN G 39 -1.01 -51.61 21.90
C GLN G 39 -0.74 -51.36 23.39
N ILE G 40 0.01 -50.34 23.68
CA ILE G 40 0.20 -49.81 25.06
C ILE G 40 -0.76 -48.65 25.27
N LEU G 41 -1.64 -48.77 26.25
CA LEU G 41 -2.56 -47.68 26.66
C LEU G 41 -1.83 -46.85 27.69
N ALA G 42 -1.62 -45.57 27.40
CA ALA G 42 -0.81 -44.66 28.21
C ALA G 42 -1.69 -43.57 28.82
N ASN G 43 -1.47 -43.27 30.08
CA ASN G 43 -2.15 -42.20 30.80
C ASN G 43 -1.08 -41.33 31.45
N VAL G 44 -1.11 -40.03 31.21
CA VAL G 44 -0.02 -39.11 31.64
C VAL G 44 -0.60 -37.82 32.21
N SER G 45 0.07 -37.31 33.24
CA SER G 45 -0.16 -35.96 33.81
C SER G 45 1.15 -35.49 34.42
N LEU G 46 1.24 -34.20 34.74
CA LEU G 46 2.48 -33.61 35.28
C LEU G 46 2.11 -32.62 36.37
N ILE G 47 2.83 -32.71 37.48
CA ILE G 47 2.86 -31.69 38.57
C ILE G 47 4.30 -31.19 38.65
N VAL G 48 4.53 -29.92 38.44
CA VAL G 48 5.85 -29.31 38.70
C VAL G 48 5.82 -28.76 40.12
N VAL G 49 6.72 -29.23 40.98
CA VAL G 49 6.69 -28.91 42.43
C VAL G 49 7.75 -27.87 42.78
N ALA G 50 8.70 -27.60 41.91
CA ALA G 50 9.84 -26.70 42.22
C ALA G 50 10.48 -26.20 40.92
N GLY G 51 11.38 -25.24 41.07
CA GLY G 51 12.22 -24.71 39.99
C GLY G 51 11.45 -23.77 39.08
N ARG G 52 12.00 -23.52 37.92
CA ARG G 52 11.61 -22.45 36.97
C ARG G 52 10.18 -22.66 36.47
N TYR G 53 9.71 -23.91 36.37
CA TYR G 53 8.45 -24.25 35.68
C TYR G 53 7.33 -24.44 36.67
N LYS G 54 7.56 -24.26 37.98
CA LYS G 54 6.52 -24.51 39.00
C LYS G 54 5.35 -23.53 38.79
N ILE G 55 5.67 -22.25 38.69
CA ILE G 55 4.70 -21.15 38.47
C ILE G 55 5.12 -20.43 37.20
N ILE G 56 4.30 -20.49 36.17
CA ILE G 56 4.58 -19.80 34.89
C ILE G 56 4.18 -18.34 35.05
N ASN G 57 5.10 -17.42 34.75
CA ASN G 57 4.78 -15.99 34.63
C ASN G 57 5.46 -15.47 33.37
N ASN G 58 4.67 -15.38 32.29
CA ASN G 58 5.15 -15.00 30.94
C ASN G 58 5.20 -13.48 30.82
N ASN G 59 4.80 -12.73 31.86
CA ASN G 59 5.11 -11.28 31.96
C ASN G 59 6.58 -11.12 32.33
N THR G 60 7.04 -11.82 33.36
CA THR G 60 8.43 -11.74 33.85
C THR G 60 9.33 -12.54 32.89
N ASN G 61 8.85 -13.67 32.37
CA ASN G 61 9.64 -14.64 31.55
C ASN G 61 8.90 -14.90 30.24
N PRO G 62 8.86 -13.93 29.31
CA PRO G 62 8.02 -14.06 28.11
C PRO G 62 8.47 -15.20 27.18
N ALA G 63 9.71 -15.70 27.31
CA ALA G 63 10.27 -16.75 26.43
C ALA G 63 10.03 -18.15 27.03
N LEU G 64 9.48 -18.23 28.23
CA LEU G 64 9.27 -19.53 28.92
C LEU G 64 7.99 -20.20 28.39
N LYS G 65 8.11 -21.05 27.38
CA LYS G 65 6.93 -21.54 26.61
C LYS G 65 6.94 -23.06 26.45
N GLY G 66 7.84 -23.77 27.12
CA GLY G 66 7.82 -25.24 27.05
C GLY G 66 9.09 -25.89 27.52
N PHE G 67 9.06 -27.21 27.64
CA PHE G 67 10.14 -28.02 28.20
C PHE G 67 9.89 -29.47 27.82
N THR G 68 10.85 -30.33 28.07
CA THR G 68 10.85 -31.73 27.60
C THR G 68 11.14 -32.67 28.76
N ILE G 69 10.46 -33.80 28.78
CA ILE G 69 10.74 -34.94 29.67
C ILE G 69 10.97 -36.16 28.79
N LYS G 70 12.13 -36.79 28.91
CA LYS G 70 12.56 -37.94 28.07
C LYS G 70 12.62 -39.19 28.94
N LEU G 71 12.02 -40.27 28.46
CA LEU G 71 12.23 -41.64 28.94
C LEU G 71 13.07 -42.37 27.88
N LEU G 72 14.30 -42.71 28.24
CA LEU G 72 15.22 -43.47 27.36
C LEU G 72 15.28 -44.90 27.89
N PHE G 73 15.20 -45.87 27.00
CA PHE G 73 15.19 -47.31 27.37
C PHE G 73 16.28 -48.03 26.61
N ASP G 74 16.91 -48.99 27.29
CA ASP G 74 17.95 -49.86 26.71
C ASP G 74 17.27 -51.01 25.98
N LYS G 75 18.07 -51.95 25.47
CA LYS G 75 17.57 -53.03 24.57
C LYS G 75 16.61 -53.95 25.34
N ASN G 76 16.58 -53.91 26.67
CA ASN G 76 15.69 -54.76 27.50
C ASN G 76 14.43 -53.99 27.93
N GLY G 77 14.31 -52.74 27.50
CA GLY G 77 13.19 -51.85 27.88
C GLY G 77 13.36 -51.30 29.28
N VAL G 78 14.58 -51.33 29.80
CA VAL G 78 14.93 -50.80 31.13
C VAL G 78 15.21 -49.30 30.99
N LEU G 79 14.62 -48.51 31.87
CA LEU G 79 14.79 -47.04 31.90
C LEU G 79 16.26 -46.72 32.20
N MET G 80 16.87 -45.89 31.37
CA MET G 80 18.26 -45.45 31.52
C MET G 80 18.32 -44.25 32.47
N GLU G 81 19.42 -44.14 33.21
CA GLU G 81 19.67 -43.08 34.21
C GLU G 81 19.65 -41.70 33.52
N SER G 82 19.94 -41.61 32.22
CA SER G 82 20.00 -40.34 31.48
C SER G 82 18.57 -39.77 31.24
N SER G 83 17.53 -40.54 31.53
CA SER G 83 16.12 -40.10 31.44
C SER G 83 15.87 -38.97 32.45
N ASN G 84 14.87 -38.13 32.18
CA ASN G 84 14.38 -37.10 33.12
C ASN G 84 13.71 -37.82 34.30
N LEU G 85 13.00 -38.92 34.02
CA LEU G 85 12.30 -39.72 35.05
C LEU G 85 13.32 -40.55 35.83
N GLY G 86 13.22 -40.54 37.16
CA GLY G 86 14.06 -41.36 38.06
C GLY G 86 13.74 -42.83 37.95
N LYS G 87 14.76 -43.70 38.02
CA LYS G 87 14.61 -45.17 37.83
C LYS G 87 13.93 -45.81 39.04
N SER G 88 14.21 -45.30 40.22
CA SER G 88 13.69 -45.90 41.49
C SER G 88 12.16 -45.76 41.56
N TYR G 89 11.49 -44.95 40.76
CA TYR G 89 10.04 -44.71 40.76
C TYR G 89 9.30 -45.44 39.62
N TRP G 90 10.04 -46.13 38.78
CA TRP G 90 9.50 -46.65 37.52
C TRP G 90 9.56 -48.15 37.53
N ASN G 91 8.44 -48.82 37.73
CA ASN G 91 8.46 -50.31 37.81
C ASN G 91 7.08 -50.88 37.52
N PHE G 92 7.00 -52.19 37.36
CA PHE G 92 5.70 -52.91 37.31
C PHE G 92 4.95 -52.60 38.59
N ARG G 93 3.64 -52.47 38.45
CA ARG G 93 2.72 -52.27 39.58
C ARG G 93 2.67 -53.62 40.31
N ASN G 94 2.81 -54.72 39.58
CA ASN G 94 2.36 -56.06 39.94
C ASN G 94 3.45 -56.72 40.83
N GLN G 95 4.57 -56.04 41.10
CA GLN G 95 5.76 -56.62 41.76
C GLN G 95 5.34 -56.97 43.19
N ALA G 102 13.76 -54.16 40.90
CA ALA G 102 13.83 -53.43 39.62
C ALA G 102 13.62 -54.42 38.47
N TYR G 103 12.75 -54.10 37.52
CA TYR G 103 12.43 -55.06 36.44
C TYR G 103 13.64 -55.22 35.51
N GLU G 104 13.77 -56.39 34.91
CA GLU G 104 14.88 -56.71 33.98
C GLU G 104 14.43 -56.63 32.53
N LYS G 105 13.13 -56.81 32.23
CA LYS G 105 12.64 -56.90 30.83
C LYS G 105 11.26 -56.25 30.74
N ALA G 106 11.06 -55.38 29.75
CA ALA G 106 9.76 -54.75 29.46
C ALA G 106 9.67 -54.45 27.96
N ILE G 107 10.18 -55.35 27.11
CA ILE G 107 10.20 -55.11 25.63
C ILE G 107 8.75 -55.01 25.11
N GLY G 108 7.82 -55.70 25.78
CA GLY G 108 6.39 -55.67 25.44
C GLY G 108 5.77 -54.29 25.63
N PHE G 109 6.47 -53.37 26.30
CA PHE G 109 5.98 -52.01 26.61
C PHE G 109 6.68 -50.98 25.73
N MET G 110 7.65 -51.41 24.94
CA MET G 110 8.49 -50.47 24.17
C MET G 110 7.77 -50.09 22.88
N PRO G 111 7.92 -48.85 22.40
CA PRO G 111 7.32 -48.43 21.16
C PRO G 111 7.95 -49.20 19.99
N ASN G 112 7.10 -49.71 19.14
CA ASN G 112 7.46 -50.59 18.01
C ASN G 112 8.45 -49.85 17.10
N LEU G 113 9.58 -50.47 16.79
CA LEU G 113 10.67 -49.83 16.01
C LEU G 113 10.32 -49.77 14.50
N VAL G 114 9.46 -50.64 13.99
CA VAL G 114 9.08 -50.48 12.55
C VAL G 114 7.99 -49.40 12.45
N ALA G 115 7.08 -49.29 13.40
CA ALA G 115 6.07 -48.20 13.44
C ALA G 115 6.81 -46.88 13.62
N TYR G 116 7.80 -46.88 14.53
CA TYR G 116 8.49 -45.67 15.02
C TYR G 116 10.00 -45.90 14.97
N PRO G 117 10.62 -45.79 13.78
CA PRO G 117 12.05 -46.03 13.64
C PRO G 117 12.90 -44.98 14.37
N LYS G 118 14.10 -45.38 14.75
CA LYS G 118 15.15 -44.47 15.29
C LYS G 118 15.52 -43.48 14.20
N PRO G 119 16.03 -42.29 14.57
CA PRO G 119 16.42 -41.27 13.59
C PRO G 119 17.53 -41.81 12.69
N THR G 120 17.39 -41.64 11.38
CA THR G 120 18.48 -41.79 10.38
C THR G 120 18.32 -40.74 9.28
N THR G 121 19.40 -40.07 8.91
CA THR G 121 19.34 -38.88 8.01
C THR G 121 18.80 -39.27 6.64
N GLY G 122 19.27 -40.36 5.99
CA GLY G 122 18.97 -40.68 4.58
C GLY G 122 17.63 -41.37 4.34
N SER G 123 16.86 -41.62 5.40
CA SER G 123 15.52 -42.29 5.37
C SER G 123 14.44 -41.30 5.86
N LYS G 124 13.22 -41.43 5.33
CA LYS G 124 12.15 -40.43 5.53
C LYS G 124 11.65 -40.50 6.98
N LYS G 125 11.62 -39.37 7.68
CA LYS G 125 11.07 -39.27 9.05
C LYS G 125 9.57 -38.97 8.91
N TYR G 126 8.71 -39.91 9.31
CA TYR G 126 7.24 -39.77 9.23
C TYR G 126 6.73 -39.30 10.59
N ALA G 127 5.64 -38.57 10.57
CA ALA G 127 5.00 -37.98 11.75
C ALA G 127 4.21 -39.03 12.54
N ARG G 128 4.06 -40.25 12.06
CA ARG G 128 3.15 -41.18 12.80
C ARG G 128 3.80 -41.61 14.14
N ASP G 129 5.08 -41.30 14.35
CA ASP G 129 5.75 -41.53 15.66
C ASP G 129 5.42 -40.39 16.65
N ILE G 130 4.48 -39.52 16.32
CA ILE G 130 4.02 -38.41 17.20
C ILE G 130 2.54 -38.60 17.52
N VAL G 131 2.17 -38.32 18.77
N VAL G 131 2.17 -38.34 18.77
CA VAL G 131 0.77 -38.10 19.17
CA VAL G 131 0.75 -38.10 19.15
C VAL G 131 0.69 -36.74 19.86
C VAL G 131 0.68 -36.75 19.87
N TYR G 132 -0.24 -35.91 19.41
CA TYR G 132 -0.55 -34.63 20.07
C TYR G 132 -1.72 -34.80 21.02
N GLY G 133 -1.65 -34.10 22.13
CA GLY G 133 -2.78 -33.95 23.05
C GLY G 133 -2.72 -32.60 23.72
N ASN G 134 -3.79 -32.27 24.43
CA ASN G 134 -3.87 -31.08 25.28
C ASN G 134 -4.13 -31.54 26.70
N ILE G 135 -3.52 -30.84 27.64
CA ILE G 135 -3.86 -30.94 29.07
C ILE G 135 -4.04 -29.50 29.55
N TYR G 136 -4.64 -29.33 30.70
CA TYR G 136 -5.14 -28.01 31.17
C TYR G 136 -4.54 -27.72 32.52
N LEU G 137 -3.86 -26.58 32.65
CA LEU G 137 -3.24 -26.17 33.93
C LEU G 137 -4.36 -25.86 34.93
N GLY G 138 -4.28 -26.49 36.09
CA GLY G 138 -5.23 -26.27 37.19
C GLY G 138 -6.62 -26.76 36.85
N GLY G 139 -6.76 -27.54 35.79
CA GLY G 139 -8.07 -28.05 35.35
C GLY G 139 -8.91 -26.98 34.69
N LYS G 140 -8.34 -25.83 34.36
CA LYS G 140 -9.11 -24.67 33.84
C LYS G 140 -9.21 -24.83 32.31
N PRO G 141 -10.42 -24.73 31.75
CA PRO G 141 -10.64 -25.03 30.34
C PRO G 141 -9.90 -24.05 29.39
N HIS G 142 -9.57 -22.85 29.85
CA HIS G 142 -8.85 -21.85 29.01
C HIS G 142 -7.37 -21.75 29.37
N GLN G 143 -6.82 -22.78 30.00
CA GLN G 143 -5.35 -22.88 30.24
C GLN G 143 -4.81 -24.13 29.59
N PRO G 144 -4.96 -24.28 28.25
CA PRO G 144 -4.41 -25.43 27.57
C PRO G 144 -2.88 -25.37 27.51
N VAL G 145 -2.26 -26.55 27.56
CA VAL G 145 -0.88 -26.74 27.09
C VAL G 145 -0.87 -27.95 26.18
N THR G 146 -0.06 -27.88 25.16
CA THR G 146 0.15 -29.01 24.23
C THR G 146 1.12 -29.99 24.87
N ILE G 147 0.75 -31.25 24.90
CA ILE G 147 1.70 -32.36 25.18
C ILE G 147 1.90 -33.13 23.89
N LYS G 148 3.09 -33.03 23.36
CA LYS G 148 3.51 -33.78 22.15
C LYS G 148 4.34 -34.96 22.61
N THR G 149 3.90 -36.16 22.26
CA THR G 149 4.60 -37.41 22.62
C THR G 149 5.23 -37.96 21.34
N THR G 150 6.52 -38.24 21.37
CA THR G 150 7.24 -38.80 20.22
C THR G 150 7.91 -40.10 20.65
N PHE G 151 7.82 -41.12 19.81
CA PHE G 151 8.39 -42.46 20.05
C PHE G 151 9.69 -42.64 19.30
N ASN G 152 10.73 -43.08 20.03
CA ASN G 152 11.98 -43.61 19.46
C ASN G 152 12.68 -42.55 18.63
N GLN G 153 12.68 -41.30 19.05
CA GLN G 153 13.42 -40.24 18.31
C GLN G 153 14.66 -39.78 19.08
N GLU G 154 14.94 -40.37 20.24
CA GLU G 154 16.15 -40.00 21.01
C GLU G 154 17.32 -40.89 20.57
N THR G 155 18.52 -40.34 20.57
CA THR G 155 19.78 -41.11 20.35
C THR G 155 20.26 -41.63 21.70
N GLY G 156 21.24 -42.53 21.70
CA GLY G 156 21.87 -43.10 22.91
C GLY G 156 20.92 -44.02 23.66
N CYS G 157 20.04 -44.72 22.95
CA CYS G 157 19.06 -45.64 23.57
C CYS G 157 18.49 -46.53 22.50
N GLU G 158 17.81 -47.59 22.88
CA GLU G 158 17.16 -48.51 21.94
C GLU G 158 15.75 -48.01 21.65
N TYR G 159 15.06 -47.51 22.66
CA TYR G 159 13.67 -47.01 22.58
C TYR G 159 13.58 -45.72 23.39
N SER G 160 12.58 -44.88 23.09
CA SER G 160 12.36 -43.63 23.84
C SER G 160 10.90 -43.22 23.75
N ILE G 161 10.44 -42.58 24.82
CA ILE G 161 9.20 -41.78 24.83
C ILE G 161 9.59 -40.38 25.28
N THR G 162 9.30 -39.40 24.44
CA THR G 162 9.64 -37.98 24.70
C THR G 162 8.33 -37.21 24.85
N PHE G 163 8.21 -36.47 25.93
CA PHE G 163 7.08 -35.55 26.18
C PHE G 163 7.56 -34.12 26.03
N ASP G 164 7.10 -33.44 24.98
CA ASP G 164 7.39 -32.00 24.76
C ASP G 164 6.14 -31.23 25.18
N PHE G 165 6.26 -30.43 26.23
CA PHE G 165 5.17 -29.55 26.72
C PHE G 165 5.39 -28.17 26.18
N SER G 166 4.35 -27.54 25.66
CA SER G 166 4.45 -26.16 25.12
C SER G 166 3.11 -25.44 25.31
N TRP G 167 3.16 -24.12 25.32
CA TRP G 167 1.93 -23.31 25.34
C TRP G 167 2.16 -22.05 24.53
N ALA G 168 1.10 -21.44 24.04
CA ALA G 168 1.17 -20.21 23.21
C ALA G 168 0.57 -19.02 24.00
N LYS G 169 -0.17 -19.30 25.07
N LYS G 169 -0.19 -19.30 25.05
CA LYS G 169 -0.85 -18.24 25.83
CA LYS G 169 -0.86 -18.23 25.83
C LYS G 169 0.17 -17.60 26.77
C LYS G 169 0.16 -17.61 26.77
N THR G 170 -0.07 -16.36 27.16
CA THR G 170 0.72 -15.65 28.20
C THR G 170 0.11 -16.01 29.55
N TYR G 171 0.69 -16.99 30.23
CA TYR G 171 0.22 -17.43 31.57
C TYR G 171 0.91 -16.58 32.62
N VAL G 172 0.10 -16.00 33.50
CA VAL G 172 0.58 -15.11 34.59
C VAL G 172 0.28 -15.77 35.93
N ASN G 173 1.31 -16.24 36.59
CA ASN G 173 1.25 -16.87 37.95
C ASN G 173 0.33 -18.06 37.89
N VAL G 174 0.55 -18.95 36.93
CA VAL G 174 -0.24 -20.20 36.78
C VAL G 174 0.64 -21.36 37.18
N GLU G 175 0.22 -22.13 38.17
CA GLU G 175 0.94 -23.33 38.65
C GLU G 175 0.88 -24.39 37.54
N PHE G 176 2.03 -24.93 37.18
CA PHE G 176 2.12 -26.00 36.15
C PHE G 176 1.80 -27.33 36.80
N GLU G 177 0.51 -27.63 36.87
CA GLU G 177 0.00 -28.94 37.32
C GLU G 177 -1.24 -29.23 36.49
N THR G 178 -1.31 -30.40 35.88
CA THR G 178 -2.12 -30.63 34.67
C THR G 178 -3.24 -31.62 34.90
N THR G 179 -4.24 -31.56 34.02
CA THR G 179 -5.20 -32.65 33.79
C THR G 179 -4.46 -33.84 33.16
N SER G 180 -5.18 -34.95 33.00
CA SER G 180 -4.61 -36.20 32.46
C SER G 180 -4.96 -36.31 30.98
N PHE G 181 -4.10 -37.00 30.25
CA PHE G 181 -4.31 -37.32 28.83
C PHE G 181 -4.03 -38.81 28.62
N THR G 182 -4.83 -39.44 27.78
CA THR G 182 -4.67 -40.85 27.40
C THR G 182 -4.30 -40.93 25.92
N PHE G 183 -3.34 -41.76 25.59
CA PHE G 183 -2.99 -42.10 24.20
C PHE G 183 -2.60 -43.58 24.16
N SER G 184 -2.30 -44.08 22.98
CA SER G 184 -1.79 -45.45 22.83
C SER G 184 -0.66 -45.41 21.80
N TYR G 185 0.13 -46.46 21.78
CA TYR G 185 1.16 -46.67 20.75
C TYR G 185 1.32 -48.16 20.51
N ILE G 186 1.85 -48.48 19.36
CA ILE G 186 2.07 -49.87 18.90
C ILE G 186 3.28 -50.42 19.66
N ALA G 187 3.14 -51.60 20.24
CA ALA G 187 4.18 -52.23 21.10
C ALA G 187 5.17 -52.98 20.19
N GLN G 188 6.42 -53.00 20.61
CA GLN G 188 7.52 -53.73 19.93
C GLN G 188 7.18 -55.22 19.83
N GLU G 189 6.61 -55.82 20.88
CA GLU G 189 6.22 -57.25 20.82
C GLU G 189 4.97 -57.46 21.70
N LYS H 2 -21.91 -68.78 31.01
CA LYS H 2 -20.73 -69.10 30.12
C LYS H 2 -20.13 -67.79 29.54
N ASN H 3 -21.01 -66.83 29.22
CA ASN H 3 -20.72 -65.66 28.36
C ASN H 3 -20.59 -64.40 29.24
N ASN H 4 -20.41 -64.55 30.56
CA ASN H 4 -20.20 -63.41 31.47
C ASN H 4 -18.83 -62.81 31.20
N ASP H 5 -18.76 -61.50 30.98
CA ASP H 5 -17.52 -60.76 30.65
C ASP H 5 -17.25 -59.77 31.80
N LYS H 6 -16.50 -60.22 32.82
CA LYS H 6 -16.21 -59.44 34.05
C LYS H 6 -15.02 -58.52 33.79
N LEU H 7 -14.58 -58.37 32.54
CA LEU H 7 -13.61 -57.32 32.15
C LEU H 7 -14.32 -56.13 31.52
N THR H 8 -15.64 -56.20 31.35
CA THR H 8 -16.44 -55.05 30.86
C THR H 8 -17.59 -54.77 31.81
N LEU H 9 -17.60 -53.56 32.33
CA LEU H 9 -18.72 -52.99 33.10
C LEU H 9 -19.39 -51.94 32.19
N TRP H 10 -20.68 -52.09 31.90
CA TRP H 10 -21.31 -51.22 30.88
C TRP H 10 -22.81 -51.02 31.11
N THR H 11 -23.36 -50.11 30.32
CA THR H 11 -24.79 -49.77 30.26
C THR H 11 -25.59 -50.60 29.24
N THR H 12 -24.95 -51.50 28.52
CA THR H 12 -25.49 -52.12 27.31
C THR H 12 -25.55 -51.05 26.23
N PRO H 13 -25.34 -51.43 24.96
CA PRO H 13 -25.29 -50.46 23.87
C PRO H 13 -26.63 -50.07 23.26
N ASP H 14 -27.76 -50.50 23.83
CA ASP H 14 -29.09 -50.17 23.26
C ASP H 14 -29.38 -48.69 23.57
N THR H 15 -30.51 -48.20 23.10
CA THR H 15 -30.87 -46.75 23.22
C THR H 15 -31.93 -46.54 24.30
N SER H 16 -32.29 -47.60 25.04
CA SER H 16 -33.27 -47.53 26.15
C SER H 16 -32.75 -46.57 27.23
N PRO H 17 -33.54 -45.56 27.61
CA PRO H 17 -33.08 -44.57 28.59
C PRO H 17 -32.72 -45.25 29.92
N ASN H 18 -31.65 -44.81 30.53
CA ASN H 18 -31.08 -45.43 31.76
C ASN H 18 -30.65 -44.36 32.76
N CYS H 19 -30.96 -43.11 32.51
CA CYS H 19 -30.29 -41.99 33.20
C CYS H 19 -31.28 -40.85 33.43
N ARG H 20 -31.14 -40.19 34.58
N ARG H 20 -31.14 -40.19 34.58
CA ARG H 20 -31.93 -39.00 34.98
CA ARG H 20 -31.93 -39.00 34.98
C ARG H 20 -30.97 -37.82 35.04
C ARG H 20 -30.97 -37.82 35.04
N ILE H 21 -31.09 -36.87 34.13
CA ILE H 21 -30.38 -35.57 34.22
C ILE H 21 -31.31 -34.60 34.96
N ASP H 22 -32.51 -34.45 34.44
CA ASP H 22 -33.55 -33.50 34.90
C ASP H 22 -34.74 -34.30 35.45
N GLN H 23 -35.17 -35.34 34.76
CA GLN H 23 -36.31 -36.20 35.17
C GLN H 23 -35.99 -37.67 34.86
N ASP H 24 -36.76 -38.57 35.46
CA ASP H 24 -36.56 -40.04 35.37
C ASP H 24 -36.44 -40.41 33.89
N LYS H 25 -35.43 -41.20 33.54
CA LYS H 25 -35.30 -41.84 32.22
C LYS H 25 -35.36 -40.77 31.12
N ASP H 26 -34.69 -39.63 31.28
CA ASP H 26 -34.69 -38.59 30.23
C ASP H 26 -33.50 -38.78 29.30
N SER H 27 -32.63 -39.76 29.56
CA SER H 27 -31.39 -39.89 28.76
C SER H 27 -30.88 -41.33 28.75
N LYS H 28 -30.13 -41.62 27.70
CA LYS H 28 -29.30 -42.83 27.61
C LYS H 28 -27.85 -42.39 27.68
N LEU H 29 -27.19 -42.68 28.80
CA LEU H 29 -25.73 -42.65 28.90
C LEU H 29 -25.22 -43.99 28.44
N THR H 30 -24.51 -44.03 27.33
CA THR H 30 -23.81 -45.26 26.90
C THR H 30 -22.40 -45.16 27.43
N LEU H 31 -22.08 -46.00 28.41
CA LEU H 31 -20.78 -45.98 29.07
C LEU H 31 -20.27 -47.42 29.10
N VAL H 32 -19.10 -47.61 28.54
CA VAL H 32 -18.40 -48.92 28.53
C VAL H 32 -17.06 -48.74 29.19
N LEU H 33 -16.84 -49.50 30.26
CA LEU H 33 -15.57 -49.52 31.02
C LEU H 33 -14.96 -50.88 30.78
N THR H 34 -13.81 -50.91 30.16
CA THR H 34 -13.07 -52.14 29.89
C THR H 34 -11.78 -52.12 30.72
N LYS H 35 -11.58 -53.16 31.51
CA LYS H 35 -10.39 -53.26 32.39
C LYS H 35 -9.21 -53.79 31.57
N CYS H 36 -8.22 -52.94 31.30
N CYS H 36 -8.22 -52.95 31.29
CA CYS H 36 -6.90 -53.34 30.77
CA CYS H 36 -6.89 -53.35 30.77
C CYS H 36 -5.88 -53.23 31.91
C CYS H 36 -5.89 -53.24 31.92
N GLY H 37 -5.91 -54.23 32.81
CA GLY H 37 -5.07 -54.22 34.03
C GLY H 37 -5.32 -52.97 34.84
N SER H 38 -4.30 -52.18 35.07
CA SER H 38 -4.39 -51.06 36.06
C SER H 38 -4.94 -49.82 35.38
N GLN H 39 -5.43 -49.90 34.15
CA GLN H 39 -6.10 -48.78 33.47
C GLN H 39 -7.48 -49.24 32.99
N ILE H 40 -8.48 -48.37 33.14
CA ILE H 40 -9.84 -48.57 32.61
C ILE H 40 -9.94 -47.77 31.31
N LEU H 41 -10.21 -48.46 30.20
CA LEU H 41 -10.53 -47.81 28.91
C LEU H 41 -12.04 -47.52 28.90
N ALA H 42 -12.39 -46.26 28.77
CA ALA H 42 -13.78 -45.78 28.89
C ALA H 42 -14.22 -45.22 27.55
N ASN H 43 -15.43 -45.55 27.19
CA ASN H 43 -16.11 -45.01 25.99
C ASN H 43 -17.46 -44.49 26.43
N VAL H 44 -17.77 -43.25 26.09
CA VAL H 44 -18.99 -42.59 26.56
C VAL H 44 -19.66 -41.81 25.42
N SER H 45 -20.98 -41.80 25.44
CA SER H 45 -21.83 -40.91 24.62
C SER H 45 -23.11 -40.67 25.40
N LEU H 46 -23.88 -39.67 24.96
CA LEU H 46 -25.12 -39.30 25.66
C LEU H 46 -26.19 -38.99 24.62
N ILE H 47 -27.36 -39.57 24.81
CA ILE H 47 -28.60 -39.23 24.08
C ILE H 47 -29.59 -38.73 25.11
N VAL H 48 -30.04 -37.50 24.98
CA VAL H 48 -31.14 -36.99 25.84
C VAL H 48 -32.44 -37.20 25.07
N VAL H 49 -33.37 -37.94 25.63
CA VAL H 49 -34.60 -38.39 24.92
C VAL H 49 -35.81 -37.59 25.37
N ALA H 50 -35.71 -36.87 26.50
CA ALA H 50 -36.87 -36.17 27.11
C ALA H 50 -36.40 -35.05 28.04
N GLY H 51 -37.36 -34.22 28.43
CA GLY H 51 -37.15 -33.20 29.49
C GLY H 51 -36.40 -32.00 28.94
N ARG H 52 -35.87 -31.17 29.83
CA ARG H 52 -35.40 -29.81 29.50
C ARG H 52 -34.15 -29.84 28.63
N TYR H 53 -33.36 -30.92 28.65
CA TYR H 53 -32.06 -30.97 27.95
C TYR H 53 -32.18 -31.66 26.59
N LYS H 54 -33.38 -32.13 26.21
CA LYS H 54 -33.55 -32.89 24.95
C LYS H 54 -33.22 -31.98 23.77
N ILE H 55 -33.82 -30.80 23.73
CA ILE H 55 -33.64 -29.81 22.64
C ILE H 55 -33.13 -28.52 23.26
N ILE H 56 -31.90 -28.15 22.97
CA ILE H 56 -31.29 -26.90 23.50
C ILE H 56 -31.80 -25.74 22.65
N ASN H 57 -32.35 -24.73 23.28
CA ASN H 57 -32.66 -23.44 22.62
C ASN H 57 -32.16 -22.31 23.51
N ASN H 58 -30.99 -21.78 23.19
CA ASN H 58 -30.29 -20.73 23.96
C ASN H 58 -30.82 -19.35 23.58
N ASN H 59 -31.75 -19.26 22.64
CA ASN H 59 -32.56 -18.03 22.43
C ASN H 59 -33.59 -17.95 23.53
N THR H 60 -34.34 -19.02 23.76
CA THR H 60 -35.41 -19.10 24.78
C THR H 60 -34.75 -19.16 26.18
N ASN H 61 -33.66 -19.93 26.30
CA ASN H 61 -33.00 -20.26 27.60
C ASN H 61 -31.52 -19.92 27.48
N PRO H 62 -31.15 -18.61 27.48
CA PRO H 62 -29.77 -18.22 27.23
C PRO H 62 -28.77 -18.71 28.31
N ALA H 63 -29.24 -19.09 29.48
CA ALA H 63 -28.42 -19.51 30.63
C ALA H 63 -28.25 -21.04 30.65
N LEU H 64 -28.88 -21.76 29.72
CA LEU H 64 -28.84 -23.24 29.68
C LEU H 64 -27.55 -23.67 28.97
N LYS H 65 -26.46 -23.90 29.71
CA LYS H 65 -25.10 -24.05 29.12
C LYS H 65 -24.39 -25.30 29.65
N GLY H 66 -25.08 -26.15 30.40
CA GLY H 66 -24.45 -27.37 30.88
C GLY H 66 -25.29 -28.11 31.90
N PHE H 67 -24.85 -29.31 32.24
CA PHE H 67 -25.48 -30.19 33.23
C PHE H 67 -24.48 -31.27 33.57
N THR H 68 -24.82 -32.05 34.60
CA THR H 68 -23.93 -33.04 35.20
C THR H 68 -24.63 -34.38 35.29
N ILE H 69 -23.87 -35.43 35.03
CA ILE H 69 -24.27 -36.83 35.29
C ILE H 69 -23.21 -37.43 36.22
N LYS H 70 -23.64 -37.91 37.36
CA LYS H 70 -22.76 -38.44 38.43
C LYS H 70 -22.99 -39.95 38.53
N LEU H 71 -21.90 -40.70 38.56
CA LEU H 71 -21.87 -42.12 38.99
C LEU H 71 -21.17 -42.16 40.33
N LEU H 72 -21.91 -42.49 41.37
CA LEU H 72 -21.40 -42.62 42.74
C LEU H 72 -21.31 -44.11 43.06
N PHE H 73 -20.19 -44.52 43.64
CA PHE H 73 -19.91 -45.94 43.95
C PHE H 73 -19.56 -46.08 45.41
N ASP H 74 -20.01 -47.17 46.01
CA ASP H 74 -19.71 -47.52 47.42
C ASP H 74 -18.33 -48.21 47.44
N LYS H 75 -17.91 -48.65 48.60
CA LYS H 75 -16.54 -49.18 48.83
C LYS H 75 -16.32 -50.47 48.00
N ASN H 76 -17.38 -51.10 47.50
CA ASN H 76 -17.28 -52.36 46.70
C ASN H 76 -17.35 -52.04 45.21
N GLY H 77 -17.45 -50.76 44.85
CA GLY H 77 -17.58 -50.34 43.44
C GLY H 77 -18.98 -50.53 42.93
N VAL H 78 -19.95 -50.68 43.82
CA VAL H 78 -21.38 -50.84 43.46
C VAL H 78 -21.99 -49.46 43.27
N LEU H 79 -22.71 -49.26 42.19
CA LEU H 79 -23.36 -47.99 41.82
C LEU H 79 -24.44 -47.70 42.86
N MET H 80 -24.41 -46.50 43.44
CA MET H 80 -25.38 -46.06 44.48
C MET H 80 -26.62 -45.47 43.79
N GLU H 81 -27.78 -45.64 44.43
CA GLU H 81 -29.10 -45.20 43.91
C GLU H 81 -29.09 -43.69 43.69
N SER H 82 -28.26 -42.93 44.40
CA SER H 82 -28.21 -41.45 44.30
C SER H 82 -27.56 -41.00 42.97
N SER H 83 -26.96 -41.92 42.22
CA SER H 83 -26.34 -41.64 40.91
C SER H 83 -27.43 -41.19 39.92
N ASN H 84 -27.04 -40.45 38.90
CA ASN H 84 -27.92 -40.09 37.78
C ASN H 84 -28.21 -41.36 36.96
N LEU H 85 -27.22 -42.22 36.82
CA LEU H 85 -27.37 -43.50 36.08
C LEU H 85 -28.16 -44.50 36.94
N GLY H 86 -29.17 -45.15 36.34
CA GLY H 86 -29.97 -46.20 36.99
C GLY H 86 -29.14 -47.47 37.19
N LYS H 87 -29.40 -48.18 38.29
CA LYS H 87 -28.62 -49.37 38.69
C LYS H 87 -29.00 -50.58 37.82
N SER H 88 -30.23 -50.67 37.36
CA SER H 88 -30.79 -51.94 36.85
C SER H 88 -30.08 -52.35 35.55
N TYR H 89 -29.50 -51.47 34.75
CA TYR H 89 -28.77 -51.91 33.49
C TYR H 89 -27.35 -51.38 33.55
N TRP H 90 -26.77 -51.33 34.73
CA TRP H 90 -25.33 -51.10 34.92
C TRP H 90 -24.73 -52.36 35.49
N ASN H 91 -24.01 -53.14 34.70
CA ASN H 91 -23.56 -54.47 35.16
C ASN H 91 -22.44 -54.95 34.24
N PHE H 92 -21.77 -56.02 34.65
CA PHE H 92 -20.82 -56.75 33.79
C PHE H 92 -21.57 -57.22 32.55
N ARG H 93 -20.86 -57.19 31.44
CA ARG H 93 -21.40 -57.57 30.12
C ARG H 93 -21.73 -59.06 30.07
N ASN H 94 -22.84 -59.35 29.43
CA ASN H 94 -23.13 -60.68 28.83
C ASN H 94 -23.69 -60.42 27.43
N GLN H 95 -22.88 -60.67 26.40
CA GLN H 95 -23.20 -60.43 24.96
C GLN H 95 -23.59 -58.97 24.77
N ASN H 96 -24.80 -58.65 24.32
CA ASN H 96 -25.27 -57.24 24.17
C ASN H 96 -26.09 -56.82 25.37
N SER H 97 -26.10 -57.63 26.42
CA SER H 97 -26.90 -57.39 27.65
C SER H 97 -25.97 -57.41 28.86
N ILE H 98 -26.50 -57.78 30.01
CA ILE H 98 -25.77 -57.74 31.30
C ILE H 98 -25.88 -59.10 31.95
N MET H 99 -24.95 -59.40 32.85
N MET H 99 -24.95 -59.40 32.85
CA MET H 99 -25.02 -60.55 33.77
CA MET H 99 -25.02 -60.55 33.77
C MET H 99 -26.42 -60.57 34.41
C MET H 99 -26.42 -60.57 34.41
N SER H 100 -26.95 -61.77 34.65
CA SER H 100 -28.33 -61.97 35.15
C SER H 100 -28.46 -61.52 36.61
N THR H 101 -27.34 -61.35 37.31
CA THR H 101 -27.24 -61.03 38.76
C THR H 101 -26.53 -59.68 38.92
N ALA H 102 -27.02 -58.80 39.79
CA ALA H 102 -26.36 -57.50 40.10
C ALA H 102 -24.97 -57.79 40.67
N TYR H 103 -23.92 -57.12 40.19
CA TYR H 103 -22.56 -57.42 40.64
C TYR H 103 -22.40 -56.94 42.09
N GLU H 104 -21.54 -57.63 42.84
CA GLU H 104 -21.26 -57.31 44.25
C GLU H 104 -19.92 -56.59 44.38
N LYS H 105 -18.99 -56.76 43.44
CA LYS H 105 -17.63 -56.19 43.54
C LYS H 105 -17.13 -55.75 42.17
N ALA H 106 -16.64 -54.53 42.07
CA ALA H 106 -16.02 -53.97 40.85
C ALA H 106 -14.96 -52.95 41.23
N ILE H 107 -14.18 -53.25 42.27
CA ILE H 107 -13.12 -52.32 42.76
C ILE H 107 -12.06 -52.16 41.67
N GLY H 108 -11.87 -53.18 40.84
CA GLY H 108 -10.94 -53.14 39.71
C GLY H 108 -11.33 -52.11 38.66
N PHE H 109 -12.53 -51.56 38.71
CA PHE H 109 -13.07 -50.58 37.74
C PHE H 109 -13.09 -49.19 38.37
N MET H 110 -12.80 -49.08 39.65
CA MET H 110 -12.96 -47.80 40.39
C MET H 110 -11.74 -46.92 40.13
N PRO H 111 -11.91 -45.61 40.05
CA PRO H 111 -10.79 -44.71 39.88
C PRO H 111 -9.89 -44.74 41.12
N ASN H 112 -8.60 -44.86 40.88
CA ASN H 112 -7.56 -45.03 41.89
C ASN H 112 -7.60 -43.84 42.87
N LEU H 113 -7.66 -44.11 44.17
CA LEU H 113 -7.81 -43.05 45.20
C LEU H 113 -6.49 -42.30 45.45
N VAL H 114 -5.33 -42.91 45.18
CA VAL H 114 -4.05 -42.18 45.31
C VAL H 114 -3.89 -41.25 44.10
N ALA H 115 -4.24 -41.71 42.89
CA ALA H 115 -4.20 -40.85 41.69
C ALA H 115 -5.22 -39.74 41.85
N TYR H 116 -6.41 -40.08 42.35
CA TYR H 116 -7.61 -39.21 42.37
C TYR H 116 -8.21 -39.21 43.78
N PRO H 117 -7.63 -38.47 44.72
CA PRO H 117 -8.12 -38.43 46.10
C PRO H 117 -9.50 -37.76 46.23
N LYS H 118 -10.22 -38.17 47.26
CA LYS H 118 -11.52 -37.54 47.68
C LYS H 118 -11.27 -36.10 48.06
N PRO H 119 -12.31 -35.24 47.96
CA PRO H 119 -12.23 -33.84 48.32
C PRO H 119 -11.83 -33.67 49.78
N THR H 120 -10.91 -32.76 50.04
CA THR H 120 -10.71 -32.16 51.38
C THR H 120 -10.45 -30.65 51.22
N THR H 121 -11.04 -29.85 52.11
CA THR H 121 -10.73 -28.41 52.28
C THR H 121 -9.23 -28.21 52.55
N GLY H 122 -8.59 -28.95 53.47
CA GLY H 122 -7.26 -28.62 54.01
C GLY H 122 -6.09 -29.07 53.13
N SER H 123 -6.34 -29.72 51.99
CA SER H 123 -5.24 -30.23 51.11
C SER H 123 -5.31 -29.58 49.72
N LYS H 124 -4.18 -29.51 48.99
CA LYS H 124 -4.12 -29.06 47.58
C LYS H 124 -4.94 -30.01 46.68
N LYS H 125 -5.85 -29.44 45.90
CA LYS H 125 -6.65 -30.20 44.92
C LYS H 125 -5.89 -30.19 43.61
N TYR H 126 -5.43 -31.33 43.13
CA TYR H 126 -4.67 -31.42 41.84
C TYR H 126 -5.62 -31.77 40.70
N ALA H 127 -5.31 -31.25 39.53
CA ALA H 127 -6.16 -31.33 38.33
C ALA H 127 -6.05 -32.70 37.65
N ARG H 128 -5.15 -33.59 38.09
CA ARG H 128 -4.94 -34.82 37.28
C ARG H 128 -6.15 -35.75 37.42
N ASP H 129 -7.08 -35.46 38.34
CA ASP H 129 -8.34 -36.22 38.46
C ASP H 129 -9.39 -35.74 37.41
N ILE H 130 -8.97 -34.90 36.47
CA ILE H 130 -9.84 -34.40 35.39
C ILE H 130 -9.29 -34.88 34.04
N VAL H 131 -10.20 -35.29 33.16
N VAL H 131 -10.19 -35.33 33.16
CA VAL H 131 -9.93 -35.43 31.71
CA VAL H 131 -9.89 -35.42 31.71
C VAL H 131 -10.93 -34.58 30.95
C VAL H 131 -10.93 -34.59 30.95
N TYR H 132 -10.44 -33.74 30.06
CA TYR H 132 -11.29 -32.98 29.11
C TYR H 132 -11.40 -33.71 27.79
N GLY H 133 -12.58 -33.62 27.19
CA GLY H 133 -12.83 -34.07 25.82
C GLY H 133 -13.86 -33.14 25.18
N ASN H 134 -14.02 -33.27 23.86
CA ASN H 134 -15.14 -32.69 23.12
C ASN H 134 -15.96 -33.83 22.52
N ILE H 135 -17.26 -33.63 22.47
CA ILE H 135 -18.17 -34.43 21.66
C ILE H 135 -19.04 -33.43 20.89
N TYR H 136 -19.73 -33.91 19.88
CA TYR H 136 -20.40 -33.05 18.87
C TYR H 136 -21.87 -33.42 18.81
N LEU H 137 -22.74 -32.43 19.01
CA LEU H 137 -24.20 -32.64 18.94
C LEU H 137 -24.56 -32.99 17.49
N GLY H 138 -25.28 -34.09 17.32
CA GLY H 138 -25.77 -34.53 16.02
C GLY H 138 -24.65 -34.93 15.08
N GLY H 139 -23.44 -35.09 15.60
CA GLY H 139 -22.26 -35.41 14.78
C GLY H 139 -21.82 -34.24 13.92
N LYS H 140 -22.30 -33.03 14.20
CA LYS H 140 -22.00 -31.86 13.36
C LYS H 140 -20.71 -31.22 13.85
N PRO H 141 -19.75 -30.95 12.95
CA PRO H 141 -18.42 -30.51 13.37
C PRO H 141 -18.41 -29.14 14.06
N HIS H 142 -19.44 -28.31 13.85
CA HIS H 142 -19.50 -26.96 14.47
C HIS H 142 -20.49 -26.94 15.65
N GLN H 143 -20.81 -28.11 16.23
CA GLN H 143 -21.65 -28.17 17.46
C GLN H 143 -20.88 -28.88 18.56
N PRO H 144 -19.69 -28.36 18.95
CA PRO H 144 -18.93 -28.97 20.03
C PRO H 144 -19.63 -28.74 21.39
N VAL H 145 -19.50 -29.72 22.26
CA VAL H 145 -19.72 -29.56 23.71
C VAL H 145 -18.52 -30.15 24.42
N THR H 146 -18.14 -29.52 25.51
CA THR H 146 -17.07 -30.01 26.39
C THR H 146 -17.67 -31.09 27.28
N ILE H 147 -17.01 -32.25 27.33
CA ILE H 147 -17.30 -33.27 28.36
C ILE H 147 -16.08 -33.30 29.29
N LYS H 148 -16.28 -32.84 30.51
CA LYS H 148 -15.27 -32.83 31.55
C LYS H 148 -15.58 -33.99 32.47
N THR H 149 -14.62 -34.89 32.63
CA THR H 149 -14.78 -36.10 33.46
C THR H 149 -13.88 -35.93 34.67
N THR H 150 -14.43 -36.06 35.85
CA THR H 150 -13.69 -35.93 37.11
C THR H 150 -13.87 -37.20 37.91
N PHE H 151 -12.75 -37.68 38.48
CA PHE H 151 -12.72 -38.90 39.31
C PHE H 151 -12.69 -38.54 40.79
N ASN H 152 -13.59 -39.17 41.53
CA ASN H 152 -13.56 -39.23 43.02
C ASN H 152 -13.66 -37.83 43.61
N GLN H 153 -14.46 -36.94 43.00
CA GLN H 153 -14.64 -35.59 43.59
C GLN H 153 -16.04 -35.44 44.20
N GLU H 154 -16.85 -36.48 44.22
CA GLU H 154 -18.19 -36.42 44.88
C GLU H 154 -18.05 -36.85 46.33
N THR H 155 -18.80 -36.27 47.25
CA THR H 155 -18.92 -36.76 48.65
C THR H 155 -20.08 -37.76 48.71
N GLY H 156 -20.24 -38.48 49.82
CA GLY H 156 -21.33 -39.44 50.06
C GLY H 156 -21.13 -40.70 49.21
N CYS H 157 -19.87 -41.08 48.98
CA CYS H 157 -19.52 -42.26 48.21
C CYS H 157 -18.04 -42.54 48.44
N GLU H 158 -17.59 -43.73 48.04
CA GLU H 158 -16.17 -44.06 48.10
C GLU H 158 -15.47 -43.61 46.82
N TYR H 159 -16.11 -43.79 45.69
CA TYR H 159 -15.56 -43.49 44.34
C TYR H 159 -16.64 -42.78 43.53
N SER H 160 -16.23 -41.99 42.57
CA SER H 160 -17.18 -41.32 41.65
C SER H 160 -16.54 -41.11 40.29
N ILE H 161 -17.39 -41.13 39.29
CA ILE H 161 -17.12 -40.55 37.95
C ILE H 161 -18.19 -39.51 37.68
N THR H 162 -17.77 -38.28 37.46
CA THR H 162 -18.66 -37.14 37.18
C THR H 162 -18.43 -36.66 35.76
N PHE H 163 -19.50 -36.56 35.00
CA PHE H 163 -19.49 -36.01 33.63
C PHE H 163 -20.16 -34.64 33.67
N ASP H 164 -19.40 -33.59 33.45
CA ASP H 164 -19.91 -32.21 33.34
C ASP H 164 -19.93 -31.86 31.86
N PHE H 165 -21.13 -31.65 31.31
CA PHE H 165 -21.31 -31.25 29.91
C PHE H 165 -21.53 -29.76 29.89
N SER H 166 -20.83 -29.04 29.02
CA SER H 166 -20.98 -27.58 28.91
C SER H 166 -20.76 -27.17 27.47
N TRP H 167 -21.31 -26.02 27.08
CA TRP H 167 -21.06 -25.48 25.74
C TRP H 167 -21.02 -23.98 25.82
N ALA H 168 -20.31 -23.36 24.88
CA ALA H 168 -20.08 -21.91 24.85
C ALA H 168 -20.56 -21.35 23.53
N LYS H 169 -21.44 -22.07 22.82
CA LYS H 169 -22.15 -21.57 21.62
C LYS H 169 -23.63 -21.43 21.96
N THR H 170 -24.32 -20.56 21.23
CA THR H 170 -25.78 -20.38 21.30
C THR H 170 -26.43 -21.42 20.41
N TYR H 171 -26.84 -22.56 20.96
CA TYR H 171 -27.49 -23.65 20.20
C TYR H 171 -28.99 -23.38 20.16
N VAL H 172 -29.53 -23.38 18.96
CA VAL H 172 -30.95 -23.09 18.68
C VAL H 172 -31.62 -24.34 18.11
N ASN H 173 -32.46 -24.97 18.92
N ASN H 173 -32.46 -24.98 18.92
CA ASN H 173 -33.24 -26.18 18.56
CA ASN H 173 -33.25 -26.17 18.51
C ASN H 173 -32.29 -27.28 18.11
C ASN H 173 -32.29 -27.28 18.11
N VAL H 174 -31.31 -27.56 18.97
CA VAL H 174 -30.30 -28.62 18.70
C VAL H 174 -30.58 -29.77 19.66
N GLU H 175 -30.82 -30.95 19.11
CA GLU H 175 -31.06 -32.18 19.91
C GLU H 175 -29.75 -32.54 20.61
N PHE H 176 -29.81 -32.73 21.93
CA PHE H 176 -28.62 -33.09 22.71
C PHE H 176 -28.42 -34.59 22.61
N GLU H 177 -27.75 -35.00 21.54
CA GLU H 177 -27.35 -36.40 21.32
C GLU H 177 -25.98 -36.35 20.67
N THR H 178 -25.00 -37.08 21.22
CA THR H 178 -23.58 -36.74 21.04
C THR H 178 -22.82 -37.84 20.29
N THR H 179 -21.70 -37.45 19.73
CA THR H 179 -20.64 -38.37 19.29
C THR H 179 -20.03 -39.03 20.54
N SER H 180 -19.17 -40.00 20.33
CA SER H 180 -18.53 -40.78 21.39
C SER H 180 -17.15 -40.19 21.72
N PHE H 181 -16.73 -40.41 22.93
CA PHE H 181 -15.40 -39.99 23.41
C PHE H 181 -14.79 -41.15 24.20
N THR H 182 -13.51 -41.35 24.01
CA THR H 182 -12.72 -42.40 24.67
C THR H 182 -11.69 -41.74 25.58
N PHE H 183 -11.59 -42.24 26.80
CA PHE H 183 -10.54 -41.81 27.74
C PHE H 183 -10.13 -43.03 28.54
N SER H 184 -9.14 -42.85 29.40
CA SER H 184 -8.75 -43.91 30.37
C SER H 184 -8.58 -43.26 31.74
N TYR H 185 -8.55 -44.08 32.76
CA TYR H 185 -8.17 -43.64 34.10
C TYR H 185 -7.48 -44.80 34.81
N ILE H 186 -6.73 -44.45 35.82
CA ILE H 186 -5.94 -45.41 36.64
C ILE H 186 -6.91 -46.13 37.58
N ALA H 187 -6.87 -47.44 37.62
CA ALA H 187 -7.79 -48.30 38.40
C ALA H 187 -7.28 -48.42 39.83
N GLN H 188 -8.19 -48.51 40.77
CA GLN H 188 -7.91 -48.69 42.22
C GLN H 188 -7.10 -49.97 42.44
N GLU H 189 -7.43 -51.06 41.74
CA GLU H 189 -6.64 -52.33 41.83
C GLU H 189 -6.65 -53.03 40.47
N ASN I 1 0.54 -71.44 13.73
CA ASN I 1 1.80 -70.73 14.10
C ASN I 1 1.66 -70.11 15.50
N LYS I 2 2.64 -70.40 16.37
CA LYS I 2 2.75 -70.02 17.82
C LYS I 2 2.52 -68.51 18.03
N ASN I 3 2.91 -67.69 17.04
CA ASN I 3 3.00 -66.22 17.16
C ASN I 3 1.80 -65.55 16.49
N ASN I 4 0.74 -66.30 16.12
CA ASN I 4 -0.51 -65.70 15.60
C ASN I 4 -1.19 -64.94 16.74
N ASP I 5 -1.53 -63.69 16.50
CA ASP I 5 -2.13 -62.80 17.52
C ASP I 5 -3.51 -62.40 17.02
N LYS I 6 -4.54 -63.20 17.35
CA LYS I 6 -5.95 -62.99 16.88
C LYS I 6 -6.63 -61.92 17.75
N LEU I 7 -5.88 -61.25 18.62
CA LEU I 7 -6.38 -60.08 19.37
C LEU I 7 -5.87 -58.79 18.71
N THR I 8 -5.13 -58.87 17.61
CA THR I 8 -4.74 -57.69 16.81
C THR I 8 -5.10 -57.91 15.35
N LEU I 9 -5.92 -57.03 14.79
CA LEU I 9 -6.23 -56.96 13.36
C LEU I 9 -5.58 -55.66 12.89
N TRP I 10 -4.67 -55.72 11.93
CA TRP I 10 -3.87 -54.52 11.58
C TRP I 10 -3.40 -54.54 10.13
N THR I 11 -2.83 -53.41 9.74
CA THR I 11 -2.21 -53.16 8.43
C THR I 11 -0.71 -53.51 8.42
N THR I 12 -0.16 -53.99 9.50
CA THR I 12 1.31 -54.04 9.73
C THR I 12 1.79 -52.61 9.88
N PRO I 13 2.84 -52.40 10.71
CA PRO I 13 3.38 -51.08 10.92
C PRO I 13 4.36 -50.56 9.88
N ASP I 14 4.55 -51.26 8.75
CA ASP I 14 5.53 -50.82 7.73
C ASP I 14 4.93 -49.65 6.97
N THR I 15 5.67 -49.11 6.01
CA THR I 15 5.28 -47.88 5.26
C THR I 15 4.87 -48.24 3.82
N SER I 16 4.76 -49.53 3.51
N SER I 16 4.76 -49.54 3.50
CA SER I 16 4.31 -50.02 2.17
CA SER I 16 4.30 -50.04 2.17
C SER I 16 2.89 -49.56 1.90
C SER I 16 2.88 -49.56 1.91
N PRO I 17 2.62 -48.88 0.77
CA PRO I 17 1.28 -48.38 0.50
C PRO I 17 0.26 -49.52 0.47
N ASN I 18 -0.92 -49.29 1.03
CA ASN I 18 -1.97 -50.32 1.20
C ASN I 18 -3.34 -49.74 0.87
N CYS I 19 -3.41 -48.54 0.37
CA CYS I 19 -4.67 -47.77 0.34
C CYS I 19 -4.75 -46.92 -0.92
N ARG I 20 -5.95 -46.80 -1.47
N ARG I 20 -5.96 -46.79 -1.45
CA ARG I 20 -6.26 -45.99 -2.66
CA ARG I 20 -6.26 -45.98 -2.65
C ARG I 20 -7.20 -44.88 -2.19
C ARG I 20 -7.21 -44.88 -2.19
N ILE I 21 -6.73 -43.64 -2.17
CA ILE I 21 -7.60 -42.46 -1.91
C ILE I 21 -8.08 -41.96 -3.26
N ASP I 22 -7.12 -41.65 -4.12
CA ASP I 22 -7.36 -41.11 -5.46
C ASP I 22 -6.96 -42.16 -6.52
N GLN I 23 -5.82 -42.81 -6.34
CA GLN I 23 -5.29 -43.80 -7.30
C GLN I 23 -4.66 -44.97 -6.54
N ASP I 24 -4.45 -46.07 -7.25
CA ASP I 24 -3.94 -47.32 -6.65
C ASP I 24 -2.72 -47.02 -5.81
N LYS I 25 -2.69 -47.52 -4.57
CA LYS I 25 -1.46 -47.54 -3.74
C LYS I 25 -0.90 -46.14 -3.59
N ASP I 26 -1.74 -45.14 -3.36
CA ASP I 26 -1.26 -43.76 -3.19
C ASP I 26 -1.02 -43.47 -1.71
N SER I 27 -1.32 -44.39 -0.81
CA SER I 27 -1.25 -44.10 0.63
C SER I 27 -1.00 -45.35 1.47
N LYS I 28 -0.44 -45.12 2.65
CA LYS I 28 -0.36 -46.11 3.73
C LYS I 28 -1.27 -45.64 4.86
N LEU I 29 -2.40 -46.30 5.03
CA LEU I 29 -3.22 -46.20 6.25
C LEU I 29 -2.64 -47.19 7.26
N THR I 30 -2.06 -46.70 8.34
CA THR I 30 -1.62 -47.56 9.45
C THR I 30 -2.74 -47.63 10.46
N LEU I 31 -3.40 -48.77 10.51
CA LEU I 31 -4.57 -48.98 11.37
C LEU I 31 -4.31 -50.25 12.18
N VAL I 32 -4.33 -50.10 13.48
CA VAL I 32 -4.17 -51.22 14.44
C VAL I 32 -5.43 -51.28 15.29
N LEU I 33 -6.11 -52.42 15.22
CA LEU I 33 -7.29 -52.69 16.05
C LEU I 33 -6.86 -53.77 17.05
N THR I 34 -6.91 -53.43 18.32
CA THR I 34 -6.56 -54.37 19.40
C THR I 34 -7.84 -54.65 20.19
N LYS I 35 -8.18 -55.92 20.32
CA LYS I 35 -9.42 -56.33 21.02
C LYS I 35 -9.12 -56.36 22.51
N CYS I 36 -9.71 -55.44 23.26
CA CYS I 36 -9.79 -55.49 24.74
C CYS I 36 -11.23 -55.86 25.11
N GLY I 37 -11.57 -57.12 24.94
CA GLY I 37 -12.93 -57.65 25.10
C GLY I 37 -13.94 -56.86 24.28
N SER I 38 -14.89 -56.21 24.95
N SER I 38 -14.87 -56.22 24.96
CA SER I 38 -16.05 -55.60 24.26
CA SER I 38 -16.07 -55.56 24.37
C SER I 38 -15.68 -54.26 23.66
C SER I 38 -15.68 -54.26 23.67
N GLN I 39 -14.45 -53.80 23.82
CA GLN I 39 -13.97 -52.56 23.16
C GLN I 39 -12.78 -52.86 22.24
N ILE I 40 -12.77 -52.25 21.09
CA ILE I 40 -11.62 -52.24 20.16
C ILE I 40 -10.85 -50.96 20.40
N LEU I 41 -9.58 -51.07 20.77
CA LEU I 41 -8.64 -49.93 20.85
C LEU I 41 -8.02 -49.74 19.47
N ALA I 42 -8.25 -48.58 18.86
CA ALA I 42 -7.87 -48.32 17.46
C ALA I 42 -6.83 -47.21 17.43
N ASN I 43 -5.78 -47.44 16.68
CA ASN I 43 -4.70 -46.46 16.47
C ASN I 43 -4.54 -46.27 14.97
N VAL I 44 -4.59 -45.03 14.51
CA VAL I 44 -4.61 -44.72 13.07
C VAL I 44 -3.67 -43.57 12.74
N SER I 45 -3.05 -43.63 11.57
CA SER I 45 -2.30 -42.55 10.92
C SER I 45 -2.39 -42.76 9.41
N LEU I 46 -2.00 -41.75 8.65
CA LEU I 46 -2.07 -41.80 7.18
C LEU I 46 -0.81 -41.16 6.64
N ILE I 47 -0.19 -41.82 5.67
CA ILE I 47 0.90 -41.30 4.83
C ILE I 47 0.39 -41.37 3.39
N VAL I 48 0.27 -40.24 2.73
CA VAL I 48 -0.02 -40.22 1.28
C VAL I 48 1.30 -40.14 0.56
N VAL I 49 1.59 -41.13 -0.27
CA VAL I 49 2.94 -41.32 -0.89
C VAL I 49 2.90 -40.88 -2.36
N ALA I 50 1.73 -40.71 -2.96
CA ALA I 50 1.61 -40.41 -4.40
C ALA I 50 0.24 -39.82 -4.73
N GLY I 51 0.08 -39.35 -5.96
CA GLY I 51 -1.22 -38.91 -6.48
C GLY I 51 -1.63 -37.55 -5.98
N ARG I 52 -2.90 -37.20 -6.15
CA ARG I 52 -3.35 -35.79 -6.01
C ARG I 52 -3.25 -35.31 -4.56
N TYR I 53 -3.32 -36.20 -3.56
CA TYR I 53 -3.42 -35.79 -2.14
C TYR I 53 -2.05 -35.89 -1.46
N LYS I 54 -0.98 -36.21 -2.19
CA LYS I 54 0.37 -36.31 -1.58
C LYS I 54 0.79 -34.93 -1.03
N ILE I 55 0.66 -33.90 -1.86
CA ILE I 55 1.01 -32.50 -1.51
C ILE I 55 -0.24 -31.64 -1.66
N ILE I 56 -0.75 -31.10 -0.57
CA ILE I 56 -1.92 -30.18 -0.59
C ILE I 56 -1.44 -28.81 -1.00
N ASN I 57 -2.05 -28.21 -2.01
CA ASN I 57 -1.86 -26.79 -2.32
C ASN I 57 -3.23 -26.14 -2.54
N ASN I 58 -3.70 -25.44 -1.52
CA ASN I 58 -5.04 -24.77 -1.48
C ASN I 58 -4.96 -23.41 -2.17
N ASN I 59 -3.79 -23.00 -2.67
CA ASN I 59 -3.69 -21.86 -3.62
C ASN I 59 -4.15 -22.34 -5.00
N THR I 60 -3.62 -23.47 -5.46
CA THR I 60 -3.94 -24.04 -6.78
C THR I 60 -5.32 -24.70 -6.70
N ASN I 61 -5.66 -25.34 -5.59
CA ASN I 61 -6.92 -26.13 -5.39
C ASN I 61 -7.65 -25.62 -4.16
N PRO I 62 -8.25 -24.41 -4.20
CA PRO I 62 -8.80 -23.81 -2.99
C PRO I 62 -9.98 -24.58 -2.39
N ALA I 63 -10.64 -25.44 -3.17
CA ALA I 63 -11.84 -26.20 -2.72
C ALA I 63 -11.43 -27.56 -2.15
N LEU I 64 -10.16 -27.94 -2.23
CA LEU I 64 -9.67 -29.27 -1.79
C LEU I 64 -9.50 -29.23 -0.26
N LYS I 65 -10.51 -29.72 0.46
CA LYS I 65 -10.55 -29.61 1.93
C LYS I 65 -10.84 -30.96 2.58
N GLY I 66 -10.82 -32.06 1.85
CA GLY I 66 -11.03 -33.37 2.51
C GLY I 66 -10.99 -34.52 1.54
N PHE I 67 -11.05 -35.72 2.08
CA PHE I 67 -11.22 -36.98 1.32
C PHE I 67 -11.62 -38.05 2.31
N THR I 68 -12.00 -39.21 1.81
CA THR I 68 -12.56 -40.32 2.61
C THR I 68 -11.79 -41.60 2.34
N ILE I 69 -11.59 -42.39 3.37
CA ILE I 69 -11.07 -43.78 3.29
C ILE I 69 -12.12 -44.69 3.95
N LYS I 70 -12.66 -45.64 3.20
CA LYS I 70 -13.73 -46.54 3.65
C LYS I 70 -13.17 -47.95 3.79
N LEU I 71 -13.44 -48.58 4.92
CA LEU I 71 -13.31 -50.04 5.11
C LEU I 71 -14.72 -50.62 5.16
N LEU I 72 -15.07 -51.41 4.18
CA LEU I 72 -16.39 -52.10 4.12
C LEU I 72 -16.15 -53.57 4.46
N PHE I 73 -17.00 -54.13 5.31
CA PHE I 73 -16.85 -55.52 5.79
C PHE I 73 -18.12 -56.30 5.50
N ASP I 74 -17.96 -57.55 5.14
CA ASP I 74 -19.09 -58.50 4.97
C ASP I 74 -19.51 -59.06 6.33
N LYS I 75 -20.46 -59.97 6.32
N LYS I 75 -20.47 -59.98 6.31
CA LYS I 75 -21.10 -60.51 7.55
CA LYS I 75 -21.13 -60.57 7.48
C LYS I 75 -20.08 -61.26 8.41
C LYS I 75 -20.08 -61.26 8.40
N ASN I 76 -18.91 -61.61 7.86
CA ASN I 76 -17.86 -62.35 8.63
C ASN I 76 -16.78 -61.38 9.11
N GLY I 77 -16.93 -60.09 8.84
CA GLY I 77 -15.93 -59.06 9.18
C GLY I 77 -14.76 -59.07 8.23
N VAL I 78 -14.95 -59.67 7.06
CA VAL I 78 -13.89 -59.73 6.01
C VAL I 78 -13.97 -58.45 5.19
N LEU I 79 -12.83 -57.81 4.97
CA LEU I 79 -12.70 -56.58 4.20
C LEU I 79 -13.09 -56.88 2.76
N MET I 80 -14.00 -56.06 2.21
N MET I 80 -14.00 -56.06 2.20
CA MET I 80 -14.45 -56.18 0.81
CA MET I 80 -14.44 -56.17 0.80
C MET I 80 -13.47 -55.46 -0.12
C MET I 80 -13.43 -55.47 -0.12
N GLU I 81 -13.26 -56.04 -1.32
N GLU I 81 -13.14 -56.00 -1.31
CA GLU I 81 -12.26 -55.60 -2.35
CA GLU I 81 -12.08 -55.43 -2.19
C GLU I 81 -12.55 -54.12 -2.72
C GLU I 81 -12.51 -54.07 -2.73
N SER I 82 -13.80 -53.72 -2.66
CA SER I 82 -14.30 -52.39 -3.07
C SER I 82 -13.88 -51.30 -2.05
N SER I 83 -13.33 -51.66 -0.90
CA SER I 83 -12.84 -50.71 0.13
C SER I 83 -11.68 -49.89 -0.42
N ASN I 84 -11.41 -48.72 0.14
CA ASN I 84 -10.17 -47.95 -0.16
C ASN I 84 -8.92 -48.75 0.31
N LEU I 85 -9.03 -49.42 1.43
CA LEU I 85 -7.94 -50.26 2.00
C LEU I 85 -7.82 -51.56 1.23
N GLY I 86 -6.61 -51.92 0.82
CA GLY I 86 -6.29 -53.19 0.13
C GLY I 86 -6.35 -54.35 1.11
N LYS I 87 -6.75 -55.51 0.64
CA LYS I 87 -7.00 -56.71 1.46
C LYS I 87 -5.67 -57.37 1.88
N SER I 88 -4.62 -57.29 1.09
CA SER I 88 -3.52 -58.31 1.13
C SER I 88 -2.77 -58.24 2.49
N TYR I 89 -2.64 -57.05 3.09
CA TYR I 89 -1.90 -56.82 4.35
C TYR I 89 -2.83 -56.29 5.41
N TRP I 90 -4.10 -56.70 5.35
CA TRP I 90 -5.10 -56.45 6.42
C TRP I 90 -5.46 -57.79 7.00
N ASN I 91 -4.92 -58.11 8.17
CA ASN I 91 -4.98 -59.48 8.71
C ASN I 91 -4.63 -59.42 10.20
N PHE I 92 -4.88 -60.53 10.89
CA PHE I 92 -4.38 -60.78 12.25
C PHE I 92 -2.88 -60.65 12.24
N ARG I 93 -2.36 -60.15 13.33
CA ARG I 93 -0.93 -59.93 13.55
C ARG I 93 -0.20 -61.26 13.69
N ASN I 94 0.98 -61.29 13.11
CA ASN I 94 2.07 -62.23 13.44
C ASN I 94 3.36 -61.42 13.47
N GLN I 95 3.86 -61.13 14.68
CA GLN I 95 5.08 -60.30 14.94
C GLN I 95 4.86 -58.93 14.29
N ASN I 96 5.70 -58.49 13.36
CA ASN I 96 5.54 -57.19 12.66
C ASN I 96 4.83 -57.40 11.31
N SER I 97 4.30 -58.57 11.08
CA SER I 97 3.65 -58.95 9.81
C SER I 97 2.25 -59.48 10.11
N ILE I 98 1.76 -60.36 9.26
CA ILE I 98 0.39 -60.88 9.34
C ILE I 98 0.41 -62.39 9.37
N MET I 99 -0.68 -62.98 9.86
N MET I 99 -0.67 -62.97 9.87
CA MET I 99 -1.00 -64.41 9.75
CA MET I 99 -1.01 -64.41 9.77
C MET I 99 -0.79 -64.81 8.30
C MET I 99 -0.83 -64.82 8.29
N SER I 100 -0.35 -66.02 8.03
CA SER I 100 0.12 -66.47 6.69
C SER I 100 -1.07 -66.61 5.72
N THR I 101 -2.29 -66.76 6.26
CA THR I 101 -3.53 -67.05 5.52
C THR I 101 -4.52 -65.92 5.83
N ALA I 102 -5.31 -65.50 4.83
CA ALA I 102 -6.35 -64.45 5.02
C ALA I 102 -7.36 -64.94 6.04
N TYR I 103 -7.76 -64.10 6.97
CA TYR I 103 -8.73 -64.49 8.01
C TYR I 103 -10.09 -64.70 7.37
N GLU I 104 -10.86 -65.61 7.95
CA GLU I 104 -12.23 -65.95 7.53
C GLU I 104 -13.28 -65.26 8.39
N LYS I 105 -12.95 -64.94 9.65
CA LYS I 105 -13.89 -64.39 10.64
C LYS I 105 -13.15 -63.38 11.51
N ALA I 106 -13.73 -62.20 11.69
CA ALA I 106 -13.22 -61.14 12.59
C ALA I 106 -14.39 -60.33 13.13
N ILE I 107 -15.48 -61.03 13.46
CA ILE I 107 -16.70 -60.38 14.00
C ILE I 107 -16.37 -59.71 15.33
N GLY I 108 -15.39 -60.23 16.08
CA GLY I 108 -14.95 -59.65 17.36
C GLY I 108 -14.38 -58.24 17.21
N PHE I 109 -14.05 -57.83 15.97
CA PHE I 109 -13.39 -56.54 15.68
C PHE I 109 -14.37 -55.61 14.98
N MET I 110 -15.57 -56.08 14.70
CA MET I 110 -16.57 -55.29 13.94
C MET I 110 -17.25 -54.34 14.92
N PRO I 111 -17.60 -53.13 14.45
CA PRO I 111 -18.32 -52.18 15.30
C PRO I 111 -19.71 -52.74 15.59
N ASN I 112 -20.09 -52.68 16.85
CA ASN I 112 -21.32 -53.27 17.39
C ASN I 112 -22.54 -52.68 16.65
N LEU I 113 -23.43 -53.53 16.17
CA LEU I 113 -24.59 -53.08 15.34
C LEU I 113 -25.70 -52.47 16.22
N VAL I 114 -25.80 -52.83 17.50
CA VAL I 114 -26.81 -52.20 18.38
C VAL I 114 -26.28 -50.82 18.79
N ALA I 115 -24.97 -50.67 19.07
CA ALA I 115 -24.36 -49.36 19.34
C ALA I 115 -24.47 -48.48 18.08
N TYR I 116 -24.17 -49.07 16.94
CA TYR I 116 -23.95 -48.36 15.66
C TYR I 116 -24.74 -49.08 14.56
N PRO I 117 -26.06 -48.86 14.47
CA PRO I 117 -26.88 -49.52 13.47
C PRO I 117 -26.55 -49.09 12.03
N LYS I 118 -26.79 -50.01 11.08
CA LYS I 118 -26.68 -49.79 9.65
C LYS I 118 -27.58 -48.64 9.21
N PRO I 119 -27.25 -47.99 8.09
CA PRO I 119 -28.09 -46.94 7.55
C PRO I 119 -29.50 -47.40 7.17
N THR I 120 -29.76 -48.65 6.89
CA THR I 120 -31.08 -49.14 6.48
C THR I 120 -31.77 -49.83 7.65
N THR I 121 -31.80 -49.16 8.80
CA THR I 121 -32.62 -49.52 9.99
C THR I 121 -33.78 -48.52 10.10
N GLY I 122 -34.86 -48.91 10.79
CA GLY I 122 -36.07 -48.10 11.01
C GLY I 122 -35.97 -47.12 12.18
N SER I 123 -34.79 -46.97 12.78
CA SER I 123 -34.53 -46.29 14.06
C SER I 123 -33.66 -45.05 13.81
N LYS I 124 -33.83 -44.06 14.67
CA LYS I 124 -33.16 -42.73 14.62
C LYS I 124 -31.66 -42.91 14.52
N LYS I 125 -31.03 -42.18 13.61
CA LYS I 125 -29.57 -42.14 13.42
C LYS I 125 -28.98 -41.18 14.47
N TYR I 126 -28.21 -41.77 15.40
CA TYR I 126 -27.62 -41.05 16.56
C TYR I 126 -26.19 -40.79 16.20
N ALA I 127 -25.61 -39.75 16.74
CA ALA I 127 -24.22 -39.33 16.47
C ALA I 127 -23.23 -40.24 17.23
N ARG I 128 -23.67 -41.14 18.09
CA ARG I 128 -22.70 -41.92 18.91
C ARG I 128 -21.93 -42.89 18.03
N ASP I 129 -22.32 -43.10 16.78
CA ASP I 129 -21.57 -43.93 15.80
C ASP I 129 -20.45 -43.09 15.17
N ILE I 130 -20.15 -41.93 15.68
CA ILE I 130 -19.07 -41.03 15.18
C ILE I 130 -18.10 -40.78 16.33
N VAL I 131 -16.81 -40.77 16.02
N VAL I 131 -16.81 -40.78 16.04
CA VAL I 131 -15.76 -40.22 16.90
CA VAL I 131 -15.78 -40.19 16.94
C VAL I 131 -14.99 -39.18 16.10
C VAL I 131 -14.98 -39.18 16.11
N TYR I 132 -14.80 -38.01 16.66
CA TYR I 132 -13.95 -36.95 16.08
C TYR I 132 -12.57 -37.01 16.73
N GLY I 133 -11.56 -36.71 15.93
CA GLY I 133 -10.19 -36.51 16.41
C GLY I 133 -9.44 -35.59 15.50
N ASN I 134 -8.24 -35.21 15.91
CA ASN I 134 -7.31 -34.40 15.14
C ASN I 134 -6.04 -35.18 14.92
N ILE I 135 -5.43 -35.01 13.76
CA ILE I 135 -4.03 -35.41 13.51
C ILE I 135 -3.36 -34.21 12.84
N TYR I 136 -2.05 -34.22 12.78
CA TYR I 136 -1.25 -33.03 12.39
C TYR I 136 -0.34 -33.41 11.23
N LEU I 137 -0.43 -32.64 10.15
CA LEU I 137 0.44 -32.87 8.96
C LEU I 137 1.87 -32.54 9.32
N GLY I 138 2.77 -33.47 9.07
CA GLY I 138 4.22 -33.28 9.27
C GLY I 138 4.55 -33.16 10.73
N GLY I 139 3.63 -33.51 11.62
CA GLY I 139 3.84 -33.38 13.07
C GLY I 139 3.84 -31.92 13.53
N LYS I 140 3.39 -31.00 12.68
CA LYS I 140 3.45 -29.55 12.98
C LYS I 140 2.20 -29.17 13.74
N PRO I 141 2.34 -28.48 14.89
CA PRO I 141 1.19 -28.22 15.77
C PRO I 141 0.12 -27.32 15.14
N HIS I 142 0.46 -26.53 14.13
CA HIS I 142 -0.47 -25.61 13.45
C HIS I 142 -0.92 -26.17 12.09
N GLN I 143 -0.79 -27.48 11.87
CA GLN I 143 -1.33 -28.13 10.64
C GLN I 143 -2.32 -29.21 11.04
N PRO I 144 -3.39 -28.86 11.78
CA PRO I 144 -4.39 -29.83 12.16
C PRO I 144 -5.21 -30.28 10.94
N VAL I 145 -5.63 -31.52 10.97
CA VAL I 145 -6.73 -32.02 10.13
C VAL I 145 -7.68 -32.80 11.03
N THR I 146 -8.96 -32.68 10.76
CA THR I 146 -9.99 -33.45 11.46
C THR I 146 -10.05 -34.84 10.83
N ILE I 147 -9.99 -35.87 11.66
N ILE I 147 -9.98 -35.88 11.65
CA ILE I 147 -10.32 -37.25 11.25
CA ILE I 147 -10.32 -37.26 11.24
C ILE I 147 -11.62 -37.61 11.94
C ILE I 147 -11.61 -37.62 11.94
N LYS I 148 -12.67 -37.76 11.16
CA LYS I 148 -13.99 -38.17 11.62
C LYS I 148 -14.16 -39.62 11.28
N THR I 149 -14.39 -40.44 12.29
CA THR I 149 -14.53 -41.90 12.11
C THR I 149 -15.99 -42.23 12.36
N THR I 150 -16.63 -42.91 11.42
CA THR I 150 -18.03 -43.32 11.53
C THR I 150 -18.13 -44.82 11.39
N PHE I 151 -18.92 -45.44 12.26
CA PHE I 151 -19.12 -46.91 12.29
C PHE I 151 -20.45 -47.26 11.64
N ASN I 152 -20.38 -48.21 10.72
CA ASN I 152 -21.55 -48.94 10.16
C ASN I 152 -22.51 -47.93 9.48
N GLN I 153 -22.02 -46.92 8.80
CA GLN I 153 -22.92 -46.01 8.05
C GLN I 153 -22.78 -46.16 6.55
N GLU I 154 -22.03 -47.14 6.06
CA GLU I 154 -21.94 -47.42 4.60
C GLU I 154 -23.04 -48.41 4.22
N THR I 155 -23.59 -48.25 3.01
CA THR I 155 -24.52 -49.24 2.41
C THR I 155 -23.69 -50.34 1.73
N GLY I 156 -24.31 -51.46 1.40
CA GLY I 156 -23.72 -52.54 0.59
C GLY I 156 -22.65 -53.30 1.37
N CYS I 157 -22.84 -53.43 2.69
CA CYS I 157 -21.90 -54.15 3.56
C CYS I 157 -22.60 -54.41 4.88
N GLU I 158 -22.04 -55.27 5.71
CA GLU I 158 -22.63 -55.58 7.03
C GLU I 158 -22.09 -54.61 8.07
N TYR I 159 -20.81 -54.27 7.98
CA TYR I 159 -20.11 -53.36 8.92
C TYR I 159 -19.24 -52.43 8.10
N SER I 160 -18.87 -51.30 8.68
CA SER I 160 -17.97 -50.34 8.02
C SER I 160 -17.27 -49.49 9.03
N ILE I 161 -16.07 -49.07 8.68
CA ILE I 161 -15.33 -47.97 9.34
C ILE I 161 -15.00 -46.98 8.25
N THR I 162 -15.47 -45.75 8.40
CA THR I 162 -15.25 -44.66 7.45
C THR I 162 -14.38 -43.61 8.12
N PHE I 163 -13.32 -43.21 7.47
CA PHE I 163 -12.44 -42.10 7.90
C PHE I 163 -12.66 -40.95 6.95
N ASP I 164 -13.27 -39.87 7.43
CA ASP I 164 -13.42 -38.59 6.66
C ASP I 164 -12.36 -37.63 7.17
N PHE I 165 -11.42 -37.26 6.31
CA PHE I 165 -10.35 -36.31 6.62
C PHE I 165 -10.78 -34.96 6.07
N SER I 166 -10.65 -33.90 6.87
CA SER I 166 -10.98 -32.55 6.42
C SER I 166 -10.04 -31.55 7.07
N TRP I 167 -9.88 -30.39 6.49
CA TRP I 167 -9.11 -29.31 7.11
C TRP I 167 -9.75 -27.97 6.79
N ALA I 168 -9.49 -26.99 7.64
CA ALA I 168 -10.14 -25.67 7.60
C ALA I 168 -9.08 -24.58 7.50
N LYS I 169 -7.88 -24.91 7.08
CA LYS I 169 -6.75 -23.97 6.83
C LYS I 169 -6.37 -24.05 5.36
N THR I 170 -5.72 -23.02 4.84
CA THR I 170 -5.13 -23.01 3.48
C THR I 170 -3.74 -23.62 3.58
N TYR I 171 -3.61 -24.90 3.26
CA TYR I 171 -2.29 -25.59 3.24
C TYR I 171 -1.66 -25.40 1.87
N VAL I 172 -0.45 -24.89 1.85
CA VAL I 172 0.32 -24.58 0.63
C VAL I 172 1.57 -25.48 0.61
N ASN I 173 1.56 -26.46 -0.29
CA ASN I 173 2.68 -27.40 -0.51
C ASN I 173 2.97 -28.13 0.79
N VAL I 174 1.94 -28.71 1.40
CA VAL I 174 2.06 -29.47 2.66
C VAL I 174 1.85 -30.94 2.34
N GLU I 175 2.85 -31.76 2.67
CA GLU I 175 2.80 -33.21 2.47
C GLU I 175 1.77 -33.79 3.43
N PHE I 176 0.84 -34.58 2.89
CA PHE I 176 -0.22 -35.20 3.70
C PHE I 176 0.32 -36.48 4.32
N GLU I 177 1.00 -36.33 5.45
CA GLU I 177 1.50 -37.48 6.25
C GLU I 177 1.36 -37.06 7.71
N THR I 178 0.71 -37.89 8.50
CA THR I 178 0.02 -37.43 9.75
C THR I 178 0.63 -38.04 10.99
N THR I 179 0.39 -37.39 12.11
CA THR I 179 0.53 -37.94 13.46
C THR I 179 -0.53 -39.02 13.64
N SER I 180 -0.48 -39.72 14.77
CA SER I 180 -1.37 -40.84 15.10
C SER I 180 -2.48 -40.35 16.01
N PHE I 181 -3.61 -41.03 15.94
CA PHE I 181 -4.78 -40.78 16.79
C PHE I 181 -5.26 -42.13 17.31
N THR I 182 -5.68 -42.16 18.55
CA THR I 182 -6.27 -43.34 19.21
C THR I 182 -7.72 -43.07 19.54
N PHE I 183 -8.57 -44.04 19.27
CA PHE I 183 -9.98 -44.03 19.69
C PHE I 183 -10.35 -45.47 20.06
N SER I 184 -11.58 -45.67 20.49
CA SER I 184 -12.12 -47.00 20.73
C SER I 184 -13.53 -47.06 20.23
N TYR I 185 -14.04 -48.26 20.06
CA TYR I 185 -15.45 -48.48 19.72
C TYR I 185 -15.91 -49.77 20.33
N ILE I 186 -17.21 -49.91 20.47
CA ILE I 186 -17.86 -51.11 21.06
C ILE I 186 -17.84 -52.21 20.00
N ALA I 187 -17.37 -53.39 20.36
CA ALA I 187 -17.23 -54.55 19.47
C ALA I 187 -18.55 -55.30 19.36
N GLN I 188 -18.83 -55.86 18.20
CA GLN I 188 -20.02 -56.67 17.92
C GLN I 188 -20.10 -57.88 18.86
N GLU I 189 -18.98 -58.54 19.15
CA GLU I 189 -18.96 -59.68 20.12
C GLU I 189 -17.61 -59.71 20.83
N ASP J 5 44.47 56.18 9.08
CA ASP J 5 43.56 55.34 9.91
C ASP J 5 44.39 54.15 10.43
N LYS J 6 45.03 54.30 11.59
CA LYS J 6 45.92 53.28 12.18
C LYS J 6 45.07 52.26 12.96
N LEU J 7 43.76 52.29 12.82
CA LEU J 7 42.89 51.21 13.33
C LEU J 7 42.50 50.26 12.20
N THR J 8 42.92 50.52 10.96
CA THR J 8 42.70 49.61 9.82
C THR J 8 44.02 49.32 9.13
N LEU J 9 44.36 48.04 9.09
CA LEU J 9 45.46 47.48 8.28
C LEU J 9 44.83 46.72 7.12
N TRP J 10 45.10 47.12 5.89
CA TRP J 10 44.37 46.56 4.74
C TRP J 10 45.21 46.54 3.46
N THR J 11 44.67 45.86 2.47
CA THR J 11 44.96 45.95 1.04
C THR J 11 43.90 46.94 0.60
N THR J 12 44.24 48.06 0.01
CA THR J 12 43.24 48.96 -0.62
C THR J 12 42.24 48.06 -1.36
N PRO J 13 40.96 48.45 -1.43
CA PRO J 13 39.92 47.59 -1.96
C PRO J 13 39.72 47.61 -3.48
N ASP J 14 40.69 48.11 -4.23
CA ASP J 14 40.68 48.07 -5.73
C ASP J 14 40.90 46.63 -6.21
N THR J 15 41.01 46.41 -7.52
CA THR J 15 41.13 45.07 -8.13
C THR J 15 42.56 44.80 -8.61
N SER J 16 43.51 45.71 -8.35
CA SER J 16 44.92 45.58 -8.74
C SER J 16 45.54 44.36 -8.05
N PRO J 17 46.14 43.42 -8.80
CA PRO J 17 46.72 42.23 -8.18
C PRO J 17 47.81 42.59 -7.16
N ASN J 18 47.83 41.89 -6.04
CA ASN J 18 48.75 42.19 -4.91
C ASN J 18 49.34 40.89 -4.34
N CYS J 19 49.08 39.75 -4.98
CA CYS J 19 49.27 38.45 -4.35
C CYS J 19 49.76 37.42 -5.38
N ARG J 20 50.63 36.52 -4.93
CA ARG J 20 51.16 35.40 -5.74
C ARG J 20 50.65 34.11 -5.11
N ILE J 21 49.75 33.39 -5.77
CA ILE J 21 49.33 32.03 -5.34
C ILE J 21 50.25 31.04 -6.05
N ASP J 22 50.28 31.13 -7.38
CA ASP J 22 51.04 30.24 -8.28
C ASP J 22 52.17 31.04 -8.95
N GLN J 23 51.88 32.25 -9.42
CA GLN J 23 52.85 33.11 -10.12
C GLN J 23 52.63 34.57 -9.68
N ASP J 24 53.63 35.40 -9.97
CA ASP J 24 53.67 36.83 -9.57
C ASP J 24 52.33 37.48 -9.96
N LYS J 25 51.72 38.20 -9.03
CA LYS J 25 50.57 39.09 -9.33
C LYS J 25 49.46 38.30 -10.03
N ASP J 26 49.14 37.10 -9.57
CA ASP J 26 48.06 36.32 -10.19
C ASP J 26 46.75 36.57 -9.46
N SER J 27 46.75 37.34 -8.37
CA SER J 27 45.51 37.48 -7.56
C SER J 27 45.46 38.79 -6.80
N LYS J 28 44.25 39.18 -6.48
CA LYS J 28 43.95 40.29 -5.55
C LYS J 28 43.31 39.68 -4.31
N LEU J 29 44.06 39.62 -3.21
CA LEU J 29 43.51 39.36 -1.88
C LEU J 29 43.02 40.71 -1.34
N THR J 30 41.73 40.85 -1.12
CA THR J 30 41.20 42.01 -0.38
C THR J 30 41.07 41.58 1.07
N LEU J 31 41.93 42.12 1.92
CA LEU J 31 41.93 41.79 3.35
C LEU J 31 41.91 43.09 4.13
N VAL J 32 40.92 43.24 4.97
CA VAL J 32 40.74 44.40 5.87
C VAL J 32 40.76 43.90 7.30
N LEU J 33 41.69 44.38 8.08
CA LEU J 33 41.83 44.10 9.53
C LEU J 33 41.52 45.39 10.26
N THR J 34 40.45 45.40 11.02
CA THR J 34 40.05 46.55 11.83
C THR J 34 40.22 46.20 13.31
N LYS J 35 40.99 47.01 14.03
CA LYS J 35 41.26 46.77 15.46
C LYS J 35 40.08 47.31 16.28
N CYS J 36 39.30 46.42 16.86
N CYS J 36 39.27 46.42 16.85
CA CYS J 36 38.30 46.74 17.90
CA CYS J 36 38.28 46.75 17.91
C CYS J 36 38.86 46.27 19.24
C CYS J 36 38.87 46.26 19.24
N GLY J 37 39.79 47.03 19.80
CA GLY J 37 40.55 46.67 21.00
C GLY J 37 41.16 45.29 20.90
N SER J 38 40.75 44.38 21.76
CA SER J 38 41.38 43.06 21.96
C SER J 38 41.00 42.09 20.84
N GLN J 39 40.12 42.50 19.92
CA GLN J 39 39.72 41.66 18.77
C GLN J 39 40.02 42.40 17.47
N ILE J 40 40.49 41.66 16.47
CA ILE J 40 40.61 42.13 15.08
C ILE J 40 39.39 41.63 14.31
N LEU J 41 38.62 42.56 13.75
CA LEU J 41 37.52 42.25 12.81
C LEU J 41 38.11 42.16 11.40
N ALA J 42 38.00 41.00 10.78
CA ALA J 42 38.67 40.68 9.50
C ALA J 42 37.61 40.46 8.42
N ASN J 43 37.86 41.03 7.27
CA ASN J 43 37.00 40.88 6.08
C ASN J 43 37.89 40.45 4.92
N VAL J 44 37.55 39.38 4.25
CA VAL J 44 38.43 38.80 3.21
C VAL J 44 37.60 38.37 1.99
N SER J 45 38.18 38.57 0.82
CA SER J 45 37.73 38.02 -0.46
C SER J 45 38.95 37.83 -1.36
N LEU J 46 38.77 37.08 -2.43
CA LEU J 46 39.88 36.76 -3.35
C LEU J 46 39.36 36.85 -4.79
N ILE J 47 40.14 37.51 -5.63
CA ILE J 47 40.00 37.51 -7.11
C ILE J 47 41.29 36.92 -7.67
N VAL J 48 41.20 35.82 -8.38
CA VAL J 48 42.37 35.30 -9.14
C VAL J 48 42.27 35.87 -10.55
N VAL J 49 43.27 36.61 -10.98
CA VAL J 49 43.22 37.39 -12.25
C VAL J 49 44.03 36.68 -13.35
N ALA J 50 44.90 35.72 -12.98
CA ALA J 50 45.84 35.09 -13.94
C ALA J 50 46.32 33.74 -13.40
N GLY J 51 46.98 32.98 -14.26
CA GLY J 51 47.68 31.74 -13.87
C GLY J 51 46.74 30.59 -13.69
N ARG J 52 47.21 29.54 -13.02
CA ARG J 52 46.54 28.21 -13.03
C ARG J 52 45.21 28.26 -12.27
N TYR J 53 45.03 29.19 -11.32
CA TYR J 53 43.84 29.19 -10.44
C TYR J 53 42.76 30.16 -10.95
N LYS J 54 43.01 30.85 -12.06
CA LYS J 54 42.06 31.88 -12.55
C LYS J 54 40.74 31.24 -12.92
N ILE J 55 40.80 30.17 -13.72
CA ILE J 55 39.61 29.41 -14.18
C ILE J 55 39.78 27.97 -13.74
N ILE J 56 38.93 27.50 -12.85
N ILE J 56 38.94 27.50 -12.84
CA ILE J 56 38.96 26.10 -12.36
CA ILE J 56 38.95 26.10 -12.37
C ILE J 56 38.27 25.22 -13.42
C ILE J 56 38.28 25.23 -13.42
N ASN J 57 38.94 24.17 -13.86
CA ASN J 57 38.28 23.13 -14.67
C ASN J 57 38.70 21.77 -14.11
N ASN J 58 37.82 21.17 -13.31
CA ASN J 58 38.04 19.90 -12.62
C ASN J 58 37.73 18.72 -13.55
N ASN J 59 37.29 18.98 -14.79
CA ASN J 59 37.30 17.95 -15.86
C ASN J 59 38.73 17.75 -16.35
N THR J 60 39.43 18.84 -16.68
CA THR J 60 40.81 18.83 -17.18
C THR J 60 41.76 18.49 -16.00
N ASN J 61 41.49 19.05 -14.81
CA ASN J 61 42.38 18.98 -13.62
C ASN J 61 41.57 18.47 -12.44
N PRO J 62 41.21 17.18 -12.40
CA PRO J 62 40.31 16.67 -11.36
C PRO J 62 40.90 16.76 -9.94
N ALA J 63 42.22 16.91 -9.80
CA ALA J 63 42.93 16.94 -8.51
C ALA J 63 43.10 18.38 -8.01
N LEU J 64 42.70 19.38 -8.79
CA LEU J 64 42.85 20.81 -8.43
C LEU J 64 41.70 21.20 -7.49
N LYS J 65 41.93 21.13 -6.17
CA LYS J 65 40.84 21.26 -5.16
C LYS J 65 41.22 22.25 -4.07
N GLY J 66 42.31 23.00 -4.19
CA GLY J 66 42.62 24.03 -3.18
C GLY J 66 43.98 24.66 -3.37
N PHE J 67 44.25 25.69 -2.58
CA PHE J 67 45.53 26.40 -2.55
C PHE J 67 45.58 27.25 -1.29
N THR J 68 46.74 27.84 -1.01
CA THR J 68 47.02 28.53 0.25
C THR J 68 47.57 29.92 -0.04
N ILE J 69 47.16 30.88 0.78
CA ILE J 69 47.76 32.23 0.83
C ILE J 69 48.21 32.45 2.27
N LYS J 70 49.49 32.76 2.44
CA LYS J 70 50.13 32.91 3.76
C LYS J 70 50.53 34.37 3.95
N LEU J 71 50.19 34.91 5.10
CA LEU J 71 50.73 36.19 5.62
C LEU J 71 51.64 35.85 6.78
N LEU J 72 52.93 36.06 6.63
CA LEU J 72 53.94 35.82 7.68
C LEU J 72 54.38 37.18 8.22
N PHE J 73 54.49 37.32 9.53
CA PHE J 73 54.83 38.60 10.20
C PHE J 73 56.01 38.39 11.13
N ASP J 74 56.87 39.39 11.20
CA ASP J 74 58.03 39.42 12.13
C ASP J 74 57.55 39.93 13.49
N LYS J 75 58.46 40.10 14.42
CA LYS J 75 58.14 40.41 15.84
C LYS J 75 57.48 41.79 15.93
N ASN J 76 57.56 42.64 14.90
CA ASN J 76 56.96 43.99 14.91
C ASN J 76 55.59 43.98 14.18
N GLY J 77 55.16 42.82 13.70
CA GLY J 77 53.93 42.69 12.92
C GLY J 77 54.10 43.16 11.50
N VAL J 78 55.35 43.27 11.04
CA VAL J 78 55.68 43.67 9.65
C VAL J 78 55.60 42.43 8.77
N LEU J 79 54.91 42.56 7.63
CA LEU J 79 54.72 41.48 6.66
C LEU J 79 56.09 41.08 6.08
N MET J 80 56.40 39.80 6.11
CA MET J 80 57.68 39.24 5.59
C MET J 80 57.52 38.97 4.08
N GLU J 81 58.61 39.14 3.35
CA GLU J 81 58.68 39.00 1.87
C GLU J 81 58.26 37.60 1.45
N SER J 82 58.40 36.60 2.31
CA SER J 82 58.05 35.18 2.01
C SER J 82 56.53 34.98 1.94
N SER J 83 55.73 35.97 2.35
CA SER J 83 54.26 35.94 2.29
C SER J 83 53.81 35.90 0.83
N ASN J 84 52.62 35.34 0.58
CA ASN J 84 51.99 35.34 -0.75
C ASN J 84 51.59 36.79 -1.09
N LEU J 85 51.14 37.53 -0.08
CA LEU J 85 50.73 38.95 -0.26
C LEU J 85 51.97 39.83 -0.39
N GLY J 86 52.00 40.74 -1.38
CA GLY J 86 53.10 41.71 -1.55
C GLY J 86 53.14 42.74 -0.43
N LYS J 87 54.33 43.16 0.03
CA LYS J 87 54.49 44.09 1.16
C LYS J 87 54.06 45.52 0.81
N SER J 88 54.35 45.91 -0.41
CA SER J 88 54.07 47.27 -0.92
C SER J 88 52.55 47.57 -0.91
N TYR J 89 51.65 46.61 -0.83
CA TYR J 89 50.19 46.76 -0.88
C TYR J 89 49.51 46.68 0.50
N TRP J 90 50.31 46.46 1.53
CA TRP J 90 49.77 46.08 2.84
C TRP J 90 50.14 47.15 3.84
N ASN J 91 49.19 47.96 4.25
CA ASN J 91 49.53 49.15 5.10
C ASN J 91 48.29 49.67 5.80
N PHE J 92 48.48 50.55 6.75
CA PHE J 92 47.38 51.29 7.40
C PHE J 92 46.62 52.05 6.31
N ARG J 93 45.31 52.15 6.50
CA ARG J 93 44.39 52.84 5.58
C ARG J 93 44.68 54.33 5.57
N ASN J 94 44.62 54.89 4.37
CA ASN J 94 44.47 56.34 4.17
C ASN J 94 43.42 56.54 3.08
N GLN J 95 42.21 56.95 3.49
CA GLN J 95 41.02 57.17 2.61
C GLN J 95 40.73 55.85 1.91
N ASN J 96 40.73 55.78 0.58
CA ASN J 96 40.49 54.49 -0.14
C ASN J 96 41.84 53.90 -0.59
N SER J 97 42.93 54.41 -0.05
CA SER J 97 44.28 53.91 -0.35
C SER J 97 44.98 53.46 0.94
N ILE J 98 46.28 53.51 0.93
CA ILE J 98 47.15 53.14 2.09
C ILE J 98 48.03 54.32 2.41
N MET J 99 48.55 54.35 3.63
N MET J 99 48.53 54.35 3.63
CA MET J 99 49.59 55.31 4.04
CA MET J 99 49.56 55.34 4.02
C MET J 99 50.71 55.25 3.00
C MET J 99 50.71 55.26 3.01
N SER J 100 51.28 56.41 2.67
CA SER J 100 52.31 56.56 1.62
C SER J 100 53.64 55.92 2.10
N THR J 101 53.76 55.63 3.38
CA THR J 101 54.98 55.27 4.13
C THR J 101 54.79 53.88 4.78
N ALA J 102 55.81 53.04 4.76
CA ALA J 102 55.76 51.67 5.30
C ALA J 102 55.51 51.74 6.81
N TYR J 103 54.58 50.95 7.35
CA TYR J 103 54.42 50.90 8.82
C TYR J 103 55.64 50.20 9.45
N GLU J 104 56.00 50.58 10.68
CA GLU J 104 57.09 49.96 11.46
C GLU J 104 56.55 48.95 12.49
N LYS J 105 55.32 49.16 12.97
CA LYS J 105 54.73 48.40 14.10
C LYS J 105 53.25 48.17 13.87
N ALA J 106 52.79 46.94 14.06
CA ALA J 106 51.37 46.57 13.99
C ALA J 106 51.11 45.38 14.92
N ILE J 107 51.74 45.36 16.09
CA ILE J 107 51.61 44.20 17.04
C ILE J 107 50.15 44.12 17.51
N GLY J 108 49.45 45.25 17.56
CA GLY J 108 48.02 45.31 17.92
C GLY J 108 47.12 44.57 16.94
N PHE J 109 47.64 44.18 15.77
CA PHE J 109 46.87 43.50 14.71
C PHE J 109 47.27 42.03 14.63
N MET J 110 48.26 41.62 15.40
CA MET J 110 48.81 40.25 15.30
C MET J 110 47.92 39.30 16.09
N PRO J 111 47.74 38.05 15.63
CA PRO J 111 46.99 37.06 16.37
C PRO J 111 47.72 36.72 17.67
N ASN J 112 46.94 36.71 18.75
CA ASN J 112 47.43 36.54 20.13
C ASN J 112 48.16 35.19 20.24
N LEU J 113 49.39 35.20 20.76
CA LEU J 113 50.25 33.99 20.84
C LEU J 113 49.80 33.04 21.96
N VAL J 114 49.13 33.53 23.01
CA VAL J 114 48.64 32.57 24.04
C VAL J 114 47.33 31.95 23.54
N ALA J 115 46.48 32.69 22.83
CA ALA J 115 45.26 32.12 22.19
C ALA J 115 45.70 31.13 21.11
N TYR J 116 46.69 31.51 20.34
CA TYR J 116 47.12 30.81 19.10
C TYR J 116 48.63 30.61 19.14
N PRO J 117 49.13 29.61 19.90
CA PRO J 117 50.57 29.38 20.01
C PRO J 117 51.21 28.91 18.71
N LYS J 118 52.50 29.20 18.55
CA LYS J 118 53.35 28.66 17.45
C LYS J 118 53.39 27.15 17.58
N PRO J 119 53.64 26.42 16.47
CA PRO J 119 53.74 24.96 16.52
C PRO J 119 54.91 24.56 17.41
N THR J 120 54.71 23.62 18.32
CA THR J 120 55.78 22.95 19.10
C THR J 120 55.42 21.48 19.32
N THR J 121 56.39 20.58 19.14
CA THR J 121 56.17 19.12 19.16
C THR J 121 55.60 18.67 20.50
N GLY J 122 56.15 19.06 21.67
CA GLY J 122 55.82 18.47 22.98
C GLY J 122 54.54 19.02 23.63
N SER J 123 53.81 19.91 22.97
CA SER J 123 52.59 20.59 23.48
C SER J 123 51.37 20.20 22.64
N LYS J 124 50.18 20.19 23.24
CA LYS J 124 48.92 19.88 22.52
C LYS J 124 48.59 21.02 21.54
N LYS J 125 48.34 20.70 20.28
CA LYS J 125 47.88 21.67 19.27
C LYS J 125 46.34 21.75 19.35
N TYR J 126 45.79 22.89 19.75
CA TYR J 126 44.33 23.07 19.88
C TYR J 126 43.78 23.73 18.63
N ALA J 127 42.54 23.39 18.29
CA ALA J 127 41.88 23.83 17.05
C ALA J 127 41.39 25.27 17.15
N ARG J 128 41.47 25.92 18.32
CA ARG J 128 40.82 27.25 18.43
C ARG J 128 41.60 28.29 17.60
N ASP J 129 42.79 27.94 17.11
CA ASP J 129 43.56 28.82 16.19
C ASP J 129 43.05 28.71 14.75
N ILE J 130 41.91 28.03 14.54
CA ILE J 130 41.29 27.89 13.21
C ILE J 130 39.90 28.54 13.23
N VAL J 131 39.56 29.22 12.14
CA VAL J 131 38.16 29.62 11.83
C VAL J 131 37.82 29.10 10.44
N TYR J 132 36.69 28.42 10.34
CA TYR J 132 36.13 27.98 9.04
C TYR J 132 35.09 28.98 8.56
N GLY J 133 35.05 29.18 7.25
CA GLY J 133 33.99 29.93 6.57
C GLY J 133 33.77 29.37 5.18
N ASN J 134 32.70 29.80 4.54
CA ASN J 134 32.44 29.56 3.10
C ASN J 134 32.42 30.89 2.38
N ILE J 135 32.91 30.89 1.16
CA ILE J 135 32.67 31.96 0.17
C ILE J 135 32.21 31.26 -1.11
N TYR J 136 31.69 32.03 -2.04
CA TYR J 136 30.96 31.51 -3.23
C TYR J 136 31.63 32.08 -4.46
N LEU J 137 32.02 31.20 -5.38
CA LEU J 137 32.60 31.63 -6.66
C LEU J 137 31.51 32.32 -7.48
N GLY J 138 31.80 33.52 -7.95
CA GLY J 138 30.92 34.29 -8.83
C GLY J 138 29.67 34.72 -8.10
N GLY J 139 29.61 34.58 -6.77
CA GLY J 139 28.41 34.88 -5.99
C GLY J 139 27.29 33.89 -6.23
N LYS J 140 27.59 32.73 -6.81
CA LYS J 140 26.57 31.72 -7.15
C LYS J 140 26.37 30.82 -5.95
N PRO J 141 25.12 30.61 -5.53
CA PRO J 141 24.85 29.94 -4.25
C PRO J 141 25.28 28.48 -4.23
N HIS J 142 25.44 27.84 -5.39
CA HIS J 142 25.85 26.41 -5.46
C HIS J 142 27.31 26.30 -5.89
N GLN J 143 28.12 27.34 -5.71
CA GLN J 143 29.59 27.26 -5.94
C GLN J 143 30.34 27.62 -4.65
N PRO J 144 30.09 26.88 -3.56
CA PRO J 144 30.80 27.13 -2.30
C PRO J 144 32.28 26.72 -2.42
N VAL J 145 33.12 27.46 -1.73
CA VAL J 145 34.49 27.04 -1.38
C VAL J 145 34.71 27.29 0.10
N THR J 146 35.43 26.39 0.74
CA THR J 146 35.80 26.53 2.15
C THR J 146 37.01 27.46 2.22
N ILE J 147 36.93 28.48 3.06
CA ILE J 147 38.11 29.28 3.46
C ILE J 147 38.40 28.95 4.92
N LYS J 148 39.51 28.27 5.13
CA LYS J 148 40.01 27.90 6.46
C LYS J 148 41.11 28.88 6.81
N THR J 149 40.95 29.59 7.91
CA THR J 149 41.91 30.60 8.37
C THR J 149 42.58 30.06 9.63
N THR J 150 43.90 30.00 9.65
CA THR J 150 44.63 29.54 10.85
C THR J 150 45.66 30.58 11.27
N PHE J 151 45.74 30.78 12.58
CA PHE J 151 46.63 31.79 13.21
C PHE J 151 47.87 31.13 13.76
N ASN J 152 49.02 31.70 13.41
CA ASN J 152 50.33 31.45 14.05
C ASN J 152 50.71 29.99 13.92
N GLN J 153 50.43 29.34 12.78
CA GLN J 153 50.85 27.94 12.59
C GLN J 153 51.99 27.83 11.58
N GLU J 154 52.46 28.94 11.02
CA GLU J 154 53.61 28.91 10.08
C GLU J 154 54.92 29.02 10.88
N THR J 155 55.97 28.36 10.41
CA THR J 155 57.33 28.51 10.97
C THR J 155 58.03 29.65 10.24
N GLY J 156 59.17 30.12 10.76
CA GLY J 156 60.00 31.17 10.14
C GLY J 156 59.34 32.53 10.26
N CYS J 157 58.61 32.77 11.34
CA CYS J 157 57.93 34.05 11.57
C CYS J 157 57.52 34.12 13.03
N GLU J 158 57.12 35.30 13.49
CA GLU J 158 56.63 35.47 14.86
C GLU J 158 55.12 35.23 14.89
N TYR J 159 54.41 35.68 13.86
CA TYR J 159 52.94 35.57 13.73
C TYR J 159 52.61 35.18 12.29
N SER J 160 51.44 34.59 12.08
CA SER J 160 50.98 34.24 10.71
C SER J 160 49.45 34.21 10.66
N ILE J 161 48.94 34.54 9.50
CA ILE J 161 47.55 34.24 9.09
C ILE J 161 47.64 33.44 7.79
N THR J 162 47.07 32.25 7.80
CA THR J 162 47.06 31.32 6.66
C THR J 162 45.63 31.17 6.18
N PHE J 163 45.41 31.35 4.89
CA PHE J 163 44.11 31.11 4.23
C PHE J 163 44.26 29.87 3.35
N ASP J 164 43.60 28.78 3.73
CA ASP J 164 43.52 27.55 2.92
C ASP J 164 42.16 27.56 2.22
N PHE J 165 42.17 27.64 0.91
CA PHE J 165 40.95 27.57 0.08
C PHE J 165 40.83 26.15 -0.45
N SER J 166 39.65 25.56 -0.34
CA SER J 166 39.40 24.20 -0.85
C SER J 166 37.96 24.08 -1.34
N TRP J 167 37.70 23.14 -2.22
CA TRP J 167 36.33 22.85 -2.65
C TRP J 167 36.17 21.37 -2.87
N ALA J 168 34.94 20.89 -2.78
CA ALA J 168 34.62 19.46 -2.89
C ALA J 168 33.63 19.23 -4.02
N LYS J 169 33.45 20.20 -4.91
N LYS J 169 33.42 20.22 -4.90
CA LYS J 169 32.57 20.07 -6.11
CA LYS J 169 32.55 20.07 -6.10
C LYS J 169 33.45 20.10 -7.36
C LYS J 169 33.44 20.09 -7.35
N THR J 170 32.98 19.50 -8.44
CA THR J 170 33.68 19.48 -9.75
C THR J 170 33.31 20.76 -10.49
N TYR J 171 34.13 21.79 -10.39
CA TYR J 171 33.88 23.12 -11.02
C TYR J 171 34.48 23.07 -12.42
N VAL J 172 33.66 23.41 -13.40
CA VAL J 172 34.01 23.38 -14.84
C VAL J 172 33.95 24.80 -15.38
N ASN J 173 35.12 25.37 -15.67
CA ASN J 173 35.28 26.71 -16.29
C ASN J 173 34.63 27.73 -15.34
N VAL J 174 35.01 27.69 -14.07
CA VAL J 174 34.49 28.62 -13.04
C VAL J 174 35.63 29.55 -12.66
N GLU J 175 35.40 30.85 -12.84
CA GLU J 175 36.39 31.90 -12.49
C GLU J 175 36.50 31.95 -10.97
N PHE J 176 37.71 31.86 -10.45
CA PHE J 176 37.94 31.89 -9.00
C PHE J 176 37.95 33.35 -8.53
N GLU J 177 36.78 33.87 -8.28
CA GLU J 177 36.59 35.22 -7.71
C GLU J 177 35.40 35.12 -6.76
N THR J 178 35.56 35.57 -5.53
CA THR J 178 34.74 35.09 -4.40
C THR J 178 33.87 36.21 -3.79
N THR J 179 32.84 35.79 -3.09
CA THR J 179 32.11 36.61 -2.11
C THR J 179 33.04 36.88 -0.93
N SER J 180 32.59 37.72 0.00
CA SER J 180 33.38 38.17 1.17
C SER J 180 32.97 37.34 2.38
N PHE J 181 33.91 37.19 3.30
CA PHE J 181 33.70 36.50 4.58
C PHE J 181 34.28 37.38 5.68
N THR J 182 33.58 37.44 6.81
CA THR J 182 34.00 38.19 8.00
C THR J 182 34.25 37.21 9.13
N PHE J 183 35.34 37.42 9.85
CA PHE J 183 35.67 36.68 11.08
C PHE J 183 36.35 37.64 12.03
N SER J 184 36.68 37.17 13.23
CA SER J 184 37.50 37.95 14.17
C SER J 184 38.55 37.01 14.78
N TYR J 185 39.56 37.59 15.39
CA TYR J 185 40.55 36.83 16.18
C TYR J 185 41.03 37.72 17.31
N ILE J 186 41.57 37.08 18.33
CA ILE J 186 42.09 37.75 19.54
C ILE J 186 43.44 38.38 19.19
N ALA J 187 43.60 39.65 19.51
CA ALA J 187 44.80 40.45 19.19
C ALA J 187 45.88 40.19 20.25
N GLN J 188 47.13 40.22 19.83
CA GLN J 188 48.32 40.05 20.71
C GLN J 188 48.33 41.13 21.80
N GLU J 189 47.99 42.37 21.46
CA GLU J 189 47.90 43.46 22.47
C GLU J 189 46.82 44.47 22.04
N ASN K 3 23.55 61.90 24.47
CA ASN K 3 23.38 60.45 24.28
C ASN K 3 23.27 60.10 22.79
N ASN K 4 23.53 61.05 21.87
CA ASN K 4 23.55 60.76 20.42
C ASN K 4 24.76 59.86 20.12
N ASP K 5 24.52 58.76 19.43
CA ASP K 5 25.56 57.77 19.09
C ASP K 5 25.68 57.73 17.56
N LYS K 6 26.54 58.56 16.98
CA LYS K 6 26.73 58.69 15.52
C LYS K 6 27.67 57.58 15.00
N LEU K 7 28.00 56.61 15.85
CA LEU K 7 28.73 55.39 15.43
C LEU K 7 27.75 54.23 15.30
N THR K 8 26.45 54.43 15.53
CA THR K 8 25.41 53.42 15.25
C THR K 8 24.30 54.01 14.41
N LEU K 9 24.06 53.43 13.25
CA LEU K 9 22.91 53.70 12.37
C LEU K 9 22.02 52.46 12.46
N TRP K 10 20.77 52.60 12.90
CA TRP K 10 19.95 51.41 13.19
C TRP K 10 18.46 51.67 13.01
N THR K 11 17.70 50.58 13.09
CA THR K 11 16.23 50.55 13.04
C THR K 11 15.60 50.66 14.43
N THR K 12 16.37 50.79 15.49
CA THR K 12 15.95 50.57 16.89
C THR K 12 15.66 49.09 17.04
N PRO K 13 15.91 48.53 18.24
CA PRO K 13 15.69 47.12 18.48
C PRO K 13 14.26 46.70 18.83
N ASP K 14 13.28 47.59 18.72
CA ASP K 14 11.87 47.26 19.09
C ASP K 14 11.30 46.38 17.98
N THR K 15 10.05 45.96 18.12
CA THR K 15 9.37 45.01 17.21
C THR K 15 8.35 45.73 16.34
N SER K 16 8.29 47.06 16.40
CA SER K 16 7.37 47.90 15.60
C SER K 16 7.72 47.74 14.12
N PRO K 17 6.73 47.36 13.27
CA PRO K 17 7.03 47.12 11.85
C PRO K 17 7.59 48.38 11.20
N ASN K 18 8.59 48.22 10.34
CA ASN K 18 9.32 49.34 9.72
C ASN K 18 9.58 49.06 8.24
N CYS K 19 8.99 48.01 7.69
CA CYS K 19 9.43 47.47 6.39
C CYS K 19 8.24 46.93 5.61
N ARG K 20 8.26 47.13 4.31
CA ARG K 20 7.26 46.63 3.34
C ARG K 20 7.95 45.59 2.45
N ILE K 21 7.60 44.34 2.59
CA ILE K 21 8.04 43.27 1.67
C ILE K 21 6.98 43.14 0.59
N ASP K 22 5.75 42.91 1.02
CA ASP K 22 4.58 42.73 0.13
C ASP K 22 3.62 43.91 0.31
N GLN K 23 3.37 44.33 1.54
CA GLN K 23 2.43 45.44 1.86
C GLN K 23 3.01 46.30 2.97
N ASP K 24 2.46 47.49 3.13
CA ASP K 24 2.94 48.50 4.10
C ASP K 24 3.11 47.84 5.45
N LYS K 25 4.25 48.04 6.10
CA LYS K 25 4.46 47.68 7.53
C LYS K 25 4.12 46.20 7.76
N ASP K 26 4.55 45.31 6.88
CA ASP K 26 4.28 43.87 7.07
C ASP K 26 5.44 43.21 7.82
N SER K 27 6.51 43.94 8.10
CA SER K 27 7.72 43.34 8.69
C SER K 27 8.53 44.33 9.54
N LYS K 28 9.28 43.76 10.46
CA LYS K 28 10.33 44.47 11.21
C LYS K 28 11.66 43.91 10.76
N LEU K 29 12.40 44.68 9.98
CA LEU K 29 13.84 44.45 9.74
C LEU K 29 14.60 45.09 10.87
N THR K 30 15.24 44.30 11.71
CA THR K 30 16.13 44.83 12.77
C THR K 30 17.53 44.84 12.19
N LEU K 31 18.04 46.03 11.90
CA LEU K 31 19.34 46.20 11.25
C LEU K 31 20.11 47.22 12.07
N VAL K 32 21.27 46.79 12.56
CA VAL K 32 22.19 47.63 13.35
C VAL K 32 23.50 47.70 12.60
N LEU K 33 23.90 48.91 12.23
CA LEU K 33 25.19 49.18 11.57
C LEU K 33 26.04 49.93 12.56
N THR K 34 27.14 49.33 12.98
CA THR K 34 28.07 49.96 13.93
C THR K 34 29.37 50.23 13.19
N LYS K 35 29.82 51.48 13.22
CA LYS K 35 31.04 51.90 12.52
C LYS K 35 32.24 51.56 13.41
N CYS K 36 33.03 50.58 12.99
CA CYS K 36 34.38 50.30 13.56
C CYS K 36 35.41 50.79 12.53
N GLY K 37 35.60 52.10 12.46
CA GLY K 37 36.41 52.76 11.44
C GLY K 37 36.01 52.35 10.03
N SER K 38 36.95 51.71 9.33
N SER K 38 36.92 51.68 9.35
CA SER K 38 36.88 51.37 7.90
CA SER K 38 36.83 51.41 7.91
C SER K 38 35.88 50.24 7.64
C SER K 38 35.89 50.24 7.63
N GLN K 39 35.39 49.58 8.69
CA GLN K 39 34.44 48.47 8.54
C GLN K 39 33.14 48.79 9.28
N ILE K 40 32.02 48.46 8.67
CA ILE K 40 30.69 48.48 9.32
C ILE K 40 30.40 47.06 9.79
N LEU K 41 30.19 46.90 11.09
CA LEU K 41 29.69 45.64 11.69
C LEU K 41 28.17 45.69 11.65
N ALA K 42 27.57 44.73 10.95
CA ALA K 42 26.12 44.71 10.67
C ALA K 42 25.51 43.51 11.36
N ASN K 43 24.37 43.74 11.98
CA ASN K 43 23.58 42.69 12.65
C ASN K 43 22.16 42.80 12.11
N VAL K 44 21.61 41.70 11.62
CA VAL K 44 20.29 41.73 10.94
C VAL K 44 19.43 40.55 11.37
N SER K 45 18.13 40.79 11.46
CA SER K 45 17.08 39.77 11.62
C SER K 45 15.81 40.31 10.99
N LEU K 46 14.83 39.45 10.80
CA LEU K 46 13.58 39.81 10.15
C LEU K 46 12.44 39.12 10.88
N ILE K 47 11.40 39.90 11.19
CA ILE K 47 10.10 39.41 11.68
C ILE K 47 9.07 39.86 10.67
N VAL K 48 8.38 38.93 10.05
CA VAL K 48 7.22 39.28 9.18
C VAL K 48 5.98 39.19 10.06
N VAL K 49 5.26 40.30 10.21
CA VAL K 49 4.14 40.41 11.19
C VAL K 49 2.80 40.30 10.49
N ALA K 50 2.75 40.45 9.16
CA ALA K 50 1.48 40.50 8.40
C ALA K 50 1.74 40.20 6.92
N GLY K 51 0.67 40.06 6.16
CA GLY K 51 0.71 39.95 4.69
C GLY K 51 1.11 38.57 4.26
N ARG K 52 1.48 38.44 2.99
CA ARG K 52 1.59 37.11 2.32
C ARG K 52 2.79 36.33 2.86
N TYR K 53 3.82 36.98 3.42
CA TYR K 53 5.08 36.29 3.82
C TYR K 53 5.09 36.02 5.32
N LYS K 54 4.01 36.32 6.04
CA LYS K 54 3.97 36.10 7.50
C LYS K 54 4.08 34.60 7.78
N ILE K 55 3.26 33.80 7.11
CA ILE K 55 3.22 32.32 7.26
C ILE K 55 3.51 31.69 5.90
N ILE K 56 4.64 31.01 5.78
CA ILE K 56 5.01 30.31 4.52
C ILE K 56 4.25 28.99 4.46
N ASN K 57 3.54 28.74 3.37
CA ASN K 57 2.98 27.40 3.09
C ASN K 57 3.30 27.04 1.66
N ASN K 58 4.32 26.20 1.48
CA ASN K 58 4.84 25.78 0.15
C ASN K 58 4.00 24.61 -0.38
N ASN K 59 3.00 24.14 0.36
CA ASN K 59 1.95 23.25 -0.20
C ASN K 59 1.00 24.09 -1.04
N THR K 60 0.51 25.20 -0.50
CA THR K 60 -0.45 26.10 -1.19
C THR K 60 0.32 26.94 -2.22
N ASN K 61 1.56 27.34 -1.92
CA ASN K 61 2.39 28.24 -2.77
C ASN K 61 3.74 27.59 -3.04
N PRO K 62 3.79 26.53 -3.87
CA PRO K 62 5.03 25.76 -4.02
C PRO K 62 6.19 26.54 -4.65
N ALA K 63 5.91 27.65 -5.33
CA ALA K 63 6.92 28.46 -6.04
C ALA K 63 7.43 29.59 -5.14
N LEU K 64 6.86 29.77 -3.94
CA LEU K 64 7.22 30.88 -3.03
C LEU K 64 8.49 30.46 -2.27
N LYS K 65 9.65 30.91 -2.76
CA LYS K 65 10.95 30.48 -2.24
C LYS K 65 11.85 31.68 -1.93
N GLY K 66 11.35 32.91 -1.94
CA GLY K 66 12.21 34.05 -1.57
C GLY K 66 11.50 35.38 -1.69
N PHE K 67 12.17 36.41 -1.24
CA PHE K 67 11.75 37.82 -1.43
C PHE K 67 12.97 38.69 -1.13
N THR K 68 12.85 39.98 -1.39
CA THR K 68 13.94 40.96 -1.32
C THR K 68 13.53 42.14 -0.47
N ILE K 69 14.48 42.65 0.30
CA ILE K 69 14.36 43.94 1.02
C ILE K 69 15.53 44.81 0.56
N LYS K 70 15.24 45.97 -0.01
CA LYS K 70 16.25 46.89 -0.56
C LYS K 70 16.29 48.14 0.31
N LEU K 71 17.51 48.54 0.68
CA LEU K 71 17.81 49.88 1.19
C LEU K 71 18.56 50.63 0.10
N LEU K 72 17.95 51.67 -0.44
CA LEU K 72 18.56 52.55 -1.46
C LEU K 72 18.97 53.84 -0.76
N PHE K 73 20.17 54.32 -1.04
CA PHE K 73 20.72 55.53 -0.40
C PHE K 73 21.13 56.52 -1.47
N ASP K 74 20.91 57.80 -1.20
CA ASP K 74 21.36 58.91 -2.06
C ASP K 74 22.84 59.22 -1.75
N LYS K 75 23.37 60.25 -2.39
CA LYS K 75 24.82 60.57 -2.34
C LYS K 75 25.25 60.94 -0.92
N ASN K 76 24.31 61.25 -0.02
CA ASN K 76 24.63 61.64 1.38
C ASN K 76 24.45 60.44 2.32
N GLY K 77 24.09 59.27 1.78
CA GLY K 77 23.83 58.07 2.59
C GLY K 77 22.47 58.12 3.24
N VAL K 78 21.58 58.98 2.73
CA VAL K 78 20.20 59.12 3.27
C VAL K 78 19.32 58.07 2.57
N LEU K 79 18.54 57.34 3.36
CA LEU K 79 17.63 56.29 2.86
C LEU K 79 16.57 56.95 1.99
N MET K 80 16.37 56.41 0.78
CA MET K 80 15.35 56.92 -0.17
C MET K 80 14.01 56.29 0.16
N GLU K 81 12.93 57.07 -0.02
N GLU K 81 12.92 57.08 0.06
CA GLU K 81 11.52 56.71 0.35
CA GLU K 81 11.50 56.70 0.38
C GLU K 81 11.10 55.43 -0.38
C GLU K 81 11.11 55.42 -0.37
N SER K 82 11.66 55.21 -1.57
CA SER K 82 11.33 54.07 -2.47
C SER K 82 11.91 52.76 -1.93
N SER K 83 12.74 52.78 -0.90
CA SER K 83 13.31 51.55 -0.25
C SER K 83 12.19 50.73 0.37
N ASN K 84 12.39 49.45 0.60
CA ASN K 84 11.45 48.60 1.37
C ASN K 84 11.42 49.06 2.84
N LEU K 85 12.56 49.47 3.36
CA LEU K 85 12.70 49.95 4.76
C LEU K 85 12.14 51.39 4.86
N GLY K 86 11.29 51.64 5.84
CA GLY K 86 10.73 52.97 6.16
C GLY K 86 11.78 53.88 6.74
N LYS K 87 11.67 55.16 6.43
CA LYS K 87 12.68 56.18 6.80
C LYS K 87 12.54 56.56 8.28
N SER K 88 11.36 56.50 8.89
CA SER K 88 11.07 57.33 10.09
C SER K 88 11.94 56.88 11.29
N TYR K 89 12.24 55.58 11.38
CA TYR K 89 13.00 54.98 12.52
C TYR K 89 14.28 54.36 12.00
N TRP K 90 14.84 54.92 10.92
CA TRP K 90 16.20 54.59 10.44
C TRP K 90 17.06 55.82 10.66
N ASN K 91 17.90 55.80 11.69
CA ASN K 91 18.59 56.99 12.17
C ASN K 91 19.73 56.56 13.09
N PHE K 92 20.63 57.51 13.37
CA PHE K 92 21.65 57.35 14.43
C PHE K 92 20.95 57.04 15.74
N ARG K 93 21.60 56.22 16.54
CA ARG K 93 21.11 55.74 17.83
C ARG K 93 21.09 56.89 18.84
N ASN K 94 20.06 56.88 19.64
CA ASN K 94 20.00 57.55 20.96
C ASN K 94 19.33 56.57 21.92
N GLN K 95 20.14 55.95 22.80
CA GLN K 95 19.71 54.92 23.78
C GLN K 95 19.05 53.77 23.02
N ASN K 96 17.77 53.45 23.28
CA ASN K 96 17.04 52.38 22.56
C ASN K 96 16.21 52.98 21.42
N SER K 97 16.39 54.25 21.13
CA SER K 97 15.61 54.97 20.10
C SER K 97 16.58 55.63 19.12
N ILE K 98 16.17 56.76 18.53
CA ILE K 98 16.94 57.43 17.47
C ILE K 98 17.17 58.88 17.85
N MET K 99 18.17 59.50 17.25
N MET K 99 18.19 59.48 17.25
CA MET K 99 18.42 60.95 17.27
CA MET K 99 18.41 60.94 17.16
C MET K 99 17.10 61.66 16.94
C MET K 99 17.06 61.65 16.94
N SER K 100 16.84 62.82 17.53
CA SER K 100 15.54 63.50 17.47
C SER K 100 15.26 64.05 16.06
N THR K 101 16.29 64.22 15.23
CA THR K 101 16.10 64.71 13.84
C THR K 101 16.74 63.76 12.86
N ALA K 102 16.15 63.66 11.67
CA ALA K 102 16.61 62.75 10.59
C ALA K 102 18.02 63.17 10.20
N TYR K 103 18.92 62.22 10.04
CA TYR K 103 20.34 62.51 9.73
C TYR K 103 20.41 63.05 8.29
N GLU K 104 21.40 63.91 8.07
CA GLU K 104 21.66 64.55 6.76
C GLU K 104 22.80 63.83 6.03
N LYS K 105 23.72 63.20 6.76
CA LYS K 105 24.95 62.59 6.19
C LYS K 105 25.27 61.33 6.97
N ALA K 106 25.52 60.22 6.26
CA ALA K 106 25.95 58.93 6.83
C ALA K 106 26.85 58.21 5.84
N ILE K 107 27.72 58.96 5.16
CA ILE K 107 28.61 58.40 4.13
C ILE K 107 29.57 57.40 4.79
N GLY K 108 29.90 57.60 6.07
CA GLY K 108 30.76 56.69 6.84
C GLY K 108 30.15 55.30 7.01
N PHE K 109 28.87 55.13 6.72
CA PHE K 109 28.11 53.86 6.90
C PHE K 109 27.79 53.24 5.55
N MET K 110 28.14 53.92 4.47
CA MET K 110 27.79 53.46 3.11
C MET K 110 28.83 52.42 2.70
N PRO K 111 28.41 51.40 1.93
CA PRO K 111 29.35 50.42 1.40
C PRO K 111 30.29 51.11 0.41
N ASN K 112 31.57 50.84 0.58
CA ASN K 112 32.66 51.46 -0.18
C ASN K 112 32.44 51.22 -1.68
N LEU K 113 32.50 52.27 -2.49
CA LEU K 113 32.22 52.19 -3.95
C LEU K 113 33.42 51.58 -4.71
N VAL K 114 34.64 51.67 -4.20
CA VAL K 114 35.79 51.01 -4.85
C VAL K 114 35.73 49.50 -4.55
N ALA K 115 35.40 49.11 -3.31
CA ALA K 115 35.23 47.70 -2.94
C ALA K 115 34.04 47.13 -3.71
N TYR K 116 32.95 47.91 -3.79
CA TYR K 116 31.63 47.47 -4.27
C TYR K 116 31.11 48.48 -5.27
N PRO K 117 31.62 48.46 -6.53
CA PRO K 117 31.20 49.41 -7.52
C PRO K 117 29.72 49.24 -7.93
N LYS K 118 29.11 50.35 -8.37
CA LYS K 118 27.77 50.34 -9.02
C LYS K 118 27.83 49.47 -10.26
N PRO K 119 26.69 48.91 -10.71
CA PRO K 119 26.66 48.14 -11.95
C PRO K 119 27.05 49.04 -13.12
N THR K 120 27.95 48.60 -13.98
CA THR K 120 28.35 49.34 -15.20
C THR K 120 28.52 48.34 -16.34
N THR K 121 27.95 48.68 -17.50
CA THR K 121 28.15 47.90 -18.74
C THR K 121 29.66 47.87 -19.05
N GLY K 122 30.14 46.73 -19.52
CA GLY K 122 31.49 46.59 -20.12
C GLY K 122 32.62 46.36 -19.11
N SER K 123 32.32 46.42 -17.82
CA SER K 123 33.30 46.19 -16.71
C SER K 123 32.89 44.92 -15.92
N LYS K 124 33.88 44.20 -15.42
CA LYS K 124 33.68 42.89 -14.76
C LYS K 124 32.95 43.10 -13.43
N LYS K 125 31.87 42.36 -13.22
CA LYS K 125 31.13 42.35 -11.94
C LYS K 125 31.77 41.29 -11.04
N TYR K 126 32.39 41.69 -9.95
CA TYR K 126 33.06 40.78 -8.99
C TYR K 126 32.11 40.48 -7.84
N ALA K 127 32.21 39.26 -7.31
CA ALA K 127 31.31 38.72 -6.29
C ALA K 127 31.66 39.27 -4.90
N ARG K 128 32.71 40.04 -4.73
CA ARG K 128 33.12 40.42 -3.35
C ARG K 128 32.13 41.41 -2.75
N ASP K 129 31.22 41.96 -3.57
CA ASP K 129 30.11 42.84 -3.09
C ASP K 129 28.95 41.99 -2.56
N ILE K 130 29.14 40.69 -2.37
CA ILE K 130 28.11 39.78 -1.81
C ILE K 130 28.65 39.16 -0.53
N VAL K 131 27.79 39.03 0.47
CA VAL K 131 28.02 38.15 1.64
C VAL K 131 26.82 37.22 1.76
N TYR K 132 27.08 35.93 1.90
CA TYR K 132 26.05 34.92 2.19
C TYR K 132 26.02 34.66 3.69
N GLY K 133 24.83 34.40 4.19
CA GLY K 133 24.60 33.89 5.54
C GLY K 133 23.36 33.06 5.60
N ASN K 134 23.15 32.41 6.72
CA ASN K 134 21.91 31.66 7.04
C ASN K 134 21.28 32.25 8.27
N ILE K 135 19.97 32.28 8.29
CA ILE K 135 19.18 32.52 9.50
C ILE K 135 18.12 31.42 9.54
N TYR K 136 17.48 31.24 10.68
CA TYR K 136 16.64 30.07 10.96
C TYR K 136 15.27 30.55 11.40
N LEU K 137 14.23 30.06 10.72
CA LEU K 137 12.83 30.42 11.05
C LEU K 137 12.50 29.81 12.40
N GLY K 138 12.00 30.63 13.31
CA GLY K 138 11.53 30.21 14.64
C GLY K 138 12.67 29.71 15.49
N GLY K 139 13.92 29.98 15.10
CA GLY K 139 15.09 29.51 15.84
C GLY K 139 15.29 28.01 15.69
N LYS K 140 14.60 27.37 14.75
CA LYS K 140 14.65 25.89 14.61
C LYS K 140 15.83 25.54 13.70
N PRO K 141 16.70 24.61 14.13
CA PRO K 141 17.96 24.37 13.42
C PRO K 141 17.77 23.80 12.00
N HIS K 142 16.62 23.19 11.72
N HIS K 142 16.67 23.13 11.67
CA HIS K 142 16.31 22.59 10.40
CA HIS K 142 16.52 22.75 10.23
C HIS K 142 15.35 23.47 9.60
C HIS K 142 15.35 23.48 9.60
N GLN K 143 15.25 24.76 9.92
CA GLN K 143 14.48 25.73 9.10
C GLN K 143 15.40 26.84 8.63
N PRO K 144 16.47 26.51 7.88
CA PRO K 144 17.38 27.52 7.36
C PRO K 144 16.71 28.33 6.26
N VAL K 145 17.09 29.58 6.18
CA VAL K 145 16.89 30.41 4.98
C VAL K 145 18.21 31.11 4.70
N THR K 146 18.53 31.24 3.42
CA THR K 146 19.71 31.98 2.96
C THR K 146 19.38 33.46 2.97
N ILE K 147 20.22 34.26 3.62
CA ILE K 147 20.19 35.74 3.49
C ILE K 147 21.43 36.13 2.70
N LYS K 148 21.22 36.60 1.49
CA LYS K 148 22.27 37.06 0.58
C LYS K 148 22.24 38.57 0.62
N THR K 149 23.35 39.19 1.01
CA THR K 149 23.47 40.64 1.14
C THR K 149 24.38 41.12 0.02
N THR K 150 23.91 42.09 -0.75
CA THR K 150 24.68 42.66 -1.87
C THR K 150 24.80 44.17 -1.68
N PHE K 151 26.01 44.68 -1.89
CA PHE K 151 26.33 46.12 -1.73
C PHE K 151 26.38 46.80 -3.10
N ASN K 152 25.64 47.90 -3.20
CA ASN K 152 25.78 48.88 -4.30
C ASN K 152 25.49 48.22 -5.66
N GLN K 153 24.52 47.32 -5.73
CA GLN K 153 24.13 46.71 -7.02
C GLN K 153 22.78 47.20 -7.50
N GLU K 154 22.12 48.12 -6.78
CA GLU K 154 20.83 48.68 -7.24
C GLU K 154 21.10 49.90 -8.12
N THR K 155 20.27 50.12 -9.11
CA THR K 155 20.26 51.35 -9.94
C THR K 155 19.39 52.39 -9.25
N GLY K 156 19.48 53.65 -9.70
CA GLY K 156 18.66 54.77 -9.21
C GLY K 156 19.02 55.16 -7.79
N CYS K 157 20.29 55.05 -7.42
CA CYS K 157 20.76 55.40 -6.07
C CYS K 157 22.28 55.52 -6.11
N GLU K 158 22.89 56.06 -5.09
CA GLU K 158 24.35 56.18 -5.01
C GLU K 158 24.91 54.92 -4.33
N TYR K 159 24.23 54.42 -3.32
CA TYR K 159 24.64 53.24 -2.52
C TYR K 159 23.40 52.38 -2.31
N SER K 160 23.59 51.11 -2.00
CA SER K 160 22.48 50.19 -1.69
C SER K 160 22.96 49.04 -0.84
N ILE K 161 22.06 48.55 -0.01
CA ILE K 161 22.16 47.25 0.67
C ILE K 161 20.91 46.48 0.28
N THR K 162 21.10 45.32 -0.34
CA THR K 162 20.00 44.44 -0.78
C THR K 162 20.07 43.16 0.03
N PHE K 163 18.97 42.77 0.64
CA PHE K 163 18.83 41.48 1.33
C PHE K 163 17.92 40.61 0.49
N ASP K 164 18.47 39.55 -0.10
CA ASP K 164 17.68 38.51 -0.81
C ASP K 164 17.53 37.33 0.14
N PHE K 165 16.30 37.03 0.52
CA PHE K 165 15.97 35.86 1.37
C PHE K 165 15.48 34.77 0.46
N SER K 166 15.99 33.55 0.63
CA SER K 166 15.55 32.39 -0.15
C SER K 166 15.59 31.14 0.72
N TRP K 167 14.83 30.14 0.36
CA TRP K 167 14.90 28.83 1.04
C TRP K 167 14.71 27.72 0.01
N ALA K 168 15.20 26.54 0.35
CA ALA K 168 15.24 25.37 -0.54
C ALA K 168 14.55 24.20 0.13
N LYS K 169 13.70 24.44 1.13
CA LYS K 169 12.87 23.42 1.80
C LYS K 169 11.40 23.76 1.56
N THR K 170 10.50 22.79 1.69
CA THR K 170 9.04 22.99 1.68
C THR K 170 8.61 23.33 3.09
N TYR K 171 8.44 24.63 3.37
CA TYR K 171 7.95 25.09 4.70
C TYR K 171 6.43 25.11 4.66
N VAL K 172 5.81 24.44 5.61
CA VAL K 172 4.34 24.29 5.73
C VAL K 172 3.88 24.98 7.01
N ASN K 173 3.23 26.13 6.87
CA ASN K 173 2.68 26.92 7.99
C ASN K 173 3.80 27.29 8.94
N VAL K 174 4.87 27.85 8.41
CA VAL K 174 6.04 28.29 9.21
C VAL K 174 6.06 29.82 9.21
N GLU K 175 6.01 30.40 10.41
CA GLU K 175 6.06 31.85 10.60
C GLU K 175 7.45 32.35 10.20
N PHE K 176 7.49 33.35 9.33
CA PHE K 176 8.76 33.93 8.86
C PHE K 176 9.25 34.94 9.88
N GLU K 177 9.93 34.45 10.90
CA GLU K 177 10.60 35.30 11.91
C GLU K 177 11.90 34.60 12.29
N THR K 178 13.01 35.32 12.22
CA THR K 178 14.34 34.71 12.02
C THR K 178 15.25 34.92 13.22
N THR K 179 16.27 34.08 13.29
CA THR K 179 17.49 34.30 14.10
C THR K 179 18.25 35.47 13.49
N SER K 180 19.30 35.90 14.18
CA SER K 180 20.13 37.05 13.78
C SER K 180 21.37 36.56 13.06
N PHE K 181 21.90 37.40 12.19
CA PHE K 181 23.15 37.13 11.45
C PHE K 181 24.00 38.40 11.53
N THR K 182 25.30 38.20 11.67
CA THR K 182 26.30 39.29 11.71
C THR K 182 27.20 39.18 10.50
N PHE K 183 27.48 40.30 9.86
CA PHE K 183 28.47 40.40 8.76
C PHE K 183 29.15 41.74 8.88
N SER K 184 30.12 42.00 8.02
CA SER K 184 30.75 43.34 7.94
C SER K 184 30.91 43.71 6.49
N TYR K 185 31.14 44.99 6.23
CA TYR K 185 31.51 45.48 4.90
C TYR K 185 32.43 46.67 5.05
N ILE K 186 33.16 46.95 4.00
CA ILE K 186 34.13 48.07 3.91
C ILE K 186 33.33 49.37 3.75
N ALA K 187 33.61 50.37 4.58
CA ALA K 187 32.91 51.66 4.60
C ALA K 187 33.50 52.58 3.54
N GLN K 188 32.64 53.42 2.96
CA GLN K 188 33.03 54.44 1.95
C GLN K 188 34.08 55.39 2.52
N GLU K 189 33.94 55.81 3.77
CA GLU K 189 34.95 56.72 4.42
C GLU K 189 34.99 56.42 5.92
N LYS L 6 37.53 51.33 23.59
CA LYS L 6 36.85 50.05 23.17
C LYS L 6 37.30 48.97 24.15
N LEU L 7 36.41 48.49 25.04
CA LEU L 7 36.82 47.58 26.13
C LEU L 7 36.52 46.11 25.80
N THR L 8 37.22 45.26 26.54
CA THR L 8 37.23 43.80 26.38
C THR L 8 36.93 43.14 27.71
N LEU L 9 35.86 42.35 27.72
CA LEU L 9 35.49 41.44 28.83
C LEU L 9 35.76 40.03 28.32
N TRP L 10 36.61 39.27 29.00
CA TRP L 10 37.07 37.98 28.46
C TRP L 10 37.43 36.98 29.55
N THR L 11 37.64 35.76 29.10
CA THR L 11 38.34 34.67 29.78
C THR L 11 39.71 34.86 29.18
N THR L 12 40.75 35.10 29.95
CA THR L 12 42.15 35.05 29.45
C THR L 12 42.25 33.90 28.47
N PRO L 13 43.08 34.01 27.42
CA PRO L 13 43.09 33.03 26.34
C PRO L 13 43.97 31.77 26.55
N ASP L 14 44.42 31.53 27.79
CA ASP L 14 44.92 30.31 28.47
C ASP L 14 44.19 29.06 28.03
N THR L 15 44.70 27.88 28.35
CA THR L 15 43.98 26.59 28.25
C THR L 15 43.56 26.08 29.63
N SER L 16 43.79 26.85 30.69
CA SER L 16 43.43 26.49 32.08
C SER L 16 41.90 26.40 32.18
N PRO L 17 41.35 25.27 32.66
CA PRO L 17 39.91 25.10 32.73
C PRO L 17 39.25 26.20 33.58
N ASN L 18 38.10 26.70 33.14
CA ASN L 18 37.39 27.83 33.79
C ASN L 18 35.88 27.55 33.87
N CYS L 19 35.46 26.34 33.53
CA CYS L 19 34.05 26.08 33.21
C CYS L 19 33.65 24.68 33.68
N ARG L 20 32.43 24.54 34.16
CA ARG L 20 31.81 23.27 34.55
C ARG L 20 30.66 22.99 33.57
N ILE L 21 30.80 21.97 32.73
CA ILE L 21 29.67 21.44 31.92
C ILE L 21 29.00 20.35 32.75
N ASP L 22 29.78 19.37 33.15
CA ASP L 22 29.33 18.10 33.78
C ASP L 22 29.93 18.03 35.18
N GLN L 23 31.18 18.43 35.35
CA GLN L 23 31.89 18.44 36.66
C GLN L 23 32.78 19.68 36.73
N ASP L 24 33.20 20.03 37.95
CA ASP L 24 34.05 21.21 38.24
C ASP L 24 35.23 21.22 37.26
N LYS L 25 35.49 22.35 36.61
CA LYS L 25 36.73 22.58 35.84
C LYS L 25 36.93 21.48 34.79
N ASP L 26 35.88 21.10 34.09
CA ASP L 26 36.02 20.06 33.04
C ASP L 26 36.27 20.72 31.68
N SER L 27 36.27 22.05 31.59
CA SER L 27 36.36 22.72 30.27
C SER L 27 36.96 24.11 30.35
N LYS L 28 37.52 24.56 29.25
CA LYS L 28 37.96 25.93 29.02
C LYS L 28 37.06 26.53 27.95
N LEU L 29 36.15 27.41 28.35
CA LEU L 29 35.44 28.30 27.43
C LEU L 29 36.33 29.52 27.20
N THR L 30 36.81 29.71 25.99
CA THR L 30 37.49 30.96 25.62
C THR L 30 36.44 31.88 25.00
N LEU L 31 36.08 32.92 25.73
CA LEU L 31 35.06 33.89 25.29
C LEU L 31 35.63 35.28 25.41
N VAL L 32 35.65 36.00 24.31
CA VAL L 32 36.13 37.40 24.23
C VAL L 32 34.98 38.26 23.74
N LEU L 33 34.58 39.22 24.56
CA LEU L 33 33.52 40.20 24.24
C LEU L 33 34.19 41.55 24.10
N THR L 34 34.17 42.11 22.91
CA THR L 34 34.76 43.43 22.63
C THR L 34 33.63 44.40 22.32
N LYS L 35 33.57 45.51 23.05
CA LYS L 35 32.50 46.51 22.86
C LYS L 35 32.88 47.42 21.68
N CYS L 36 32.18 47.28 20.56
CA CYS L 36 32.23 48.23 19.43
C CYS L 36 30.93 49.06 19.45
N GLY L 37 30.87 50.00 20.37
CA GLY L 37 29.67 50.81 20.65
C GLY L 37 28.45 49.94 20.92
N SER L 38 27.46 50.06 20.06
CA SER L 38 26.11 49.49 20.25
C SER L 38 26.12 47.96 20.03
N GLN L 39 27.24 47.41 19.52
CA GLN L 39 27.36 45.97 19.26
C GLN L 39 28.52 45.41 20.07
N ILE L 40 28.32 44.22 20.63
CA ILE L 40 29.40 43.41 21.23
C ILE L 40 29.86 42.39 20.17
N LEU L 41 31.14 42.45 19.81
CA LEU L 41 31.79 41.45 18.93
C LEU L 41 32.29 40.32 19.82
N ALA L 42 31.78 39.12 19.60
CA ALA L 42 32.03 37.96 20.46
C ALA L 42 32.82 36.91 19.68
N ASN L 43 33.82 36.35 20.33
CA ASN L 43 34.64 35.25 19.77
C ASN L 43 34.64 34.12 20.79
N VAL L 44 34.30 32.93 20.39
CA VAL L 44 34.11 31.79 21.31
C VAL L 44 34.73 30.51 20.75
N SER L 45 35.30 29.72 21.64
CA SER L 45 35.76 28.34 21.40
C SER L 45 35.66 27.56 22.69
N LEU L 46 35.75 26.24 22.61
CA LEU L 46 35.57 25.36 23.78
C LEU L 46 36.61 24.24 23.69
N ILE L 47 37.28 23.99 24.80
CA ILE L 47 38.15 22.81 25.04
C ILE L 47 37.55 22.08 26.23
N VAL L 48 37.13 20.84 26.05
CA VAL L 48 36.73 19.98 27.20
C VAL L 48 37.96 19.19 27.61
N VAL L 49 38.39 19.34 28.85
CA VAL L 49 39.67 18.77 29.35
C VAL L 49 39.42 17.52 30.20
N ALA L 50 38.19 17.28 30.64
CA ALA L 50 37.87 16.18 31.59
C ALA L 50 36.38 15.84 31.53
N GLY L 51 36.00 14.77 32.20
CA GLY L 51 34.61 14.35 32.37
C GLY L 51 34.05 13.71 31.13
N ARG L 52 32.72 13.60 31.09
CA ARG L 52 31.97 12.77 30.12
C ARG L 52 32.13 13.32 28.69
N TYR L 53 32.38 14.63 28.52
CA TYR L 53 32.32 15.28 27.19
C TYR L 53 33.73 15.44 26.62
N LYS L 54 34.78 14.99 27.32
CA LYS L 54 36.17 15.18 26.85
C LYS L 54 36.37 14.43 25.52
N ILE L 55 36.01 13.15 25.50
CA ILE L 55 36.13 12.27 24.31
C ILE L 55 34.74 11.75 24.01
N ILE L 56 34.17 12.15 22.87
CA ILE L 56 32.81 11.70 22.47
C ILE L 56 32.95 10.31 21.84
N ASN L 57 32.18 9.36 22.32
CA ASN L 57 32.04 8.06 21.65
C ASN L 57 30.55 7.71 21.61
N ASN L 58 29.93 7.96 20.46
CA ASN L 58 28.47 7.79 20.23
C ASN L 58 28.17 6.32 19.89
N ASN L 59 29.18 5.46 19.80
CA ASN L 59 28.97 3.99 19.79
C ASN L 59 28.63 3.54 21.21
N THR L 60 29.44 3.95 22.19
CA THR L 60 29.25 3.57 23.61
C THR L 60 28.10 4.39 24.20
N ASN L 61 27.96 5.66 23.81
CA ASN L 61 26.98 6.64 24.37
C ASN L 61 26.18 7.26 23.24
N PRO L 62 25.27 6.49 22.60
CA PRO L 62 24.58 6.99 21.41
C PRO L 62 23.66 8.20 21.69
N ALA L 63 23.29 8.46 22.95
CA ALA L 63 22.38 9.55 23.35
C ALA L 63 23.17 10.84 23.68
N LEU L 64 24.50 10.78 23.68
CA LEU L 64 25.34 11.93 24.06
C LEU L 64 25.49 12.87 22.86
N LYS L 65 24.64 13.87 22.73
CA LYS L 65 24.52 14.67 21.48
C LYS L 65 24.55 16.18 21.76
N GLY L 66 24.83 16.60 23.00
CA GLY L 66 24.93 18.04 23.27
C GLY L 66 24.88 18.38 24.74
N PHE L 67 25.14 19.64 25.05
CA PHE L 67 25.25 20.17 26.42
C PHE L 67 25.18 21.68 26.35
N THR L 68 25.07 22.32 27.50
CA THR L 68 24.82 23.77 27.61
C THR L 68 25.83 24.40 28.55
N ILE L 69 26.27 25.59 28.20
CA ILE L 69 27.08 26.48 29.06
C ILE L 69 26.32 27.79 29.18
N LYS L 70 25.99 28.20 30.41
CA LYS L 70 25.20 29.40 30.70
C LYS L 70 26.08 30.43 31.39
N LEU L 71 26.03 31.68 30.90
CA LEU L 71 26.50 32.87 31.61
C LEU L 71 25.28 33.65 32.08
N LEU L 72 25.08 33.72 33.39
CA LEU L 72 23.98 34.49 34.01
C LEU L 72 24.57 35.75 34.61
N PHE L 73 23.93 36.89 34.40
CA PHE L 73 24.41 38.21 34.87
C PHE L 73 23.34 38.89 35.70
N ASP L 74 23.77 39.57 36.75
CA ASP L 74 22.84 40.36 37.59
C ASP L 74 22.67 41.75 36.97
N LYS L 75 21.96 42.65 37.66
CA LYS L 75 21.51 43.95 37.12
C LYS L 75 22.74 44.83 36.78
N ASN L 76 23.93 44.52 37.31
CA ASN L 76 25.16 45.33 37.03
C ASN L 76 26.00 44.67 35.95
N GLY L 77 25.54 43.56 35.39
CA GLY L 77 26.28 42.81 34.35
C GLY L 77 27.38 41.96 34.95
N VAL L 78 27.30 41.70 36.25
CA VAL L 78 28.28 40.87 36.98
C VAL L 78 27.85 39.41 36.83
N LEU L 79 28.81 38.55 36.48
CA LEU L 79 28.60 37.10 36.31
C LEU L 79 28.18 36.50 37.66
N MET L 80 27.08 35.76 37.66
CA MET L 80 26.54 35.10 38.87
C MET L 80 27.22 33.73 39.04
N GLU L 81 27.41 33.32 40.29
CA GLU L 81 28.07 32.05 40.69
C GLU L 81 27.34 30.86 40.06
N SER L 82 26.04 30.97 39.78
CA SER L 82 25.22 29.86 39.23
C SER L 82 25.57 29.57 37.76
N SER L 83 26.37 30.42 37.12
CA SER L 83 26.84 30.24 35.73
C SER L 83 27.73 28.99 35.66
N ASN L 84 27.83 28.39 34.48
CA ASN L 84 28.78 27.29 34.21
C ASN L 84 30.20 27.85 34.24
N LEU L 85 30.38 29.07 33.76
CA LEU L 85 31.69 29.75 33.71
C LEU L 85 32.03 30.26 35.12
N GLY L 86 33.26 29.99 35.57
CA GLY L 86 33.78 30.49 36.87
C GLY L 86 33.97 32.00 36.85
N LYS L 87 33.70 32.66 37.98
CA LYS L 87 33.74 34.14 38.10
C LYS L 87 35.18 34.63 38.16
N SER L 88 36.07 33.86 38.77
CA SER L 88 37.48 34.26 38.98
C SER L 88 38.23 34.40 37.65
N TYR L 89 37.74 33.86 36.54
CA TYR L 89 38.41 33.88 35.22
C TYR L 89 37.81 34.92 34.26
N TRP L 90 36.77 35.63 34.71
CA TRP L 90 35.95 36.45 33.82
C TRP L 90 36.09 37.91 34.22
N ASN L 91 36.82 38.68 33.45
CA ASN L 91 37.14 40.08 33.85
C ASN L 91 37.53 40.90 32.64
N PHE L 92 37.60 42.20 32.79
CA PHE L 92 38.18 43.12 31.80
C PHE L 92 39.62 42.71 31.56
N ARG L 93 40.06 42.85 30.32
CA ARG L 93 41.41 42.45 29.89
C ARG L 93 42.48 43.37 30.53
N GLU L 104 30.21 50.14 36.45
CA GLU L 104 30.44 51.39 35.68
C GLU L 104 30.24 51.12 34.18
N LYS L 105 30.55 49.90 33.70
CA LYS L 105 30.72 49.65 32.25
C LYS L 105 30.17 48.32 31.80
N ALA L 106 30.02 47.31 32.70
CA ALA L 106 29.70 45.93 32.29
C ALA L 106 28.23 45.84 31.85
N ILE L 107 27.35 46.81 32.14
CA ILE L 107 26.02 46.87 31.49
C ILE L 107 26.21 47.11 29.98
N GLY L 108 27.29 47.79 29.60
CA GLY L 108 27.64 48.03 28.18
C GLY L 108 27.93 46.75 27.41
N PHE L 109 28.10 45.61 28.09
CA PHE L 109 28.42 44.31 27.48
C PHE L 109 27.21 43.39 27.51
N MET L 110 26.13 43.82 28.15
CA MET L 110 24.96 42.95 28.36
C MET L 110 24.11 42.95 27.09
N PRO L 111 23.47 41.83 26.74
CA PRO L 111 22.59 41.77 25.60
C PRO L 111 21.37 42.66 25.85
N ASN L 112 21.04 43.47 24.86
CA ASN L 112 20.00 44.49 24.92
C ASN L 112 18.66 43.81 25.25
N LEU L 113 17.94 44.33 26.25
CA LEU L 113 16.68 43.70 26.75
C LEU L 113 15.51 44.01 25.80
N VAL L 114 15.54 45.09 25.04
CA VAL L 114 14.46 45.35 24.05
C VAL L 114 14.70 44.46 22.82
N ALA L 115 15.94 44.29 22.37
CA ALA L 115 16.28 43.36 21.28
C ALA L 115 15.94 41.94 21.71
N TYR L 116 16.30 41.60 22.95
CA TYR L 116 16.28 40.22 23.48
C TYR L 116 15.60 40.23 24.85
N PRO L 117 14.25 40.28 24.89
CA PRO L 117 13.54 40.34 26.16
C PRO L 117 13.65 39.05 26.97
N LYS L 118 13.53 39.19 28.29
CA LYS L 118 13.42 38.03 29.23
C LYS L 118 12.17 37.24 28.89
N PRO L 119 12.11 35.95 29.23
CA PRO L 119 10.91 35.14 28.97
C PRO L 119 9.74 35.71 29.76
N THR L 120 8.58 35.92 29.14
CA THR L 120 7.32 36.32 29.84
C THR L 120 6.13 35.65 29.14
N THR L 121 5.20 35.09 29.91
CA THR L 121 3.86 34.69 29.39
C THR L 121 3.17 35.93 28.77
N GLY L 122 2.48 35.72 27.66
CA GLY L 122 1.58 36.73 27.03
C GLY L 122 2.31 37.69 26.09
N SER L 123 3.65 37.62 26.01
CA SER L 123 4.47 38.33 24.99
C SER L 123 5.09 37.33 24.02
N LYS L 124 5.20 37.72 22.74
CA LYS L 124 5.69 36.82 21.66
C LYS L 124 7.19 36.61 21.86
N LYS L 125 7.65 35.36 21.87
CA LYS L 125 9.10 35.03 21.90
C LYS L 125 9.60 35.01 20.45
N TYR L 126 10.48 35.93 20.09
CA TYR L 126 11.06 36.02 18.73
C TYR L 126 12.41 35.31 18.70
N ALA L 127 12.74 34.75 17.55
CA ALA L 127 13.99 34.01 17.33
C ALA L 127 15.19 34.95 17.19
N ARG L 128 15.00 36.27 17.13
CA ARG L 128 16.16 37.15 16.85
C ARG L 128 17.11 37.18 18.06
N ASP L 129 16.71 36.63 19.21
CA ASP L 129 17.59 36.49 20.40
C ASP L 129 18.48 35.24 20.26
N ILE L 130 18.51 34.61 19.08
CA ILE L 130 19.35 33.42 18.80
C ILE L 130 20.32 33.75 17.67
N VAL L 131 21.54 33.28 17.78
CA VAL L 131 22.51 33.18 16.65
C VAL L 131 22.99 31.75 16.56
N TYR L 132 22.91 31.16 15.37
CA TYR L 132 23.48 29.83 15.10
C TYR L 132 24.87 29.99 14.49
N GLY L 133 25.76 29.08 14.86
CA GLY L 133 27.07 28.91 14.23
C GLY L 133 27.46 27.44 14.22
N ASN L 134 28.54 27.16 13.51
CA ASN L 134 29.22 25.85 13.55
C ASN L 134 30.64 26.06 14.04
N ILE L 135 31.12 25.11 14.80
CA ILE L 135 32.55 24.97 15.10
C ILE L 135 32.90 23.51 14.82
N TYR L 136 34.17 23.20 14.73
CA TYR L 136 34.66 21.91 14.18
C TYR L 136 35.57 21.28 15.21
N LEU L 137 35.26 20.03 15.59
CA LEU L 137 36.08 19.27 16.56
C LEU L 137 37.42 18.96 15.90
N GLY L 138 38.50 19.31 16.59
CA GLY L 138 39.87 19.02 16.17
C GLY L 138 40.23 19.77 14.90
N GLY L 139 39.45 20.77 14.52
CA GLY L 139 39.69 21.55 13.30
C GLY L 139 39.39 20.75 12.04
N LYS L 140 38.70 19.63 12.16
CA LYS L 140 38.45 18.73 11.00
C LYS L 140 37.16 19.19 10.32
N PRO L 141 37.18 19.39 9.00
CA PRO L 141 36.05 20.01 8.30
C PRO L 141 34.77 19.17 8.35
N HIS L 142 34.86 17.87 8.58
CA HIS L 142 33.68 16.97 8.62
C HIS L 142 33.35 16.57 10.05
N GLN L 143 33.76 17.37 11.04
CA GLN L 143 33.34 17.17 12.45
C GLN L 143 32.67 18.43 12.95
N PRO L 144 31.57 18.87 12.31
CA PRO L 144 30.82 20.03 12.77
C PRO L 144 30.11 19.75 14.09
N VAL L 145 30.02 20.78 14.92
CA VAL L 145 28.99 20.84 15.98
C VAL L 145 28.31 22.20 15.88
N THR L 146 27.02 22.21 16.15
CA THR L 146 26.26 23.47 16.15
C THR L 146 26.45 24.12 17.51
N ILE L 147 26.81 25.39 17.50
CA ILE L 147 26.77 26.25 18.69
C ILE L 147 25.63 27.23 18.49
N LYS L 148 24.59 27.08 19.30
CA LYS L 148 23.43 27.98 19.35
C LYS L 148 23.64 28.91 20.53
N THR L 149 23.65 30.21 20.27
CA THR L 149 23.80 31.24 21.30
C THR L 149 22.46 31.94 21.47
N THR L 150 21.93 31.99 22.69
CA THR L 150 20.67 32.71 22.95
C THR L 150 20.89 33.74 24.05
N PHE L 151 20.31 34.92 23.86
CA PHE L 151 20.43 36.09 24.76
C PHE L 151 19.19 36.20 25.63
N ASN L 152 19.42 36.33 26.93
CA ASN L 152 18.42 36.78 27.93
C ASN L 152 17.23 35.82 27.97
N GLN L 153 17.45 34.52 27.85
CA GLN L 153 16.33 33.55 27.97
C GLN L 153 16.42 32.76 29.27
N GLU L 154 17.41 33.00 30.12
CA GLU L 154 17.51 32.30 31.43
C GLU L 154 16.69 33.05 32.48
N THR L 155 16.10 32.33 33.42
CA THR L 155 15.44 32.94 34.60
C THR L 155 16.48 33.10 35.72
N GLY L 156 16.15 33.84 36.77
CA GLY L 156 17.00 34.03 37.95
C GLY L 156 18.21 34.91 37.64
N CYS L 157 18.04 35.87 36.75
CA CYS L 157 19.14 36.78 36.36
C CYS L 157 18.54 37.96 35.61
N GLU L 158 19.32 39.00 35.40
CA GLU L 158 18.86 40.19 34.63
C GLU L 158 19.18 39.97 33.16
N TYR L 159 20.34 39.38 32.86
CA TYR L 159 20.83 39.12 31.49
C TYR L 159 21.43 37.73 31.45
N SER L 160 21.52 37.13 30.25
CA SER L 160 22.14 35.81 30.07
C SER L 160 22.67 35.65 28.67
N ILE L 161 23.75 34.89 28.55
CA ILE L 161 24.22 34.31 27.28
C ILE L 161 24.26 32.80 27.50
N THR L 162 23.54 32.06 26.68
CA THR L 162 23.45 30.59 26.75
C THR L 162 24.07 30.02 25.48
N PHE L 163 25.01 29.10 25.65
CA PHE L 163 25.63 28.34 24.55
C PHE L 163 25.11 26.91 24.60
N ASP L 164 24.31 26.52 23.62
CA ASP L 164 23.83 25.14 23.45
C ASP L 164 24.67 24.48 22.34
N PHE L 165 25.46 23.49 22.70
CA PHE L 165 26.30 22.71 21.75
C PHE L 165 25.56 21.43 21.42
N SER L 166 25.47 21.09 20.15
CA SER L 166 24.81 19.83 19.73
C SER L 166 25.49 19.31 18.47
N TRP L 167 25.36 18.02 18.21
CA TRP L 167 25.82 17.42 16.95
C TRP L 167 24.86 16.31 16.56
N ALA L 168 24.82 15.99 15.28
CA ALA L 168 23.92 14.95 14.73
C ALA L 168 24.75 13.75 14.20
N LYS L 169 26.06 13.94 14.07
CA LYS L 169 26.93 12.86 13.55
C LYS L 169 27.26 11.93 14.71
N THR L 170 27.56 10.68 14.40
CA THR L 170 28.06 9.67 15.36
C THR L 170 29.57 9.84 15.46
N TYR L 171 30.04 10.56 16.46
CA TYR L 171 31.48 10.79 16.70
C TYR L 171 32.02 9.65 17.55
N VAL L 172 33.10 9.04 17.06
CA VAL L 172 33.74 7.87 17.72
C VAL L 172 35.16 8.27 18.14
N ASN L 173 35.35 8.43 19.44
CA ASN L 173 36.65 8.77 20.07
C ASN L 173 37.15 10.09 19.50
N VAL L 174 36.30 11.11 19.53
CA VAL L 174 36.65 12.45 19.03
C VAL L 174 36.75 13.38 20.24
N GLU L 175 37.92 14.00 20.42
CA GLU L 175 38.15 14.96 21.51
C GLU L 175 37.31 16.22 21.26
N PHE L 176 36.54 16.63 22.25
CA PHE L 176 35.70 17.84 22.15
C PHE L 176 36.54 19.07 22.42
N GLU L 177 37.23 19.54 21.39
CA GLU L 177 37.99 20.79 21.42
C GLU L 177 37.82 21.43 20.04
N THR L 178 37.43 22.69 20.00
CA THR L 178 36.74 23.28 18.83
C THR L 178 37.56 24.39 18.17
N THR L 179 37.24 24.65 16.92
CA THR L 179 37.58 25.89 16.21
C THR L 179 36.81 27.05 16.85
N SER L 180 37.10 28.26 16.41
CA SER L 180 36.52 29.49 16.98
C SER L 180 35.36 29.95 16.08
N PHE L 181 34.41 30.63 16.69
CA PHE L 181 33.27 31.24 15.98
C PHE L 181 33.14 32.68 16.47
N THR L 182 32.81 33.57 15.56
CA THR L 182 32.57 35.00 15.83
C THR L 182 31.11 35.31 15.57
N PHE L 183 30.49 36.05 16.47
CA PHE L 183 29.14 36.62 16.28
C PHE L 183 29.11 37.99 16.93
N SER L 184 27.99 38.67 16.84
CA SER L 184 27.77 39.94 17.56
C SER L 184 26.37 39.94 18.13
N TYR L 185 26.11 40.85 19.05
CA TYR L 185 24.76 41.09 19.57
C TYR L 185 24.67 42.56 19.96
N ILE L 186 23.43 43.02 20.04
CA ILE L 186 23.11 44.43 20.37
C ILE L 186 23.31 44.61 21.87
N ALA L 187 24.04 45.65 22.26
CA ALA L 187 24.39 45.95 23.67
C ALA L 187 23.24 46.70 24.34
N GLN L 188 23.05 46.45 25.63
CA GLN L 188 22.03 47.13 26.48
C GLN L 188 22.26 48.64 26.49
N GLU L 189 23.51 49.10 26.55
CA GLU L 189 23.82 50.55 26.49
C GLU L 189 25.18 50.74 25.82
#